data_1H7V
#
_entry.id   1H7V
#
_cell.length_a   1.000
_cell.length_b   1.000
_cell.length_c   1.000
_cell.angle_alpha   90.00
_cell.angle_beta   90.00
_cell.angle_gamma   90.00
#
_symmetry.space_group_name_H-M   'P 1'
#
loop_
_entity.id
_entity.type
_entity.pdbx_description
1 polymer RUBREDOXIN
2 non-polymer 'ZINC ION'
#
_entity_poly.entity_id   1
_entity_poly.type   'polypeptide(L)'
_entity_poly.pdbx_seq_one_letter_code
;MEIDEGKYECEACGYIYEPEKGDKFAGIPPGTPFVDLSDSFMCPACRSPKNQFKSIKKVI
;
_entity_poly.pdbx_strand_id   A
#
# COMPACT_ATOMS: atom_id res chain seq x y z
N MET A 1 -1.21 13.63 10.48
CA MET A 1 -0.34 12.51 10.01
C MET A 1 1.02 12.56 10.72
N GLU A 2 1.57 11.42 11.05
CA GLU A 2 2.88 11.40 11.76
C GLU A 2 3.30 9.96 12.05
N ILE A 3 4.01 9.35 11.14
CA ILE A 3 4.46 7.94 11.36
C ILE A 3 5.31 7.47 10.20
N ASP A 4 5.90 6.31 10.33
CA ASP A 4 6.76 5.78 9.22
C ASP A 4 6.73 4.25 9.22
N GLU A 5 6.48 3.65 8.09
CA GLU A 5 6.44 2.17 8.02
C GLU A 5 6.13 1.72 6.59
N GLY A 6 5.35 0.68 6.44
CA GLY A 6 5.00 0.21 5.07
C GLY A 6 3.60 0.68 4.69
N LYS A 7 3.17 1.79 5.25
CA LYS A 7 1.82 2.31 4.92
C LYS A 7 1.87 3.05 3.59
N TYR A 8 1.09 2.64 2.63
CA TYR A 8 1.11 3.31 1.30
C TYR A 8 -0.27 3.91 0.98
N GLU A 9 -0.29 5.08 0.40
CA GLU A 9 -1.59 5.71 0.05
C GLU A 9 -1.65 5.95 -1.46
N CYS A 10 -2.79 5.76 -2.06
CA CYS A 10 -2.91 5.98 -3.53
C CYS A 10 -2.97 7.46 -3.85
N GLU A 11 -1.99 7.99 -4.53
CA GLU A 11 -2.05 9.44 -4.87
C GLU A 11 -3.20 9.65 -5.86
N ALA A 12 -3.69 8.58 -6.45
CA ALA A 12 -4.80 8.69 -7.42
C ALA A 12 -6.15 8.68 -6.69
N CYS A 13 -6.47 7.63 -5.97
CA CYS A 13 -7.77 7.59 -5.28
C CYS A 13 -7.60 7.74 -3.76
N GLY A 14 -6.37 7.80 -3.29
CA GLY A 14 -6.15 8.01 -1.83
C GLY A 14 -6.24 6.69 -1.05
N TYR A 15 -6.44 5.60 -1.71
CA TYR A 15 -6.54 4.30 -0.96
C TYR A 15 -5.36 4.20 0.01
N ILE A 16 -5.36 3.20 0.85
CA ILE A 16 -4.23 3.06 1.81
C ILE A 16 -3.89 1.59 2.04
N TYR A 17 -2.76 1.15 1.56
CA TYR A 17 -2.37 -0.28 1.75
C TYR A 17 -1.73 -0.47 3.12
N GLU A 18 -2.20 -1.41 3.89
CA GLU A 18 -1.61 -1.64 5.23
C GLU A 18 -0.83 -2.96 5.26
N PRO A 19 0.43 -2.86 5.57
CA PRO A 19 1.28 -4.07 5.63
C PRO A 19 0.92 -4.91 6.86
N GLU A 20 0.55 -4.27 7.93
CA GLU A 20 0.18 -5.04 9.16
C GLU A 20 -1.15 -5.76 8.94
N LYS A 21 -1.88 -5.39 7.92
CA LYS A 21 -3.18 -6.06 7.65
C LYS A 21 -3.10 -6.85 6.34
N GLY A 22 -2.13 -6.55 5.51
CA GLY A 22 -2.00 -7.28 4.22
C GLY A 22 -2.90 -6.64 3.16
N ASP A 23 -2.75 -7.04 1.94
CA ASP A 23 -3.61 -6.46 0.85
C ASP A 23 -4.94 -7.22 0.78
N LYS A 24 -5.59 -7.39 1.90
CA LYS A 24 -6.90 -8.12 1.91
C LYS A 24 -7.73 -7.73 0.68
N PHE A 25 -7.96 -6.47 0.50
CA PHE A 25 -8.76 -6.03 -0.68
C PHE A 25 -8.26 -6.71 -1.96
N ALA A 26 -6.97 -6.91 -2.06
CA ALA A 26 -6.42 -7.58 -3.28
C ALA A 26 -6.36 -9.09 -3.08
N GLY A 27 -5.54 -9.53 -2.17
CA GLY A 27 -5.43 -11.00 -1.92
C GLY A 27 -4.07 -11.32 -1.31
N ILE A 28 -3.70 -10.63 -0.25
CA ILE A 28 -2.39 -10.89 0.39
C ILE A 28 -2.56 -11.00 1.91
N PRO A 29 -1.76 -11.82 2.51
CA PRO A 29 -1.82 -12.00 3.99
C PRO A 29 -1.31 -10.75 4.71
N PRO A 30 -1.67 -10.64 5.95
CA PRO A 30 -1.25 -9.47 6.76
C PRO A 30 0.25 -9.54 7.09
N GLY A 31 0.81 -8.45 7.50
CA GLY A 31 2.26 -8.44 7.84
C GLY A 31 3.09 -8.39 6.55
N THR A 32 2.45 -8.14 5.45
CA THR A 32 3.18 -8.06 4.15
C THR A 32 3.45 -6.60 3.76
N PRO A 33 4.70 -6.27 3.60
CA PRO A 33 5.08 -4.89 3.22
C PRO A 33 4.72 -4.61 1.76
N PHE A 34 4.28 -3.41 1.48
CA PHE A 34 3.93 -3.06 0.07
C PHE A 34 5.10 -3.37 -0.86
N VAL A 35 6.28 -3.50 -0.31
CA VAL A 35 7.46 -3.81 -1.16
C VAL A 35 7.38 -5.25 -1.65
N ASP A 36 6.50 -6.03 -1.08
CA ASP A 36 6.36 -7.45 -1.52
C ASP A 36 5.34 -7.55 -2.66
N LEU A 37 4.66 -6.47 -2.97
CA LEU A 37 3.67 -6.53 -4.08
C LEU A 37 4.38 -6.62 -5.43
N SER A 38 3.78 -7.26 -6.39
CA SER A 38 4.43 -7.38 -7.72
C SER A 38 4.27 -6.07 -8.50
N ASP A 39 5.04 -5.87 -9.54
CA ASP A 39 4.93 -4.62 -10.32
C ASP A 39 3.58 -4.56 -11.04
N SER A 40 2.82 -5.63 -10.98
CA SER A 40 1.50 -5.63 -11.67
C SER A 40 0.37 -5.46 -10.64
N PHE A 41 0.70 -5.28 -9.39
CA PHE A 41 -0.35 -5.09 -8.36
C PHE A 41 -1.21 -3.88 -8.71
N MET A 42 -2.51 -3.99 -8.59
CA MET A 42 -3.39 -2.84 -8.92
C MET A 42 -4.19 -2.41 -7.70
N CYS A 43 -4.45 -1.15 -7.55
CA CYS A 43 -5.21 -0.67 -6.37
C CYS A 43 -6.59 -1.34 -6.33
N PRO A 44 -6.90 -1.90 -5.20
CA PRO A 44 -8.21 -2.58 -5.03
C PRO A 44 -9.33 -1.53 -4.95
N ALA A 45 -8.97 -0.28 -4.83
CA ALA A 45 -10.00 0.79 -4.76
C ALA A 45 -10.24 1.41 -6.13
N CYS A 46 -9.22 1.94 -6.74
CA CYS A 46 -9.41 2.57 -8.08
C CYS A 46 -8.76 1.71 -9.18
N ARG A 47 -8.25 0.56 -8.83
CA ARG A 47 -7.64 -0.35 -9.85
C ARG A 47 -6.41 0.29 -10.51
N SER A 48 -5.85 1.31 -9.93
CA SER A 48 -4.65 1.94 -10.55
C SER A 48 -3.44 1.00 -10.42
N PRO A 49 -2.41 1.33 -11.14
CA PRO A 49 -1.17 0.50 -11.11
C PRO A 49 -0.44 0.68 -9.78
N LYS A 50 0.13 -0.38 -9.25
CA LYS A 50 0.87 -0.26 -7.97
C LYS A 50 1.84 0.92 -8.03
N ASN A 51 2.27 1.27 -9.21
CA ASN A 51 3.21 2.42 -9.33
C ASN A 51 2.54 3.71 -8.87
N GLN A 52 1.25 3.67 -8.67
CA GLN A 52 0.53 4.90 -8.20
C GLN A 52 0.48 4.89 -6.67
N PHE A 53 1.01 3.87 -6.04
CA PHE A 53 0.98 3.82 -4.55
C PHE A 53 2.20 4.52 -3.97
N LYS A 54 2.02 5.27 -2.92
CA LYS A 54 3.18 5.97 -2.30
C LYS A 54 3.19 5.69 -0.78
N SER A 55 4.35 5.58 -0.20
CA SER A 55 4.41 5.29 1.27
C SER A 55 4.22 6.58 2.06
N ILE A 56 3.99 6.45 3.34
CA ILE A 56 3.79 7.65 4.20
C ILE A 56 4.81 7.66 5.33
N LYS A 57 6.05 7.94 5.02
CA LYS A 57 7.09 7.96 6.09
C LYS A 57 7.51 9.40 6.40
N LYS A 58 6.61 10.18 6.94
CA LYS A 58 6.94 11.60 7.26
C LYS A 58 6.26 12.02 8.56
N VAL A 59 6.84 12.96 9.27
CA VAL A 59 6.22 13.42 10.54
C VAL A 59 6.44 14.92 10.72
N ILE A 60 5.38 15.67 10.92
CA ILE A 60 5.53 17.14 11.11
C ILE A 60 5.16 17.53 12.54
N MET A 1 4.12 14.83 13.17
CA MET A 1 3.50 13.48 12.95
C MET A 1 4.54 12.49 12.45
N GLU A 2 4.81 11.46 13.20
CA GLU A 2 5.81 10.45 12.75
C GLU A 2 5.15 9.10 12.54
N ILE A 3 5.10 8.62 11.33
CA ILE A 3 4.47 7.30 11.07
C ILE A 3 5.22 6.57 9.95
N ASP A 4 5.46 5.29 10.13
CA ASP A 4 6.19 4.52 9.09
C ASP A 4 5.92 3.01 9.26
N GLU A 5 5.48 2.37 8.22
CA GLU A 5 5.19 0.91 8.32
C GLU A 5 4.74 0.37 6.96
N GLY A 6 5.59 0.40 5.98
CA GLY A 6 5.21 -0.11 4.63
C GLY A 6 3.81 0.40 4.27
N LYS A 7 3.40 1.50 4.83
CA LYS A 7 2.05 2.05 4.51
C LYS A 7 2.12 2.93 3.27
N TYR A 8 1.29 2.67 2.29
CA TYR A 8 1.32 3.50 1.06
C TYR A 8 -0.05 4.11 0.78
N GLU A 9 -0.09 5.29 0.24
CA GLU A 9 -1.40 5.94 -0.07
C GLU A 9 -1.52 6.16 -1.58
N CYS A 10 -2.68 5.93 -2.13
CA CYS A 10 -2.86 6.11 -3.60
C CYS A 10 -2.97 7.59 -3.95
N GLU A 11 -2.03 8.12 -4.69
CA GLU A 11 -2.15 9.55 -5.06
C GLU A 11 -3.34 9.72 -6.01
N ALA A 12 -3.81 8.63 -6.56
CA ALA A 12 -4.97 8.71 -7.49
C ALA A 12 -6.29 8.68 -6.70
N CYS A 13 -6.53 7.64 -5.93
CA CYS A 13 -7.80 7.56 -5.18
C CYS A 13 -7.55 7.75 -3.67
N GLY A 14 -6.31 7.86 -3.26
CA GLY A 14 -6.02 8.09 -1.81
C GLY A 14 -6.10 6.79 -1.00
N TYR A 15 -6.26 5.67 -1.65
CA TYR A 15 -6.33 4.39 -0.88
C TYR A 15 -5.05 4.18 -0.08
N ILE A 16 -5.17 3.64 1.10
CA ILE A 16 -3.96 3.42 1.92
C ILE A 16 -3.71 1.93 2.14
N TYR A 17 -2.64 1.40 1.60
CA TYR A 17 -2.35 -0.04 1.79
C TYR A 17 -1.66 -0.26 3.14
N GLU A 18 -2.12 -1.23 3.89
CA GLU A 18 -1.49 -1.49 5.22
C GLU A 18 -0.84 -2.87 5.23
N PRO A 19 0.45 -2.88 5.41
CA PRO A 19 1.21 -4.16 5.45
C PRO A 19 0.89 -4.92 6.74
N GLU A 20 0.52 -4.23 7.77
CA GLU A 20 0.18 -4.92 9.05
C GLU A 20 -1.16 -5.66 8.90
N LYS A 21 -1.88 -5.37 7.86
CA LYS A 21 -3.19 -6.05 7.65
C LYS A 21 -3.12 -6.93 6.40
N GLY A 22 -2.48 -6.45 5.38
CA GLY A 22 -2.36 -7.27 4.12
C GLY A 22 -3.28 -6.68 3.04
N ASP A 23 -3.11 -7.12 1.83
CA ASP A 23 -3.97 -6.60 0.73
C ASP A 23 -5.26 -7.41 0.66
N LYS A 24 -5.97 -7.50 1.77
CA LYS A 24 -7.24 -8.27 1.78
C LYS A 24 -8.04 -8.04 0.50
N PHE A 25 -8.35 -6.82 0.21
CA PHE A 25 -9.13 -6.53 -1.03
C PHE A 25 -8.51 -7.25 -2.24
N ALA A 26 -7.21 -7.38 -2.25
CA ALA A 26 -6.55 -8.07 -3.39
C ALA A 26 -6.42 -9.57 -3.10
N GLY A 27 -5.64 -9.91 -2.11
CA GLY A 27 -5.47 -11.35 -1.77
C GLY A 27 -4.08 -11.57 -1.15
N ILE A 28 -3.73 -10.81 -0.15
CA ILE A 28 -2.39 -10.97 0.48
C ILE A 28 -2.55 -11.06 2.00
N PRO A 29 -1.71 -11.86 2.60
CA PRO A 29 -1.75 -12.05 4.07
C PRO A 29 -1.27 -10.78 4.79
N PRO A 30 -1.60 -10.68 6.04
CA PRO A 30 -1.22 -9.51 6.85
C PRO A 30 0.28 -9.54 7.18
N GLY A 31 0.82 -8.43 7.57
CA GLY A 31 2.27 -8.37 7.90
C GLY A 31 3.09 -8.33 6.60
N THR A 32 2.45 -8.11 5.49
CA THR A 32 3.18 -8.07 4.20
C THR A 32 3.49 -6.62 3.82
N PRO A 33 4.75 -6.35 3.59
CA PRO A 33 5.18 -4.98 3.21
C PRO A 33 4.76 -4.66 1.77
N PHE A 34 4.29 -3.47 1.53
CA PHE A 34 3.87 -3.10 0.15
C PHE A 34 5.00 -3.40 -0.84
N VAL A 35 6.21 -3.09 -0.48
CA VAL A 35 7.36 -3.35 -1.39
C VAL A 35 7.36 -4.82 -1.83
N ASP A 36 6.66 -5.67 -1.13
CA ASP A 36 6.61 -7.11 -1.51
C ASP A 36 5.56 -7.35 -2.59
N LEU A 37 4.77 -6.34 -2.89
CA LEU A 37 3.73 -6.51 -3.95
C LEU A 37 4.38 -6.64 -5.32
N SER A 38 3.72 -7.29 -6.25
CA SER A 38 4.31 -7.43 -7.60
C SER A 38 4.17 -6.13 -8.39
N ASP A 39 5.06 -5.85 -9.30
CA ASP A 39 4.97 -4.59 -10.07
C ASP A 39 3.62 -4.51 -10.79
N SER A 40 2.92 -5.59 -10.88
CA SER A 40 1.59 -5.56 -11.58
C SER A 40 0.46 -5.42 -10.56
N PHE A 41 0.78 -5.25 -9.31
CA PHE A 41 -0.29 -5.09 -8.29
C PHE A 41 -1.17 -3.90 -8.62
N MET A 42 -2.46 -4.02 -8.48
CA MET A 42 -3.36 -2.88 -8.80
C MET A 42 -4.12 -2.43 -7.54
N CYS A 43 -4.34 -1.17 -7.39
CA CYS A 43 -5.06 -0.67 -6.18
C CYS A 43 -6.44 -1.31 -6.10
N PRO A 44 -6.72 -1.91 -4.99
CA PRO A 44 -8.05 -2.57 -4.78
C PRO A 44 -9.13 -1.51 -4.64
N ALA A 45 -8.75 -0.27 -4.52
CA ALA A 45 -9.75 0.82 -4.38
C ALA A 45 -10.09 1.41 -5.75
N CYS A 46 -9.09 1.81 -6.49
CA CYS A 46 -9.37 2.39 -7.83
C CYS A 46 -8.70 1.56 -8.94
N ARG A 47 -8.18 0.40 -8.59
CA ARG A 47 -7.54 -0.49 -9.62
C ARG A 47 -6.32 0.17 -10.29
N SER A 48 -5.81 1.24 -9.74
CA SER A 48 -4.62 1.89 -10.35
C SER A 48 -3.40 0.96 -10.23
N PRO A 49 -2.38 1.30 -10.95
CA PRO A 49 -1.14 0.48 -10.93
C PRO A 49 -0.39 0.68 -9.61
N LYS A 50 0.20 -0.36 -9.08
CA LYS A 50 0.94 -0.23 -7.80
C LYS A 50 1.90 0.97 -7.87
N ASN A 51 2.38 1.28 -9.04
CA ASN A 51 3.30 2.44 -9.16
C ASN A 51 2.57 3.73 -8.80
N GLN A 52 1.28 3.67 -8.65
CA GLN A 52 0.51 4.89 -8.27
C GLN A 52 0.47 5.02 -6.75
N PHE A 53 0.99 4.05 -6.04
CA PHE A 53 0.99 4.14 -4.55
C PHE A 53 2.10 5.05 -4.05
N LYS A 54 1.80 5.93 -3.17
CA LYS A 54 2.84 6.84 -2.61
C LYS A 54 3.19 6.39 -1.19
N SER A 55 4.44 6.23 -0.90
CA SER A 55 4.82 5.77 0.46
C SER A 55 4.79 6.95 1.44
N ILE A 56 4.71 6.66 2.71
CA ILE A 56 4.68 7.76 3.72
C ILE A 56 5.37 7.32 5.02
N LYS A 57 6.66 7.13 4.98
CA LYS A 57 7.38 6.70 6.21
C LYS A 57 8.03 7.90 6.89
N LYS A 58 7.23 8.85 7.31
CA LYS A 58 7.79 10.05 7.98
C LYS A 58 8.06 9.76 9.47
N VAL A 59 9.30 9.63 9.84
CA VAL A 59 9.62 9.35 11.27
C VAL A 59 10.39 10.52 11.88
N ILE A 60 9.85 11.71 11.80
CA ILE A 60 10.55 12.89 12.37
C ILE A 60 9.62 13.65 13.31
N MET A 1 0.53 11.92 10.00
CA MET A 1 1.22 10.64 9.67
C MET A 1 2.70 10.73 10.07
N GLU A 2 3.00 10.45 11.31
CA GLU A 2 4.43 10.52 11.74
C GLU A 2 4.96 9.13 12.05
N ILE A 3 5.17 8.33 11.04
CA ILE A 3 5.68 6.95 11.28
C ILE A 3 6.40 6.43 10.03
N ASP A 4 6.84 5.20 10.05
CA ASP A 4 7.54 4.64 8.86
C ASP A 4 7.31 3.13 8.78
N GLU A 5 6.89 2.65 7.64
CA GLU A 5 6.64 1.18 7.49
C GLU A 5 6.22 0.86 6.06
N GLY A 6 5.34 -0.08 5.89
CA GLY A 6 4.90 -0.44 4.50
C GLY A 6 3.53 0.20 4.22
N LYS A 7 3.26 1.32 4.83
CA LYS A 7 1.95 1.99 4.59
C LYS A 7 2.04 2.88 3.36
N TYR A 8 1.21 2.64 2.37
CA TYR A 8 1.27 3.48 1.13
C TYR A 8 -0.09 4.13 0.87
N GLU A 9 -0.09 5.31 0.31
CA GLU A 9 -1.37 5.99 0.00
C GLU A 9 -1.50 6.20 -1.52
N CYS A 10 -2.65 5.96 -2.06
CA CYS A 10 -2.82 6.13 -3.54
C CYS A 10 -2.91 7.60 -3.90
N GLU A 11 -1.99 8.10 -4.68
CA GLU A 11 -2.08 9.54 -5.07
C GLU A 11 -3.27 9.70 -6.03
N ALA A 12 -3.75 8.61 -6.57
CA ALA A 12 -4.92 8.68 -7.49
C ALA A 12 -6.23 8.67 -6.70
N CYS A 13 -6.46 7.66 -5.91
CA CYS A 13 -7.74 7.61 -5.15
C CYS A 13 -7.49 7.82 -3.64
N GLY A 14 -6.25 7.94 -3.24
CA GLY A 14 -5.95 8.19 -1.79
C GLY A 14 -6.07 6.91 -0.97
N TYR A 15 -6.25 5.79 -1.58
CA TYR A 15 -6.37 4.52 -0.80
C TYR A 15 -5.10 4.29 0.00
N ILE A 16 -5.23 3.74 1.17
CA ILE A 16 -4.02 3.48 2.00
C ILE A 16 -3.81 1.98 2.19
N TYR A 17 -2.75 1.45 1.65
CA TYR A 17 -2.48 -0.01 1.82
C TYR A 17 -1.82 -0.25 3.17
N GLU A 18 -2.35 -1.15 3.95
CA GLU A 18 -1.76 -1.45 5.28
C GLU A 18 -1.04 -2.80 5.26
N PRO A 19 0.25 -2.75 5.48
CA PRO A 19 1.06 -3.99 5.49
C PRO A 19 0.72 -4.84 6.72
N GLU A 20 0.35 -4.21 7.80
CA GLU A 20 0.00 -4.97 9.02
C GLU A 20 -1.34 -5.70 8.83
N LYS A 21 -2.05 -5.37 7.78
CA LYS A 21 -3.36 -6.04 7.53
C LYS A 21 -3.26 -6.95 6.32
N GLY A 22 -2.61 -6.50 5.28
CA GLY A 22 -2.47 -7.34 4.06
C GLY A 22 -3.35 -6.77 2.93
N ASP A 23 -3.13 -7.21 1.74
CA ASP A 23 -3.95 -6.73 0.60
C ASP A 23 -5.24 -7.56 0.48
N LYS A 24 -6.01 -7.61 1.54
CA LYS A 24 -7.26 -8.41 1.52
C LYS A 24 -7.98 -8.26 0.17
N PHE A 25 -8.30 -7.05 -0.20
CA PHE A 25 -9.00 -6.82 -1.49
C PHE A 25 -8.32 -7.61 -2.62
N ALA A 26 -7.02 -7.76 -2.55
CA ALA A 26 -6.31 -8.51 -3.63
C ALA A 26 -6.16 -9.99 -3.24
N GLY A 27 -5.41 -10.24 -2.19
CA GLY A 27 -5.22 -11.66 -1.75
C GLY A 27 -3.84 -11.80 -1.11
N ILE A 28 -3.55 -10.98 -0.14
CA ILE A 28 -2.21 -11.06 0.54
C ILE A 28 -2.41 -11.13 2.06
N PRO A 29 -1.54 -11.87 2.69
CA PRO A 29 -1.62 -12.04 4.17
C PRO A 29 -1.20 -10.74 4.86
N PRO A 30 -1.59 -10.63 6.11
CA PRO A 30 -1.25 -9.42 6.90
C PRO A 30 0.23 -9.40 7.27
N GLY A 31 0.73 -8.27 7.66
CA GLY A 31 2.17 -8.18 8.04
C GLY A 31 3.03 -8.15 6.78
N THR A 32 2.42 -7.95 5.64
CA THR A 32 3.21 -7.91 4.37
C THR A 32 3.46 -6.45 3.94
N PRO A 33 4.70 -6.14 3.71
CA PRO A 33 5.08 -4.77 3.29
C PRO A 33 4.65 -4.50 1.85
N PHE A 34 4.17 -3.32 1.57
CA PHE A 34 3.74 -3.00 0.18
C PHE A 34 4.86 -3.31 -0.81
N VAL A 35 6.07 -2.99 -0.46
CA VAL A 35 7.22 -3.26 -1.38
C VAL A 35 7.22 -4.73 -1.80
N ASP A 36 6.53 -5.57 -1.08
CA ASP A 36 6.51 -7.02 -1.45
C ASP A 36 5.45 -7.27 -2.52
N LEU A 37 4.65 -6.28 -2.83
CA LEU A 37 3.60 -6.47 -3.88
C LEU A 37 4.25 -6.62 -5.25
N SER A 38 3.58 -7.25 -6.17
CA SER A 38 4.16 -7.43 -7.53
C SER A 38 4.06 -6.12 -8.31
N ASP A 39 4.98 -5.85 -9.18
CA ASP A 39 4.93 -4.59 -9.97
C ASP A 39 3.60 -4.49 -10.73
N SER A 40 2.89 -5.57 -10.84
CA SER A 40 1.58 -5.53 -11.56
C SER A 40 0.42 -5.40 -10.57
N PHE A 41 0.73 -5.24 -9.31
CA PHE A 41 -0.37 -5.11 -8.31
C PHE A 41 -1.24 -3.90 -8.64
N MET A 42 -2.53 -4.01 -8.49
CA MET A 42 -3.42 -2.86 -8.80
C MET A 42 -4.18 -2.42 -7.54
N CYS A 43 -4.38 -1.15 -7.38
CA CYS A 43 -5.10 -0.65 -6.17
C CYS A 43 -6.49 -1.28 -6.10
N PRO A 44 -6.78 -1.88 -4.98
CA PRO A 44 -8.11 -2.52 -4.78
C PRO A 44 -9.19 -1.45 -4.65
N ALA A 45 -8.79 -0.22 -4.50
CA ALA A 45 -9.80 0.88 -4.36
C ALA A 45 -10.11 1.49 -5.73
N CYS A 46 -9.10 1.87 -6.46
CA CYS A 46 -9.36 2.48 -7.80
C CYS A 46 -8.70 1.64 -8.91
N ARG A 47 -8.20 0.48 -8.57
CA ARG A 47 -7.58 -0.41 -9.60
C ARG A 47 -6.35 0.23 -10.26
N SER A 48 -5.84 1.29 -9.70
CA SER A 48 -4.63 1.93 -10.31
C SER A 48 -3.42 0.99 -10.21
N PRO A 49 -2.38 1.34 -10.89
CA PRO A 49 -1.15 0.52 -10.87
C PRO A 49 -0.41 0.69 -9.53
N LYS A 50 0.15 -0.36 -9.01
CA LYS A 50 0.89 -0.26 -7.71
C LYS A 50 1.87 0.91 -7.78
N ASN A 51 2.39 1.20 -8.94
CA ASN A 51 3.35 2.33 -9.06
C ASN A 51 2.65 3.64 -8.70
N GLN A 52 1.35 3.61 -8.59
CA GLN A 52 0.61 4.85 -8.23
C GLN A 52 0.53 4.98 -6.71
N PHE A 53 1.04 4.01 -5.99
CA PHE A 53 0.99 4.09 -4.50
C PHE A 53 2.11 4.99 -3.98
N LYS A 54 1.79 5.90 -3.10
CA LYS A 54 2.84 6.78 -2.53
C LYS A 54 3.19 6.31 -1.13
N SER A 55 4.45 6.14 -0.85
CA SER A 55 4.84 5.67 0.51
C SER A 55 4.86 6.83 1.49
N ILE A 56 4.80 6.54 2.77
CA ILE A 56 4.82 7.62 3.78
C ILE A 56 5.76 7.25 4.94
N LYS A 57 7.04 7.34 4.74
CA LYS A 57 8.00 6.98 5.82
C LYS A 57 8.56 8.26 6.47
N LYS A 58 7.72 9.04 7.08
CA LYS A 58 8.20 10.30 7.73
C LYS A 58 7.63 10.42 9.15
N VAL A 59 8.26 11.17 10.00
CA VAL A 59 7.76 11.33 11.38
C VAL A 59 7.58 12.81 11.72
N ILE A 60 6.72 13.48 11.00
CA ILE A 60 6.49 14.93 11.28
C ILE A 60 5.07 15.15 11.79
N MET A 1 1.79 11.64 8.81
CA MET A 1 3.08 12.34 8.55
C MET A 1 4.20 11.72 9.40
N GLU A 2 4.18 11.93 10.68
CA GLU A 2 5.25 11.35 11.55
C GLU A 2 4.91 9.90 11.90
N ILE A 3 4.89 9.04 10.92
CA ILE A 3 4.56 7.60 11.20
C ILE A 3 5.11 6.71 10.08
N ASP A 4 5.73 5.62 10.42
CA ASP A 4 6.29 4.72 9.38
C ASP A 4 5.81 3.28 9.61
N GLU A 5 5.23 2.68 8.61
CA GLU A 5 4.75 1.27 8.77
C GLU A 5 4.44 0.67 7.40
N GLY A 6 5.40 0.71 6.50
CA GLY A 6 5.17 0.15 5.15
C GLY A 6 3.78 0.54 4.64
N LYS A 7 3.26 1.64 5.11
CA LYS A 7 1.90 2.07 4.67
C LYS A 7 2.03 2.90 3.38
N TYR A 8 1.24 2.58 2.39
CA TYR A 8 1.31 3.35 1.11
C TYR A 8 -0.05 3.96 0.78
N GLU A 9 -0.06 5.15 0.23
CA GLU A 9 -1.36 5.80 -0.11
C GLU A 9 -1.46 6.01 -1.63
N CYS A 10 -2.63 5.79 -2.19
CA CYS A 10 -2.79 5.98 -3.66
C CYS A 10 -2.87 7.46 -4.00
N GLU A 11 -1.90 7.99 -4.69
CA GLU A 11 -1.99 9.42 -5.06
C GLU A 11 -3.18 9.62 -6.00
N ALA A 12 -3.68 8.54 -6.55
CA ALA A 12 -4.85 8.63 -7.47
C ALA A 12 -6.15 8.63 -6.68
N CYS A 13 -6.43 7.57 -5.96
CA CYS A 13 -7.71 7.52 -5.20
C CYS A 13 -7.46 7.69 -3.68
N GLY A 14 -6.22 7.79 -3.28
CA GLY A 14 -5.92 8.01 -1.84
C GLY A 14 -6.03 6.71 -1.03
N TYR A 15 -6.21 5.60 -1.68
CA TYR A 15 -6.32 4.32 -0.93
C TYR A 15 -5.04 4.10 -0.12
N ILE A 16 -5.17 3.57 1.06
CA ILE A 16 -3.96 3.34 1.89
C ILE A 16 -3.74 1.84 2.13
N TYR A 17 -2.67 1.31 1.63
CA TYR A 17 -2.38 -0.14 1.83
C TYR A 17 -1.72 -0.35 3.19
N GLU A 18 -2.11 -1.37 3.90
CA GLU A 18 -1.50 -1.62 5.23
C GLU A 18 -0.76 -2.96 5.24
N PRO A 19 0.52 -2.89 5.49
CA PRO A 19 1.36 -4.12 5.53
C PRO A 19 1.00 -4.96 6.77
N GLU A 20 0.62 -4.32 7.84
CA GLU A 20 0.25 -5.07 9.06
C GLU A 20 -1.09 -5.78 8.86
N LYS A 21 -1.79 -5.41 7.82
CA LYS A 21 -3.11 -6.06 7.55
C LYS A 21 -3.05 -6.83 6.23
N GLY A 22 -2.04 -6.59 5.43
CA GLY A 22 -1.92 -7.29 4.13
C GLY A 22 -2.85 -6.65 3.10
N ASP A 23 -2.75 -7.08 1.87
CA ASP A 23 -3.64 -6.51 0.81
C ASP A 23 -4.98 -7.25 0.81
N LYS A 24 -5.59 -7.40 1.95
CA LYS A 24 -6.90 -8.11 2.02
C LYS A 24 -7.77 -7.75 0.82
N PHE A 25 -8.07 -6.50 0.66
CA PHE A 25 -8.91 -6.06 -0.49
C PHE A 25 -8.45 -6.76 -1.76
N ALA A 26 -7.17 -7.02 -1.88
CA ALA A 26 -6.66 -7.69 -3.11
C ALA A 26 -6.58 -9.20 -2.89
N GLY A 27 -5.80 -9.63 -1.96
CA GLY A 27 -5.68 -11.09 -1.69
C GLY A 27 -4.29 -11.41 -1.13
N ILE A 28 -3.88 -10.70 -0.11
CA ILE A 28 -2.54 -10.96 0.49
C ILE A 28 -2.64 -11.03 2.01
N PRO A 29 -1.86 -11.89 2.60
CA PRO A 29 -1.86 -12.05 4.07
C PRO A 29 -1.27 -10.81 4.74
N PRO A 30 -1.57 -10.66 6.00
CA PRO A 30 -1.07 -9.49 6.76
C PRO A 30 0.43 -9.61 7.03
N GLY A 31 1.05 -8.52 7.38
CA GLY A 31 2.51 -8.55 7.65
C GLY A 31 3.28 -8.47 6.32
N THR A 32 2.60 -8.14 5.26
CA THR A 32 3.29 -8.04 3.94
C THR A 32 3.53 -6.58 3.58
N PRO A 33 4.79 -6.25 3.38
CA PRO A 33 5.16 -4.86 3.02
C PRO A 33 4.75 -4.55 1.58
N PHE A 34 4.16 -3.40 1.36
CA PHE A 34 3.73 -3.03 -0.02
C PHE A 34 4.86 -3.29 -1.01
N VAL A 35 6.08 -2.99 -0.64
CA VAL A 35 7.22 -3.21 -1.55
C VAL A 35 7.24 -4.66 -2.05
N ASP A 36 6.61 -5.55 -1.34
CA ASP A 36 6.59 -6.98 -1.78
C ASP A 36 5.46 -7.21 -2.79
N LEU A 37 4.65 -6.21 -3.02
CA LEU A 37 3.53 -6.39 -4.00
C LEU A 37 4.08 -6.42 -5.43
N SER A 38 3.79 -7.46 -6.15
CA SER A 38 4.30 -7.56 -7.55
C SER A 38 4.18 -6.21 -8.26
N ASP A 39 5.03 -5.94 -9.21
CA ASP A 39 4.97 -4.65 -9.93
C ASP A 39 3.65 -4.53 -10.71
N SER A 40 2.92 -5.61 -10.79
CA SER A 40 1.62 -5.56 -11.53
C SER A 40 0.45 -5.42 -10.56
N PHE A 41 0.72 -5.24 -9.29
CA PHE A 41 -0.39 -5.09 -8.31
C PHE A 41 -1.23 -3.87 -8.66
N MET A 42 -2.53 -3.98 -8.58
CA MET A 42 -3.40 -2.82 -8.91
C MET A 42 -4.27 -2.45 -7.71
N CYS A 43 -4.58 -1.20 -7.55
CA CYS A 43 -5.44 -0.79 -6.40
C CYS A 43 -6.76 -1.56 -6.41
N PRO A 44 -7.08 -2.12 -5.27
CA PRO A 44 -8.35 -2.87 -5.15
C PRO A 44 -9.52 -1.88 -5.14
N ALA A 45 -9.22 -0.61 -4.99
CA ALA A 45 -10.30 0.41 -4.96
C ALA A 45 -10.43 1.09 -6.32
N CYS A 46 -9.45 1.85 -6.71
CA CYS A 46 -9.52 2.56 -8.02
C CYS A 46 -8.86 1.75 -9.14
N ARG A 47 -8.35 0.58 -8.82
CA ARG A 47 -7.72 -0.28 -9.87
C ARG A 47 -6.50 0.42 -10.52
N SER A 48 -5.80 1.23 -9.79
CA SER A 48 -4.61 1.91 -10.38
C SER A 48 -3.38 0.99 -10.26
N PRO A 49 -2.34 1.37 -10.94
CA PRO A 49 -1.09 0.58 -10.91
C PRO A 49 -0.38 0.73 -9.56
N LYS A 50 0.14 -0.34 -9.03
CA LYS A 50 0.85 -0.24 -7.71
C LYS A 50 1.88 0.89 -7.74
N ASN A 51 2.45 1.15 -8.88
CA ASN A 51 3.46 2.24 -8.97
C ASN A 51 2.79 3.58 -8.63
N GLN A 52 1.49 3.60 -8.59
CA GLN A 52 0.78 4.87 -8.26
C GLN A 52 0.69 5.03 -6.74
N PHE A 53 1.11 4.03 -6.01
CA PHE A 53 1.04 4.15 -4.53
C PHE A 53 2.21 4.97 -3.98
N LYS A 54 1.95 5.82 -3.04
CA LYS A 54 3.05 6.64 -2.45
C LYS A 54 3.31 6.17 -1.02
N SER A 55 4.54 5.97 -0.68
CA SER A 55 4.85 5.48 0.70
C SER A 55 4.83 6.65 1.69
N ILE A 56 4.71 6.35 2.96
CA ILE A 56 4.69 7.44 3.98
C ILE A 56 5.64 7.09 5.13
N LYS A 57 6.91 6.97 4.86
CA LYS A 57 7.88 6.64 5.93
C LYS A 57 8.55 7.91 6.46
N LYS A 58 7.78 8.82 7.00
CA LYS A 58 8.38 10.07 7.52
C LYS A 58 8.09 10.20 9.02
N VAL A 59 9.04 10.68 9.78
CA VAL A 59 8.81 10.83 11.24
C VAL A 59 9.06 12.29 11.67
N ILE A 60 8.28 13.19 11.15
CA ILE A 60 8.47 14.63 11.52
C ILE A 60 7.13 15.24 11.95
N MET A 1 16.22 9.71 11.81
CA MET A 1 16.36 8.68 10.75
C MET A 1 14.97 8.25 10.25
N GLU A 2 14.52 8.80 9.16
CA GLU A 2 13.18 8.43 8.63
C GLU A 2 13.03 6.91 8.59
N ILE A 3 11.82 6.42 8.68
CA ILE A 3 11.61 4.95 8.65
C ILE A 3 10.29 4.61 7.95
N ASP A 4 10.30 3.64 7.08
CA ASP A 4 9.04 3.26 6.37
C ASP A 4 8.31 2.16 7.13
N GLU A 5 7.60 1.32 6.43
CA GLU A 5 6.85 0.21 7.11
C GLU A 5 6.00 -0.56 6.09
N GLY A 6 5.66 0.05 4.99
CA GLY A 6 4.83 -0.66 3.98
C GLY A 6 3.48 0.05 3.84
N LYS A 7 3.31 1.16 4.51
CA LYS A 7 2.02 1.90 4.41
C LYS A 7 2.06 2.83 3.20
N TYR A 8 1.19 2.63 2.24
CA TYR A 8 1.20 3.52 1.04
C TYR A 8 -0.20 4.08 0.76
N GLU A 9 -0.27 5.27 0.25
CA GLU A 9 -1.60 5.88 -0.05
C GLU A 9 -1.71 6.13 -1.57
N CYS A 10 -2.86 5.94 -2.13
CA CYS A 10 -3.01 6.16 -3.60
C CYS A 10 -3.12 7.64 -3.91
N GLU A 11 -2.16 8.20 -4.59
CA GLU A 11 -2.26 9.64 -4.94
C GLU A 11 -3.42 9.83 -5.93
N ALA A 12 -3.87 8.75 -6.51
CA ALA A 12 -4.99 8.82 -7.48
C ALA A 12 -6.34 8.79 -6.76
N CYS A 13 -6.61 7.74 -6.02
CA CYS A 13 -7.93 7.66 -5.33
C CYS A 13 -7.75 7.83 -3.81
N GLY A 14 -6.54 7.92 -3.33
CA GLY A 14 -6.32 8.13 -1.87
C GLY A 14 -6.37 6.82 -1.08
N TYR A 15 -6.51 5.71 -1.74
CA TYR A 15 -6.55 4.42 -1.00
C TYR A 15 -5.34 4.31 -0.07
N ILE A 16 -5.28 3.30 0.74
CA ILE A 16 -4.11 3.15 1.66
C ILE A 16 -3.81 1.68 1.91
N TYR A 17 -2.71 1.20 1.40
CA TYR A 17 -2.35 -0.23 1.62
C TYR A 17 -1.72 -0.41 3.00
N GLU A 18 -2.28 -1.26 3.81
CA GLU A 18 -1.71 -1.47 5.17
C GLU A 18 -1.03 -2.83 5.25
N PRO A 19 0.27 -2.81 5.48
CA PRO A 19 1.05 -4.06 5.58
C PRO A 19 0.69 -4.82 6.86
N GLU A 20 0.27 -4.11 7.88
CA GLU A 20 -0.10 -4.80 9.15
C GLU A 20 -1.43 -5.54 8.98
N LYS A 21 -2.16 -5.24 7.94
CA LYS A 21 -3.46 -5.94 7.71
C LYS A 21 -3.37 -6.79 6.44
N GLY A 22 -2.35 -6.60 5.65
CA GLY A 22 -2.22 -7.39 4.40
C GLY A 22 -3.09 -6.79 3.30
N ASP A 23 -2.88 -7.19 2.08
CA ASP A 23 -3.71 -6.65 0.96
C ASP A 23 -4.99 -7.46 0.83
N LYS A 24 -5.70 -7.65 1.91
CA LYS A 24 -6.97 -8.45 1.86
C LYS A 24 -7.75 -8.11 0.59
N PHE A 25 -7.97 -6.85 0.35
CA PHE A 25 -8.73 -6.45 -0.88
C PHE A 25 -8.15 -7.15 -2.11
N ALA A 26 -6.85 -7.28 -2.17
CA ALA A 26 -6.23 -7.94 -3.35
C ALA A 26 -6.10 -9.45 -3.12
N GLY A 27 -5.28 -9.84 -2.18
CA GLY A 27 -5.11 -11.29 -1.90
C GLY A 27 -3.77 -11.53 -1.21
N ILE A 28 -3.51 -10.81 -0.15
CA ILE A 28 -2.22 -10.98 0.58
C ILE A 28 -2.49 -11.06 2.09
N PRO A 29 -1.67 -11.84 2.76
CA PRO A 29 -1.81 -12.00 4.22
C PRO A 29 -1.38 -10.72 4.94
N PRO A 30 -1.74 -10.65 6.20
CA PRO A 30 -1.38 -9.46 7.01
C PRO A 30 0.11 -9.45 7.33
N GLY A 31 0.62 -8.31 7.72
CA GLY A 31 2.07 -8.21 8.05
C GLY A 31 2.89 -8.21 6.76
N THR A 32 2.24 -8.04 5.64
CA THR A 32 2.97 -8.02 4.35
C THR A 32 3.36 -6.59 3.97
N PRO A 33 4.64 -6.38 3.79
CA PRO A 33 5.15 -5.03 3.43
C PRO A 33 4.79 -4.69 1.98
N PHE A 34 4.40 -3.47 1.74
CA PHE A 34 4.04 -3.06 0.34
C PHE A 34 5.22 -3.34 -0.60
N VAL A 35 6.39 -3.52 -0.06
CA VAL A 35 7.58 -3.81 -0.90
C VAL A 35 7.51 -5.25 -1.42
N ASP A 36 6.56 -6.00 -0.94
CA ASP A 36 6.42 -7.42 -1.39
C ASP A 36 5.39 -7.52 -2.52
N LEU A 37 4.70 -6.44 -2.81
CA LEU A 37 3.69 -6.49 -3.91
C LEU A 37 4.39 -6.58 -5.26
N SER A 38 3.78 -7.24 -6.21
CA SER A 38 4.42 -7.35 -7.55
C SER A 38 4.28 -6.03 -8.31
N ASP A 39 5.15 -5.77 -9.24
CA ASP A 39 5.06 -4.49 -10.01
C ASP A 39 3.70 -4.40 -10.71
N SER A 40 2.99 -5.49 -10.79
CA SER A 40 1.66 -5.46 -11.47
C SER A 40 0.54 -5.30 -10.44
N PHE A 41 0.87 -5.11 -9.20
CA PHE A 41 -0.19 -4.95 -8.16
C PHE A 41 -1.08 -3.75 -8.51
N MET A 42 -2.37 -3.90 -8.40
CA MET A 42 -3.27 -2.76 -8.74
C MET A 42 -4.07 -2.33 -7.51
N CYS A 43 -4.36 -1.06 -7.39
CA CYS A 43 -5.13 -0.57 -6.22
C CYS A 43 -6.52 -1.22 -6.20
N PRO A 44 -6.82 -1.85 -5.10
CA PRO A 44 -8.14 -2.52 -4.96
C PRO A 44 -9.24 -1.47 -4.84
N ALA A 45 -8.87 -0.22 -4.72
CA ALA A 45 -9.89 0.86 -4.60
C ALA A 45 -10.20 1.44 -5.98
N CYS A 46 -9.19 1.90 -6.67
CA CYS A 46 -9.43 2.48 -8.03
C CYS A 46 -8.75 1.63 -9.11
N ARG A 47 -8.21 0.50 -8.74
CA ARG A 47 -7.55 -0.41 -9.74
C ARG A 47 -6.33 0.25 -10.39
N SER A 48 -5.81 1.30 -9.83
CA SER A 48 -4.62 1.96 -10.43
C SER A 48 -3.40 1.05 -10.28
N PRO A 49 -2.35 1.38 -10.99
CA PRO A 49 -1.11 0.58 -10.93
C PRO A 49 -0.39 0.79 -9.59
N LYS A 50 0.18 -0.24 -9.04
CA LYS A 50 0.91 -0.09 -7.75
C LYS A 50 1.85 1.11 -7.82
N ASN A 51 2.32 1.43 -8.98
CA ASN A 51 3.25 2.60 -9.11
C ASN A 51 2.52 3.89 -8.74
N GLN A 52 1.22 3.81 -8.57
CA GLN A 52 0.45 5.02 -8.19
C GLN A 52 0.40 5.14 -6.67
N PHE A 53 0.92 4.16 -5.97
CA PHE A 53 0.90 4.24 -4.48
C PHE A 53 2.01 5.15 -3.96
N LYS A 54 1.67 6.03 -3.07
CA LYS A 54 2.71 6.93 -2.49
C LYS A 54 3.02 6.47 -1.07
N SER A 55 4.27 6.28 -0.76
CA SER A 55 4.62 5.82 0.62
C SER A 55 4.56 7.00 1.60
N ILE A 56 4.47 6.73 2.86
CA ILE A 56 4.40 7.83 3.86
C ILE A 56 5.79 8.10 4.45
N LYS A 57 6.53 7.06 4.73
CA LYS A 57 7.89 7.26 5.30
C LYS A 57 7.80 8.03 6.63
N LYS A 58 7.75 7.34 7.72
CA LYS A 58 7.64 8.02 9.04
C LYS A 58 8.99 8.66 9.42
N VAL A 59 8.99 9.52 10.38
CA VAL A 59 10.26 10.18 10.80
C VAL A 59 10.49 9.99 12.31
N ILE A 60 11.70 9.71 12.70
CA ILE A 60 11.98 9.51 14.16
C ILE A 60 13.34 10.11 14.52
N MET A 1 4.22 14.83 9.51
CA MET A 1 3.72 13.54 10.07
C MET A 1 4.89 12.64 10.47
N GLU A 2 4.99 12.28 11.71
CA GLU A 2 6.12 11.40 12.15
C GLU A 2 5.63 9.96 12.31
N ILE A 3 5.56 9.22 11.24
CA ILE A 3 5.10 7.81 11.35
C ILE A 3 5.60 7.00 10.14
N ASP A 4 5.77 5.72 10.32
CA ASP A 4 6.26 4.87 9.19
C ASP A 4 5.95 3.40 9.44
N GLU A 5 5.44 2.72 8.45
CA GLU A 5 5.11 1.28 8.64
C GLU A 5 4.70 0.66 7.29
N GLY A 6 5.59 0.66 6.34
CA GLY A 6 5.25 0.08 5.01
C GLY A 6 3.85 0.53 4.59
N LYS A 7 3.41 1.66 5.07
CA LYS A 7 2.06 2.16 4.70
C LYS A 7 2.15 2.98 3.41
N TYR A 8 1.33 2.65 2.44
CA TYR A 8 1.38 3.41 1.15
C TYR A 8 0.02 4.06 0.88
N GLU A 9 0.01 5.21 0.26
CA GLU A 9 -1.27 5.89 -0.05
C GLU A 9 -1.40 6.10 -1.57
N CYS A 10 -2.57 5.91 -2.11
CA CYS A 10 -2.75 6.09 -3.58
C CYS A 10 -2.81 7.57 -3.92
N GLU A 11 -1.89 8.08 -4.69
CA GLU A 11 -1.97 9.52 -5.05
C GLU A 11 -3.17 9.72 -5.97
N ALA A 12 -3.68 8.64 -6.53
CA ALA A 12 -4.85 8.75 -7.44
C ALA A 12 -6.15 8.74 -6.64
N CYS A 13 -6.40 7.71 -5.88
CA CYS A 13 -7.67 7.66 -5.10
C CYS A 13 -7.40 7.84 -3.60
N GLY A 14 -6.16 7.91 -3.20
CA GLY A 14 -5.83 8.13 -1.76
C GLY A 14 -5.94 6.84 -0.96
N TYR A 15 -6.16 5.73 -1.61
CA TYR A 15 -6.27 4.45 -0.86
C TYR A 15 -5.00 4.21 -0.04
N ILE A 16 -5.14 3.64 1.12
CA ILE A 16 -3.95 3.40 1.96
C ILE A 16 -3.72 1.90 2.17
N TYR A 17 -2.67 1.37 1.60
CA TYR A 17 -2.39 -0.08 1.76
C TYR A 17 -1.70 -0.33 3.11
N GLU A 18 -2.29 -1.13 3.95
CA GLU A 18 -1.66 -1.41 5.27
C GLU A 18 -0.97 -2.78 5.26
N PRO A 19 0.32 -2.75 5.47
CA PRO A 19 1.11 -4.00 5.47
C PRO A 19 0.81 -4.81 6.75
N GLU A 20 0.47 -4.14 7.81
CA GLU A 20 0.16 -4.86 9.08
C GLU A 20 -1.20 -5.57 8.97
N LYS A 21 -1.93 -5.30 7.91
CA LYS A 21 -3.26 -5.97 7.75
C LYS A 21 -3.22 -6.93 6.58
N GLY A 22 -2.67 -6.52 5.48
CA GLY A 22 -2.60 -7.42 4.29
C GLY A 22 -3.46 -6.86 3.15
N ASP A 23 -3.20 -7.28 1.95
CA ASP A 23 -4.00 -6.79 0.79
C ASP A 23 -5.27 -7.63 0.64
N LYS A 24 -6.05 -7.74 1.68
CA LYS A 24 -7.29 -8.56 1.60
C LYS A 24 -7.99 -8.36 0.26
N PHE A 25 -8.22 -7.13 -0.10
CA PHE A 25 -8.90 -6.86 -1.40
C PHE A 25 -8.20 -7.61 -2.54
N ALA A 26 -6.89 -7.69 -2.50
CA ALA A 26 -6.15 -8.41 -3.57
C ALA A 26 -5.98 -9.88 -3.20
N GLY A 27 -5.20 -10.16 -2.20
CA GLY A 27 -4.99 -11.58 -1.79
C GLY A 27 -3.64 -11.72 -1.08
N ILE A 28 -3.41 -10.92 -0.07
CA ILE A 28 -2.12 -11.01 0.67
C ILE A 28 -2.38 -11.05 2.19
N PRO A 29 -1.57 -11.82 2.86
CA PRO A 29 -1.72 -11.97 4.33
C PRO A 29 -1.26 -10.69 5.04
N PRO A 30 -1.56 -10.61 6.30
CA PRO A 30 -1.18 -9.42 7.11
C PRO A 30 0.33 -9.39 7.36
N GLY A 31 0.84 -8.25 7.71
CA GLY A 31 2.31 -8.14 7.97
C GLY A 31 3.06 -8.15 6.64
N THR A 32 2.37 -7.94 5.55
CA THR A 32 3.05 -7.94 4.22
C THR A 32 3.40 -6.51 3.81
N PRO A 33 4.67 -6.29 3.57
CA PRO A 33 5.14 -4.95 3.16
C PRO A 33 4.74 -4.65 1.71
N PHE A 34 4.31 -3.45 1.44
CA PHE A 34 3.90 -3.09 0.06
C PHE A 34 5.02 -3.43 -0.93
N VAL A 35 6.24 -3.18 -0.55
CA VAL A 35 7.39 -3.48 -1.46
C VAL A 35 7.32 -4.95 -1.90
N ASP A 36 6.58 -5.77 -1.20
CA ASP A 36 6.48 -7.21 -1.59
C ASP A 36 5.42 -7.39 -2.69
N LEU A 37 4.69 -6.36 -3.00
CA LEU A 37 3.66 -6.49 -4.07
C LEU A 37 4.32 -6.59 -5.44
N SER A 38 3.68 -7.25 -6.37
CA SER A 38 4.28 -7.39 -7.73
C SER A 38 4.12 -6.07 -8.50
N ASP A 39 4.93 -5.87 -9.50
CA ASP A 39 4.82 -4.60 -10.30
C ASP A 39 3.45 -4.53 -10.99
N SER A 40 2.71 -5.61 -10.97
CA SER A 40 1.37 -5.59 -11.64
C SER A 40 0.28 -5.41 -10.59
N PHE A 41 0.63 -5.21 -9.35
CA PHE A 41 -0.41 -5.02 -8.29
C PHE A 41 -1.27 -3.80 -8.63
N MET A 42 -2.57 -3.93 -8.51
CA MET A 42 -3.45 -2.77 -8.83
C MET A 42 -4.24 -2.36 -7.58
N CYS A 43 -4.52 -1.10 -7.44
CA CYS A 43 -5.28 -0.63 -6.25
C CYS A 43 -6.63 -1.36 -6.16
N PRO A 44 -6.90 -1.89 -5.00
CA PRO A 44 -8.18 -2.60 -4.78
C PRO A 44 -9.33 -1.60 -4.73
N ALA A 45 -9.00 -0.33 -4.65
CA ALA A 45 -10.07 0.72 -4.59
C ALA A 45 -10.29 1.34 -5.97
N CYS A 46 -9.31 2.02 -6.48
CA CYS A 46 -9.48 2.66 -7.82
C CYS A 46 -8.86 1.80 -8.93
N ARG A 47 -8.36 0.64 -8.60
CA ARG A 47 -7.77 -0.26 -9.64
C ARG A 47 -6.56 0.38 -10.35
N SER A 48 -5.93 1.35 -9.73
CA SER A 48 -4.74 1.98 -10.38
C SER A 48 -3.54 1.04 -10.30
N PRO A 49 -2.51 1.38 -11.03
CA PRO A 49 -1.27 0.57 -11.04
C PRO A 49 -0.50 0.75 -9.73
N LYS A 50 0.09 -0.29 -9.21
CA LYS A 50 0.87 -0.17 -7.96
C LYS A 50 1.85 1.00 -8.06
N ASN A 51 2.33 1.27 -9.24
CA ASN A 51 3.28 2.40 -9.41
C ASN A 51 2.62 3.72 -9.00
N GLN A 52 1.33 3.70 -8.82
CA GLN A 52 0.62 4.95 -8.42
C GLN A 52 0.60 5.05 -6.89
N PHE A 53 1.11 4.06 -6.21
CA PHE A 53 1.11 4.11 -4.72
C PHE A 53 2.33 4.87 -4.20
N LYS A 54 2.14 5.68 -3.20
CA LYS A 54 3.28 6.43 -2.61
C LYS A 54 3.39 6.07 -1.13
N SER A 55 4.57 5.88 -0.63
CA SER A 55 4.70 5.52 0.81
C SER A 55 4.70 6.76 1.68
N ILE A 56 4.66 6.57 2.96
CA ILE A 56 4.67 7.72 3.90
C ILE A 56 5.58 7.43 5.09
N LYS A 57 6.86 7.43 4.88
CA LYS A 57 7.81 7.15 6.01
C LYS A 57 8.52 8.43 6.42
N LYS A 58 7.80 9.39 6.94
CA LYS A 58 8.45 10.67 7.36
C LYS A 58 8.74 10.64 8.87
N VAL A 59 9.74 9.91 9.26
CA VAL A 59 10.07 9.84 10.72
C VAL A 59 10.95 11.03 11.12
N ILE A 60 10.34 12.09 11.57
CA ILE A 60 11.13 13.29 11.98
C ILE A 60 10.93 13.58 13.47
N MET A 1 0.56 13.68 15.03
CA MET A 1 0.90 13.01 13.73
C MET A 1 2.15 12.15 13.91
N GLU A 2 2.02 10.86 13.76
CA GLU A 2 3.20 9.96 13.92
C GLU A 2 2.81 8.51 13.58
N ILE A 3 3.08 8.09 12.37
CA ILE A 3 2.73 6.70 11.98
C ILE A 3 3.68 6.20 10.90
N ASP A 4 4.30 5.07 11.11
CA ASP A 4 5.25 4.53 10.09
C ASP A 4 5.19 3.00 10.06
N GLU A 5 4.96 2.42 8.92
CA GLU A 5 4.89 0.94 8.82
C GLU A 5 4.48 0.53 7.41
N GLY A 6 5.35 0.69 6.46
CA GLY A 6 5.02 0.30 5.06
C GLY A 6 3.65 0.85 4.70
N LYS A 7 3.26 1.95 5.28
CA LYS A 7 1.94 2.54 4.95
C LYS A 7 1.99 3.26 3.60
N TYR A 8 1.22 2.83 2.64
CA TYR A 8 1.26 3.48 1.31
C TYR A 8 -0.10 4.10 0.97
N GLU A 9 -0.11 5.28 0.42
CA GLU A 9 -1.39 5.93 0.05
C GLU A 9 -1.46 6.10 -1.47
N CYS A 10 -2.61 5.88 -2.06
CA CYS A 10 -2.73 6.04 -3.54
C CYS A 10 -2.77 7.51 -3.92
N GLU A 11 -1.80 8.00 -4.62
CA GLU A 11 -1.85 9.43 -5.02
C GLU A 11 -3.03 9.64 -5.97
N ALA A 12 -3.55 8.56 -6.51
CA ALA A 12 -4.71 8.68 -7.44
C ALA A 12 -6.02 8.71 -6.66
N CYS A 13 -6.31 7.68 -5.90
CA CYS A 13 -7.59 7.67 -5.14
C CYS A 13 -7.35 7.84 -3.64
N GLY A 14 -6.10 7.91 -3.24
CA GLY A 14 -5.80 8.14 -1.78
C GLY A 14 -5.94 6.85 -0.98
N TYR A 15 -6.16 5.74 -1.62
CA TYR A 15 -6.32 4.46 -0.87
C TYR A 15 -5.05 4.21 -0.04
N ILE A 16 -5.21 3.68 1.13
CA ILE A 16 -4.02 3.42 1.99
C ILE A 16 -3.77 1.92 2.12
N TYR A 17 -2.68 1.44 1.58
CA TYR A 17 -2.37 -0.01 1.68
C TYR A 17 -1.71 -0.31 3.02
N GLU A 18 -2.31 -1.18 3.81
CA GLU A 18 -1.72 -1.51 5.14
C GLU A 18 -0.96 -2.83 5.06
N PRO A 19 0.32 -2.77 5.32
CA PRO A 19 1.17 -3.97 5.29
C PRO A 19 0.84 -4.88 6.48
N GLU A 20 0.55 -4.29 7.61
CA GLU A 20 0.22 -5.12 8.81
C GLU A 20 -1.15 -5.76 8.62
N LYS A 21 -1.88 -5.36 7.63
CA LYS A 21 -3.23 -5.95 7.39
C LYS A 21 -3.22 -6.74 6.08
N GLY A 22 -2.20 -6.58 5.28
CA GLY A 22 -2.12 -7.34 4.00
C GLY A 22 -3.06 -6.70 2.98
N ASP A 23 -2.98 -7.13 1.74
CA ASP A 23 -3.88 -6.58 0.69
C ASP A 23 -5.20 -7.36 0.69
N LYS A 24 -5.89 -7.35 1.80
CA LYS A 24 -7.19 -8.08 1.89
C LYS A 24 -7.95 -7.99 0.57
N PHE A 25 -8.33 -6.80 0.18
CA PHE A 25 -9.08 -6.64 -1.10
C PHE A 25 -8.46 -7.52 -2.20
N ALA A 26 -7.19 -7.81 -2.10
CA ALA A 26 -6.53 -8.66 -3.13
C ALA A 26 -6.38 -10.09 -2.62
N GLY A 27 -5.71 -10.28 -1.53
CA GLY A 27 -5.52 -11.65 -0.98
C GLY A 27 -4.16 -11.76 -0.27
N ILE A 28 -3.32 -10.78 -0.40
CA ILE A 28 -1.99 -10.85 0.28
C ILE A 28 -2.19 -10.92 1.80
N PRO A 29 -1.38 -11.71 2.43
CA PRO A 29 -1.46 -11.88 3.90
C PRO A 29 -1.03 -10.61 4.62
N PRO A 30 -1.43 -10.50 5.85
CA PRO A 30 -1.08 -9.31 6.68
C PRO A 30 0.40 -9.34 7.07
N GLY A 31 0.91 -8.23 7.53
CA GLY A 31 2.35 -8.18 7.92
C GLY A 31 3.22 -8.14 6.67
N THR A 32 2.63 -7.90 5.53
CA THR A 32 3.43 -7.84 4.28
C THR A 32 3.64 -6.39 3.84
N PRO A 33 4.88 -6.03 3.63
CA PRO A 33 5.21 -4.64 3.21
C PRO A 33 4.82 -4.42 1.75
N PHE A 34 4.34 -3.25 1.42
CA PHE A 34 3.94 -2.96 0.02
C PHE A 34 5.08 -3.34 -0.93
N VAL A 35 6.30 -3.12 -0.52
CA VAL A 35 7.45 -3.45 -1.41
C VAL A 35 7.38 -4.92 -1.85
N ASP A 36 6.59 -5.72 -1.18
CA ASP A 36 6.48 -7.15 -1.56
C ASP A 36 5.45 -7.33 -2.68
N LEU A 37 4.73 -6.28 -3.01
CA LEU A 37 3.73 -6.38 -4.10
C LEU A 37 4.41 -6.52 -5.46
N SER A 38 3.77 -7.14 -6.40
CA SER A 38 4.39 -7.30 -7.75
C SER A 38 4.23 -6.00 -8.55
N ASP A 39 4.92 -5.88 -9.65
CA ASP A 39 4.80 -4.65 -10.47
C ASP A 39 3.46 -4.63 -11.21
N SER A 40 2.66 -5.65 -11.04
CA SER A 40 1.34 -5.69 -11.73
C SER A 40 0.21 -5.51 -10.72
N PHE A 41 0.52 -5.36 -9.46
CA PHE A 41 -0.55 -5.17 -8.44
C PHE A 41 -1.37 -3.92 -8.77
N MET A 42 -2.66 -3.99 -8.62
CA MET A 42 -3.51 -2.81 -8.92
C MET A 42 -4.30 -2.40 -7.68
N CYS A 43 -4.53 -1.13 -7.51
CA CYS A 43 -5.28 -0.65 -6.31
C CYS A 43 -6.64 -1.35 -6.25
N PRO A 44 -6.96 -1.86 -5.10
CA PRO A 44 -8.25 -2.55 -4.92
C PRO A 44 -9.39 -1.52 -4.87
N ALA A 45 -9.04 -0.27 -4.72
CA ALA A 45 -10.07 0.80 -4.66
C ALA A 45 -10.28 1.45 -6.03
N CYS A 46 -9.25 2.02 -6.58
CA CYS A 46 -9.40 2.69 -7.92
C CYS A 46 -8.77 1.84 -9.03
N ARG A 47 -8.30 0.67 -8.71
CA ARG A 47 -7.69 -0.23 -9.75
C ARG A 47 -6.46 0.39 -10.40
N SER A 48 -5.87 1.38 -9.80
CA SER A 48 -4.65 2.00 -10.41
C SER A 48 -3.48 1.02 -10.33
N PRO A 49 -2.44 1.31 -11.05
CA PRO A 49 -1.25 0.44 -11.06
C PRO A 49 -0.48 0.59 -9.74
N LYS A 50 0.07 -0.48 -9.22
CA LYS A 50 0.83 -0.40 -7.95
C LYS A 50 1.83 0.76 -8.01
N ASN A 51 2.27 1.10 -9.20
CA ASN A 51 3.24 2.24 -9.32
C ASN A 51 2.58 3.53 -8.87
N GLN A 52 1.29 3.52 -8.68
CA GLN A 52 0.58 4.75 -8.23
C GLN A 52 0.55 4.79 -6.70
N PHE A 53 1.06 3.77 -6.06
CA PHE A 53 1.05 3.75 -4.57
C PHE A 53 2.31 4.44 -4.03
N LYS A 54 2.17 5.22 -2.99
CA LYS A 54 3.35 5.90 -2.41
C LYS A 54 3.37 5.72 -0.89
N SER A 55 4.53 5.65 -0.29
CA SER A 55 4.58 5.47 1.18
C SER A 55 4.42 6.82 1.89
N ILE A 56 4.18 6.78 3.17
CA ILE A 56 4.00 8.05 3.93
C ILE A 56 5.07 8.16 5.01
N LYS A 57 5.32 7.09 5.73
CA LYS A 57 6.36 7.12 6.80
C LYS A 57 6.32 8.45 7.55
N LYS A 58 5.32 8.67 8.37
CA LYS A 58 5.24 9.96 9.11
C LYS A 58 5.61 9.74 10.59
N VAL A 59 6.35 10.65 11.16
CA VAL A 59 6.75 10.50 12.58
C VAL A 59 7.60 11.69 13.03
N ILE A 60 7.28 12.29 14.14
CA ILE A 60 8.06 13.46 14.61
C ILE A 60 9.09 13.01 15.67
N MET A 1 0.66 11.56 12.84
CA MET A 1 1.55 11.15 13.96
C MET A 1 2.78 10.41 13.41
N GLU A 2 3.67 10.01 14.27
CA GLU A 2 4.88 9.28 13.80
C GLU A 2 4.57 7.80 13.60
N ILE A 3 4.49 7.35 12.37
CA ILE A 3 4.19 5.92 12.12
C ILE A 3 4.91 5.45 10.85
N ASP A 4 5.36 4.21 10.84
CA ASP A 4 6.07 3.70 9.64
C ASP A 4 6.08 2.16 9.65
N GLU A 5 5.81 1.55 8.53
CA GLU A 5 5.80 0.06 8.48
C GLU A 5 5.37 -0.42 7.09
N GLY A 6 5.66 0.34 6.06
CA GLY A 6 5.25 -0.08 4.68
C GLY A 6 3.85 0.46 4.37
N LYS A 7 3.51 1.59 4.93
CA LYS A 7 2.16 2.18 4.65
C LYS A 7 2.21 3.03 3.39
N TYR A 8 1.37 2.75 2.43
CA TYR A 8 1.38 3.56 1.17
C TYR A 8 0.00 4.17 0.92
N GLU A 9 -0.03 5.28 0.23
CA GLU A 9 -1.34 5.93 -0.08
C GLU A 9 -1.46 6.14 -1.60
N CYS A 10 -2.63 5.94 -2.15
CA CYS A 10 -2.81 6.13 -3.62
C CYS A 10 -2.90 7.60 -3.96
N GLU A 11 -1.98 8.12 -4.72
CA GLU A 11 -2.07 9.55 -5.10
C GLU A 11 -3.28 9.73 -6.02
N ALA A 12 -3.77 8.66 -6.58
CA ALA A 12 -4.94 8.74 -7.49
C ALA A 12 -6.25 8.72 -6.69
N CYS A 13 -6.49 7.68 -5.92
CA CYS A 13 -7.76 7.63 -5.15
C CYS A 13 -7.49 7.81 -3.64
N GLY A 14 -6.25 7.90 -3.26
CA GLY A 14 -5.93 8.13 -1.82
C GLY A 14 -6.01 6.83 -1.00
N TYR A 15 -6.22 5.72 -1.64
CA TYR A 15 -6.32 4.44 -0.88
C TYR A 15 -5.04 4.22 -0.08
N ILE A 16 -5.15 3.67 1.09
CA ILE A 16 -3.94 3.44 1.92
C ILE A 16 -3.70 1.94 2.12
N TYR A 17 -2.66 1.41 1.54
CA TYR A 17 -2.38 -0.04 1.72
C TYR A 17 -1.68 -0.27 3.06
N GLU A 18 -2.23 -1.10 3.89
CA GLU A 18 -1.60 -1.36 5.22
C GLU A 18 -0.97 -2.75 5.24
N PRO A 19 0.33 -2.77 5.40
CA PRO A 19 1.07 -4.05 5.45
C PRO A 19 0.78 -4.79 6.76
N GLU A 20 0.41 -4.07 7.78
CA GLU A 20 0.10 -4.73 9.08
C GLU A 20 -1.24 -5.47 8.99
N LYS A 21 -1.97 -5.26 7.94
CA LYS A 21 -3.29 -5.95 7.79
C LYS A 21 -3.24 -6.92 6.61
N GLY A 22 -2.68 -6.50 5.50
CA GLY A 22 -2.60 -7.39 4.32
C GLY A 22 -3.47 -6.83 3.18
N ASP A 23 -3.20 -7.24 1.98
CA ASP A 23 -4.00 -6.75 0.82
C ASP A 23 -5.26 -7.61 0.66
N LYS A 24 -6.04 -7.72 1.70
CA LYS A 24 -7.28 -8.54 1.61
C LYS A 24 -7.98 -8.34 0.26
N PHE A 25 -8.20 -7.11 -0.11
CA PHE A 25 -8.86 -6.83 -1.40
C PHE A 25 -8.17 -7.59 -2.54
N ALA A 26 -6.87 -7.65 -2.51
CA ALA A 26 -6.13 -8.36 -3.59
C ALA A 26 -5.95 -9.84 -3.22
N GLY A 27 -5.15 -10.12 -2.23
CA GLY A 27 -4.94 -11.53 -1.82
C GLY A 27 -3.59 -11.67 -1.11
N ILE A 28 -3.36 -10.88 -0.11
CA ILE A 28 -2.06 -10.96 0.63
C ILE A 28 -2.32 -11.04 2.14
N PRO A 29 -1.50 -11.80 2.81
CA PRO A 29 -1.63 -11.97 4.28
C PRO A 29 -1.22 -10.68 5.00
N PRO A 30 -1.56 -10.62 6.26
CA PRO A 30 -1.23 -9.43 7.09
C PRO A 30 0.26 -9.38 7.39
N GLY A 31 0.75 -8.24 7.78
CA GLY A 31 2.20 -8.10 8.08
C GLY A 31 3.00 -8.10 6.78
N THR A 32 2.33 -7.94 5.67
CA THR A 32 3.05 -7.94 4.36
C THR A 32 3.38 -6.50 3.94
N PRO A 33 4.65 -6.25 3.75
CA PRO A 33 5.10 -4.89 3.35
C PRO A 33 4.72 -4.60 1.90
N PHE A 34 4.32 -3.39 1.61
CA PHE A 34 3.93 -3.04 0.21
C PHE A 34 5.09 -3.36 -0.75
N VAL A 35 6.28 -3.50 -0.21
CA VAL A 35 7.44 -3.81 -1.09
C VAL A 35 7.32 -5.25 -1.60
N ASP A 36 6.42 -6.01 -1.03
CA ASP A 36 6.24 -7.42 -1.48
C ASP A 36 5.22 -7.49 -2.62
N LEU A 37 4.59 -6.40 -2.94
CA LEU A 37 3.58 -6.41 -4.04
C LEU A 37 4.30 -6.49 -5.40
N SER A 38 3.73 -7.18 -6.35
CA SER A 38 4.38 -7.28 -7.68
C SER A 38 4.21 -5.98 -8.45
N ASP A 39 5.02 -5.74 -9.45
CA ASP A 39 4.89 -4.49 -10.24
C ASP A 39 3.53 -4.43 -10.93
N SER A 40 2.81 -5.52 -10.94
CA SER A 40 1.48 -5.53 -11.60
C SER A 40 0.37 -5.36 -10.56
N PHE A 41 0.71 -5.14 -9.32
CA PHE A 41 -0.33 -4.96 -8.28
C PHE A 41 -1.21 -3.77 -8.62
N MET A 42 -2.51 -3.90 -8.48
CA MET A 42 -3.41 -2.76 -8.81
C MET A 42 -4.20 -2.36 -7.56
N CYS A 43 -4.49 -1.10 -7.41
CA CYS A 43 -5.24 -0.63 -6.23
C CYS A 43 -6.56 -1.39 -6.11
N PRO A 44 -6.83 -1.88 -4.92
CA PRO A 44 -8.09 -2.61 -4.68
C PRO A 44 -9.27 -1.63 -4.66
N ALA A 45 -8.97 -0.36 -4.60
CA ALA A 45 -10.06 0.65 -4.57
C ALA A 45 -10.28 1.25 -5.97
N CYS A 46 -9.33 1.96 -6.48
CA CYS A 46 -9.50 2.58 -7.83
C CYS A 46 -8.88 1.70 -8.93
N ARG A 47 -8.34 0.57 -8.57
CA ARG A 47 -7.75 -0.35 -9.60
C ARG A 47 -6.56 0.30 -10.32
N SER A 48 -5.94 1.28 -9.73
CA SER A 48 -4.76 1.92 -10.41
C SER A 48 -3.54 1.00 -10.31
N PRO A 49 -2.53 1.34 -11.06
CA PRO A 49 -1.28 0.54 -11.06
C PRO A 49 -0.50 0.77 -9.76
N LYS A 50 0.10 -0.25 -9.23
CA LYS A 50 0.90 -0.09 -7.96
C LYS A 50 1.85 1.09 -8.11
N ASN A 51 2.30 1.37 -9.30
CA ASN A 51 3.24 2.51 -9.48
C ASN A 51 2.55 3.82 -9.09
N GLN A 52 1.27 3.79 -8.90
CA GLN A 52 0.54 5.03 -8.50
C GLN A 52 0.51 5.14 -6.98
N PHE A 53 1.06 4.16 -6.29
CA PHE A 53 1.05 4.22 -4.80
C PHE A 53 2.24 5.03 -4.29
N LYS A 54 2.03 5.86 -3.31
CA LYS A 54 3.13 6.67 -2.75
C LYS A 54 3.25 6.36 -1.26
N SER A 55 4.44 6.20 -0.75
CA SER A 55 4.57 5.89 0.70
C SER A 55 4.58 7.18 1.52
N ILE A 56 4.58 7.02 2.81
CA ILE A 56 4.60 8.23 3.70
C ILE A 56 5.67 8.08 4.77
N LYS A 57 5.76 6.93 5.38
CA LYS A 57 6.79 6.72 6.44
C LYS A 57 6.89 7.95 7.33
N LYS A 58 5.89 8.18 8.15
CA LYS A 58 5.93 9.37 9.05
C LYS A 58 6.71 9.04 10.33
N VAL A 59 7.37 10.01 10.91
CA VAL A 59 8.14 9.76 12.16
C VAL A 59 8.77 11.06 12.66
N ILE A 60 7.96 12.05 12.96
CA ILE A 60 8.51 13.34 13.46
C ILE A 60 8.84 13.23 14.95
N MET A 1 -0.47 13.04 11.25
CA MET A 1 -0.01 11.93 10.37
C MET A 1 1.38 11.45 10.81
N GLU A 2 1.50 10.94 11.99
CA GLU A 2 2.83 10.46 12.47
C GLU A 2 2.81 8.93 12.63
N ILE A 3 3.09 8.22 11.57
CA ILE A 3 3.10 6.73 11.65
C ILE A 3 4.01 6.14 10.57
N ASP A 4 4.66 5.05 10.87
CA ASP A 4 5.56 4.43 9.84
C ASP A 4 5.54 2.91 9.97
N GLU A 5 5.31 2.22 8.88
CA GLU A 5 5.28 0.73 8.93
C GLU A 5 4.97 0.15 7.54
N GLY A 6 5.37 0.85 6.50
CA GLY A 6 5.10 0.35 5.12
C GLY A 6 3.69 0.78 4.70
N LYS A 7 3.23 1.88 5.22
CA LYS A 7 1.87 2.37 4.85
C LYS A 7 1.94 3.08 3.50
N TYR A 8 1.17 2.63 2.54
CA TYR A 8 1.21 3.29 1.21
C TYR A 8 -0.15 3.94 0.89
N GLU A 9 -0.14 5.12 0.34
CA GLU A 9 -1.42 5.79 -0.01
C GLU A 9 -1.50 6.01 -1.52
N CYS A 10 -2.65 5.81 -2.11
CA CYS A 10 -2.78 6.01 -3.58
C CYS A 10 -2.84 7.49 -3.92
N GLU A 11 -1.88 8.01 -4.62
CA GLU A 11 -1.94 9.45 -4.98
C GLU A 11 -3.12 9.66 -5.93
N ALA A 12 -3.62 8.59 -6.50
CA ALA A 12 -4.77 8.70 -7.44
C ALA A 12 -6.10 8.70 -6.68
N CYS A 13 -6.38 7.64 -5.94
CA CYS A 13 -7.68 7.61 -5.20
C CYS A 13 -7.45 7.77 -3.69
N GLY A 14 -6.21 7.84 -3.26
CA GLY A 14 -5.92 8.04 -1.81
C GLY A 14 -6.04 6.74 -1.02
N TYR A 15 -6.24 5.63 -1.68
CA TYR A 15 -6.37 4.35 -0.93
C TYR A 15 -5.11 4.11 -0.10
N ILE A 16 -5.26 3.56 1.06
CA ILE A 16 -4.07 3.31 1.92
C ILE A 16 -3.83 1.80 2.11
N TYR A 17 -2.75 1.30 1.57
CA TYR A 17 -2.46 -0.16 1.72
C TYR A 17 -1.82 -0.40 3.09
N GLU A 18 -2.38 -1.27 3.88
CA GLU A 18 -1.80 -1.55 5.22
C GLU A 18 -0.98 -2.85 5.19
N PRO A 19 0.29 -2.72 5.45
CA PRO A 19 1.19 -3.90 5.46
C PRO A 19 0.90 -4.76 6.69
N GLU A 20 0.58 -4.15 7.79
CA GLU A 20 0.27 -4.93 9.03
C GLU A 20 -1.07 -5.67 8.84
N LYS A 21 -1.78 -5.36 7.79
CA LYS A 21 -3.09 -6.04 7.55
C LYS A 21 -3.01 -6.82 6.23
N GLY A 22 -2.06 -6.51 5.41
CA GLY A 22 -1.92 -7.24 4.11
C GLY A 22 -2.86 -6.63 3.07
N ASP A 23 -2.75 -7.05 1.85
CA ASP A 23 -3.65 -6.52 0.78
C ASP A 23 -4.97 -7.30 0.77
N LYS A 24 -5.59 -7.44 1.92
CA LYS A 24 -6.87 -8.19 1.99
C LYS A 24 -7.75 -7.86 0.77
N PHE A 25 -8.07 -6.62 0.59
CA PHE A 25 -8.91 -6.24 -0.58
C PHE A 25 -8.43 -6.95 -1.85
N ALA A 26 -7.15 -7.18 -1.95
CA ALA A 26 -6.61 -7.86 -3.17
C ALA A 26 -6.51 -9.36 -2.93
N GLY A 27 -5.71 -9.76 -1.99
CA GLY A 27 -5.55 -11.22 -1.69
C GLY A 27 -4.15 -11.48 -1.14
N ILE A 28 -3.75 -10.75 -0.14
CA ILE A 28 -2.39 -10.96 0.44
C ILE A 28 -2.49 -11.05 1.96
N PRO A 29 -1.62 -11.85 2.54
CA PRO A 29 -1.61 -12.02 4.01
C PRO A 29 -1.11 -10.75 4.68
N PRO A 30 -1.51 -10.57 5.92
CA PRO A 30 -1.11 -9.38 6.69
C PRO A 30 0.38 -9.44 7.05
N GLY A 31 0.94 -8.34 7.47
CA GLY A 31 2.38 -8.33 7.83
C GLY A 31 3.23 -8.24 6.56
N THR A 32 2.60 -7.99 5.45
CA THR A 32 3.37 -7.90 4.17
C THR A 32 3.56 -6.43 3.76
N PRO A 33 4.79 -6.06 3.56
CA PRO A 33 5.11 -4.67 3.16
C PRO A 33 4.71 -4.42 1.70
N PHE A 34 4.20 -3.25 1.41
CA PHE A 34 3.79 -2.94 0.01
C PHE A 34 4.93 -3.26 -0.96
N VAL A 35 6.14 -2.96 -0.58
CA VAL A 35 7.30 -3.25 -1.46
C VAL A 35 7.30 -4.72 -1.86
N ASP A 36 6.58 -5.55 -1.16
CA ASP A 36 6.55 -7.00 -1.50
C ASP A 36 5.52 -7.26 -2.59
N LEU A 37 4.75 -6.27 -2.95
CA LEU A 37 3.72 -6.47 -4.02
C LEU A 37 4.41 -6.59 -5.37
N SER A 38 3.78 -7.23 -6.32
CA SER A 38 4.39 -7.38 -7.68
C SER A 38 4.23 -6.08 -8.46
N ASP A 39 4.97 -5.92 -9.53
CA ASP A 39 4.85 -4.69 -10.34
C ASP A 39 3.49 -4.64 -11.05
N SER A 40 2.73 -5.69 -10.94
CA SER A 40 1.39 -5.70 -11.61
C SER A 40 0.28 -5.48 -10.58
N PHE A 41 0.64 -5.29 -9.34
CA PHE A 41 -0.40 -5.07 -8.30
C PHE A 41 -1.24 -3.85 -8.65
N MET A 42 -2.54 -3.95 -8.55
CA MET A 42 -3.41 -2.78 -8.89
C MET A 42 -4.25 -2.39 -7.67
N CYS A 43 -4.55 -1.14 -7.51
CA CYS A 43 -5.37 -0.69 -6.35
C CYS A 43 -6.70 -1.44 -6.32
N PRO A 44 -7.00 -2.01 -5.19
CA PRO A 44 -8.27 -2.73 -5.03
C PRO A 44 -9.43 -1.73 -5.01
N ALA A 45 -9.11 -0.46 -4.90
CA ALA A 45 -10.18 0.58 -4.86
C ALA A 45 -10.34 1.23 -6.23
N CYS A 46 -9.35 1.97 -6.67
CA CYS A 46 -9.46 2.64 -8.00
C CYS A 46 -8.81 1.79 -9.11
N ARG A 47 -8.31 0.63 -8.77
CA ARG A 47 -7.70 -0.26 -9.81
C ARG A 47 -6.47 0.40 -10.45
N SER A 48 -5.83 1.31 -9.79
CA SER A 48 -4.62 1.96 -10.38
C SER A 48 -3.42 1.01 -10.30
N PRO A 49 -2.43 1.27 -11.10
CA PRO A 49 -1.22 0.42 -11.11
C PRO A 49 -0.42 0.62 -9.82
N LYS A 50 0.19 -0.41 -9.31
CA LYS A 50 0.98 -0.28 -8.06
C LYS A 50 1.93 0.92 -8.15
N ASN A 51 2.33 1.28 -9.33
CA ASN A 51 3.26 2.43 -9.48
C ASN A 51 2.58 3.72 -9.01
N GLN A 52 1.29 3.66 -8.79
CA GLN A 52 0.58 4.89 -8.31
C GLN A 52 0.53 4.88 -6.78
N PHE A 53 1.09 3.87 -6.16
CA PHE A 53 1.07 3.81 -4.67
C PHE A 53 2.31 4.51 -4.09
N LYS A 54 2.14 5.25 -3.04
CA LYS A 54 3.30 5.93 -2.41
C LYS A 54 3.33 5.62 -0.91
N SER A 55 4.50 5.47 -0.34
CA SER A 55 4.57 5.16 1.12
C SER A 55 4.42 6.43 1.95
N ILE A 56 4.21 6.26 3.23
CA ILE A 56 4.06 7.44 4.13
C ILE A 56 4.73 7.17 5.48
N LYS A 57 6.02 7.37 5.55
CA LYS A 57 6.73 7.12 6.83
C LYS A 57 7.11 8.46 7.49
N LYS A 58 6.14 9.21 7.90
CA LYS A 58 6.43 10.52 8.55
C LYS A 58 6.06 10.48 10.04
N VAL A 59 6.63 11.34 10.83
CA VAL A 59 6.32 11.34 12.28
C VAL A 59 6.14 12.77 12.78
N ILE A 60 5.24 13.52 12.17
CA ILE A 60 5.02 14.92 12.61
C ILE A 60 3.55 15.29 12.46
N MET A 1 5.46 14.75 15.32
CA MET A 1 4.90 13.37 15.36
C MET A 1 5.85 12.38 14.70
N GLU A 2 5.36 11.24 14.31
CA GLU A 2 6.24 10.23 13.65
C GLU A 2 5.46 8.95 13.35
N ILE A 3 5.30 8.63 12.10
CA ILE A 3 4.55 7.39 11.73
C ILE A 3 5.23 6.67 10.57
N ASP A 4 5.39 5.38 10.66
CA ASP A 4 6.05 4.63 9.56
C ASP A 4 5.77 3.13 9.70
N GLU A 5 5.29 2.50 8.65
CA GLU A 5 4.99 1.05 8.72
C GLU A 5 4.58 0.53 7.34
N GLY A 6 5.46 0.61 6.38
CA GLY A 6 5.11 0.12 5.01
C GLY A 6 3.72 0.64 4.62
N LYS A 7 3.32 1.76 5.16
CA LYS A 7 1.98 2.32 4.81
C LYS A 7 2.05 3.08 3.48
N TYR A 8 1.29 2.67 2.51
CA TYR A 8 1.32 3.37 1.20
C TYR A 8 -0.03 4.03 0.90
N GLU A 9 -0.02 5.17 0.28
CA GLU A 9 -1.30 5.87 -0.05
C GLU A 9 -1.41 6.08 -1.55
N CYS A 10 -2.56 5.88 -2.12
CA CYS A 10 -2.73 6.08 -3.59
C CYS A 10 -2.80 7.56 -3.93
N GLU A 11 -1.86 8.08 -4.67
CA GLU A 11 -1.94 9.52 -5.03
C GLU A 11 -3.13 9.73 -5.96
N ALA A 12 -3.63 8.66 -6.52
CA ALA A 12 -4.80 8.76 -7.45
C ALA A 12 -6.11 8.75 -6.66
N CYS A 13 -6.37 7.70 -5.91
CA CYS A 13 -7.64 7.65 -5.14
C CYS A 13 -7.39 7.82 -3.64
N GLY A 14 -6.15 7.90 -3.23
CA GLY A 14 -5.84 8.12 -1.78
C GLY A 14 -5.96 6.81 -0.99
N TYR A 15 -6.17 5.71 -1.65
CA TYR A 15 -6.29 4.42 -0.92
C TYR A 15 -5.03 4.19 -0.08
N ILE A 16 -5.18 3.63 1.09
CA ILE A 16 -4.00 3.40 1.96
C ILE A 16 -3.77 1.90 2.15
N TYR A 17 -2.70 1.37 1.61
CA TYR A 17 -2.42 -0.08 1.77
C TYR A 17 -1.76 -0.33 3.14
N GLU A 18 -2.35 -1.15 3.95
CA GLU A 18 -1.76 -1.43 5.29
C GLU A 18 -1.03 -2.78 5.28
N PRO A 19 0.26 -2.73 5.50
CA PRO A 19 1.07 -3.96 5.52
C PRO A 19 0.76 -4.78 6.78
N GLU A 20 0.43 -4.13 7.86
CA GLU A 20 0.12 -4.86 9.11
C GLU A 20 -1.21 -5.61 8.97
N LYS A 21 -1.89 -5.42 7.87
CA LYS A 21 -3.19 -6.13 7.67
C LYS A 21 -3.12 -7.01 6.42
N GLY A 22 -2.48 -6.54 5.39
CA GLY A 22 -2.37 -7.35 4.14
C GLY A 22 -3.29 -6.78 3.07
N ASP A 23 -3.13 -7.22 1.85
CA ASP A 23 -4.00 -6.72 0.75
C ASP A 23 -5.29 -7.55 0.70
N LYS A 24 -6.01 -7.60 1.79
CA LYS A 24 -7.28 -8.39 1.82
C LYS A 24 -8.05 -8.22 0.51
N PHE A 25 -8.40 -7.01 0.18
CA PHE A 25 -9.16 -6.77 -1.08
C PHE A 25 -8.50 -7.51 -2.25
N ALA A 26 -7.21 -7.64 -2.23
CA ALA A 26 -6.52 -8.34 -3.35
C ALA A 26 -6.34 -9.82 -3.01
N GLY A 27 -5.57 -10.12 -2.01
CA GLY A 27 -5.37 -11.54 -1.61
C GLY A 27 -3.97 -11.71 -1.02
N ILE A 28 -3.63 -10.92 -0.04
CA ILE A 28 -2.28 -11.03 0.58
C ILE A 28 -2.42 -11.09 2.11
N PRO A 29 -1.56 -11.86 2.72
CA PRO A 29 -1.57 -12.01 4.19
C PRO A 29 -1.09 -10.73 4.86
N PRO A 30 -1.40 -10.60 6.14
CA PRO A 30 -0.99 -9.40 6.90
C PRO A 30 0.51 -9.42 7.17
N GLY A 31 1.06 -8.29 7.53
CA GLY A 31 2.52 -8.22 7.81
C GLY A 31 3.29 -8.19 6.49
N THR A 32 2.61 -7.92 5.41
CA THR A 32 3.31 -7.87 4.08
C THR A 32 3.56 -6.42 3.67
N PRO A 33 4.81 -6.12 3.42
CA PRO A 33 5.20 -4.75 3.01
C PRO A 33 4.74 -4.46 1.57
N PHE A 34 4.26 -3.27 1.32
CA PHE A 34 3.81 -2.93 -0.06
C PHE A 34 4.92 -3.22 -1.08
N VAL A 35 6.14 -2.92 -0.73
CA VAL A 35 7.27 -3.16 -1.67
C VAL A 35 7.26 -4.63 -2.13
N ASP A 36 6.59 -5.48 -1.41
CA ASP A 36 6.55 -6.92 -1.81
C ASP A 36 5.44 -7.16 -2.83
N LEU A 37 4.63 -6.18 -3.08
CA LEU A 37 3.53 -6.35 -4.07
C LEU A 37 4.09 -6.40 -5.50
N SER A 38 3.84 -7.46 -6.21
CA SER A 38 4.35 -7.57 -7.60
C SER A 38 4.19 -6.24 -8.34
N ASP A 39 4.99 -6.00 -9.34
CA ASP A 39 4.88 -4.72 -10.09
C ASP A 39 3.53 -4.65 -10.82
N SER A 40 2.79 -5.72 -10.84
CA SER A 40 1.48 -5.72 -11.53
C SER A 40 0.35 -5.49 -10.52
N PHE A 41 0.68 -5.26 -9.28
CA PHE A 41 -0.38 -5.04 -8.25
C PHE A 41 -1.23 -3.83 -8.63
N MET A 42 -2.53 -3.95 -8.50
CA MET A 42 -3.41 -2.79 -8.84
C MET A 42 -4.22 -2.38 -7.62
N CYS A 43 -4.49 -1.11 -7.47
CA CYS A 43 -5.27 -0.64 -6.29
C CYS A 43 -6.59 -1.40 -6.20
N PRO A 44 -6.88 -1.89 -5.02
CA PRO A 44 -8.14 -2.62 -4.80
C PRO A 44 -9.31 -1.63 -4.81
N ALA A 45 -9.02 -0.36 -4.71
CA ALA A 45 -10.10 0.66 -4.70
C ALA A 45 -10.28 1.29 -6.08
N CYS A 46 -9.30 2.00 -6.55
CA CYS A 46 -9.44 2.65 -7.89
C CYS A 46 -8.80 1.78 -9.00
N ARG A 47 -8.30 0.62 -8.66
CA ARG A 47 -7.69 -0.27 -9.68
C ARG A 47 -6.48 0.37 -10.37
N SER A 48 -5.85 1.33 -9.74
CA SER A 48 -4.66 1.97 -10.37
C SER A 48 -3.46 1.02 -10.29
N PRO A 49 -2.44 1.36 -11.04
CA PRO A 49 -1.21 0.53 -11.05
C PRO A 49 -0.42 0.71 -9.75
N LYS A 50 0.18 -0.34 -9.25
CA LYS A 50 0.96 -0.21 -7.99
C LYS A 50 1.94 0.96 -8.07
N ASN A 51 2.40 1.28 -9.25
CA ASN A 51 3.34 2.43 -9.38
C ASN A 51 2.66 3.72 -8.95
N GLN A 52 1.37 3.69 -8.79
CA GLN A 52 0.64 4.92 -8.35
C GLN A 52 0.60 4.98 -6.82
N PHE A 53 1.12 3.97 -6.17
CA PHE A 53 1.11 3.97 -4.68
C PHE A 53 2.34 4.70 -4.13
N LYS A 54 2.16 5.47 -3.10
CA LYS A 54 3.32 6.21 -2.50
C LYS A 54 3.44 5.84 -1.02
N SER A 55 4.63 5.67 -0.52
CA SER A 55 4.76 5.30 0.91
C SER A 55 4.70 6.53 1.81
N ILE A 56 4.58 6.31 3.08
CA ILE A 56 4.51 7.44 4.05
C ILE A 56 5.08 7.00 5.40
N LYS A 57 6.36 7.11 5.59
CA LYS A 57 6.97 6.70 6.88
C LYS A 57 8.05 7.70 7.31
N LYS A 58 7.64 8.79 7.89
CA LYS A 58 8.64 9.82 8.34
C LYS A 58 8.00 10.77 9.35
N VAL A 59 8.80 11.56 10.02
CA VAL A 59 8.25 12.50 11.03
C VAL A 59 7.47 13.62 10.33
N ILE A 60 6.25 13.84 10.73
CA ILE A 60 5.44 14.92 10.09
C ILE A 60 4.63 15.67 11.15
N MET A 1 2.73 13.37 12.17
CA MET A 1 4.10 13.93 12.14
C MET A 1 5.12 12.82 11.88
N GLU A 2 5.18 11.84 12.74
CA GLU A 2 6.15 10.73 12.54
C GLU A 2 5.41 9.39 12.46
N ILE A 3 5.39 8.78 11.31
CA ILE A 3 4.69 7.47 11.17
C ILE A 3 5.25 6.70 9.97
N ASP A 4 5.67 5.47 10.19
CA ASP A 4 6.21 4.67 9.06
C ASP A 4 5.94 3.19 9.28
N GLU A 5 5.46 2.50 8.29
CA GLU A 5 5.16 1.05 8.44
C GLU A 5 4.75 0.45 7.09
N GLY A 6 5.63 0.48 6.13
CA GLY A 6 5.29 -0.09 4.80
C GLY A 6 3.88 0.35 4.40
N LYS A 7 3.44 1.47 4.90
CA LYS A 7 2.07 1.96 4.55
C LYS A 7 2.15 2.82 3.29
N TYR A 8 1.29 2.56 2.33
CA TYR A 8 1.31 3.36 1.08
C TYR A 8 -0.05 3.99 0.81
N GLU A 9 -0.08 5.15 0.20
CA GLU A 9 -1.38 5.81 -0.10
C GLU A 9 -1.49 6.06 -1.61
N CYS A 10 -2.67 5.92 -2.16
CA CYS A 10 -2.83 6.14 -3.62
C CYS A 10 -2.92 7.63 -3.93
N GLU A 11 -1.96 8.16 -4.65
CA GLU A 11 -2.05 9.61 -4.99
C GLU A 11 -3.22 9.80 -5.96
N ALA A 12 -3.71 8.73 -6.53
CA ALA A 12 -4.85 8.82 -7.48
C ALA A 12 -6.18 8.81 -6.72
N CYS A 13 -6.47 7.76 -5.99
CA CYS A 13 -7.76 7.71 -5.26
C CYS A 13 -7.55 7.88 -3.75
N GLY A 14 -6.31 7.94 -3.31
CA GLY A 14 -6.03 8.16 -1.86
C GLY A 14 -6.11 6.86 -1.07
N TYR A 15 -6.33 5.75 -1.72
CA TYR A 15 -6.42 4.47 -0.97
C TYR A 15 -5.21 4.35 -0.04
N ILE A 16 -5.20 3.36 0.80
CA ILE A 16 -4.05 3.20 1.74
C ILE A 16 -3.76 1.71 1.98
N TYR A 17 -2.69 1.20 1.46
CA TYR A 17 -2.36 -0.23 1.68
C TYR A 17 -1.68 -0.41 3.04
N GLU A 18 -2.17 -1.33 3.84
CA GLU A 18 -1.55 -1.54 5.19
C GLU A 18 -0.86 -2.90 5.23
N PRO A 19 0.43 -2.88 5.44
CA PRO A 19 1.21 -4.13 5.52
C PRO A 19 0.90 -4.88 6.82
N GLU A 20 0.55 -4.17 7.84
CA GLU A 20 0.24 -4.84 9.14
C GLU A 20 -1.10 -5.58 9.03
N LYS A 21 -1.83 -5.35 7.98
CA LYS A 21 -3.14 -6.04 7.81
C LYS A 21 -3.09 -6.96 6.59
N GLY A 22 -2.46 -6.53 5.53
CA GLY A 22 -2.38 -7.38 4.31
C GLY A 22 -3.27 -6.79 3.22
N ASP A 23 -3.08 -7.24 2.00
CA ASP A 23 -3.93 -6.72 0.88
C ASP A 23 -5.22 -7.53 0.79
N LYS A 24 -5.96 -7.60 1.87
CA LYS A 24 -7.24 -8.38 1.87
C LYS A 24 -7.99 -8.16 0.55
N PHE A 25 -8.24 -6.93 0.21
CA PHE A 25 -8.98 -6.64 -1.06
C PHE A 25 -8.35 -7.40 -2.22
N ALA A 26 -7.05 -7.53 -2.23
CA ALA A 26 -6.38 -8.24 -3.35
C ALA A 26 -6.24 -9.73 -3.01
N GLY A 27 -5.44 -10.05 -2.03
CA GLY A 27 -5.26 -11.48 -1.65
C GLY A 27 -3.89 -11.67 -1.00
N ILE A 28 -3.59 -10.90 0.01
CA ILE A 28 -2.27 -11.04 0.69
C ILE A 28 -2.46 -11.07 2.22
N PRO A 29 -1.67 -11.89 2.85
CA PRO A 29 -1.77 -12.02 4.33
C PRO A 29 -1.23 -10.76 5.01
N PRO A 30 -1.53 -10.63 6.28
CA PRO A 30 -1.09 -9.45 7.06
C PRO A 30 0.42 -9.49 7.31
N GLY A 31 0.99 -8.39 7.67
CA GLY A 31 2.45 -8.35 7.94
C GLY A 31 3.21 -8.32 6.61
N THR A 32 2.53 -8.09 5.53
CA THR A 32 3.22 -8.04 4.20
C THR A 32 3.50 -6.59 3.81
N PRO A 33 4.74 -6.30 3.56
CA PRO A 33 5.14 -4.92 3.17
C PRO A 33 4.72 -4.63 1.73
N PHE A 34 4.31 -3.42 1.46
CA PHE A 34 3.87 -3.06 0.08
C PHE A 34 5.02 -3.33 -0.91
N VAL A 35 6.21 -3.50 -0.42
CA VAL A 35 7.35 -3.77 -1.33
C VAL A 35 7.22 -5.18 -1.92
N ASP A 36 6.55 -6.05 -1.23
CA ASP A 36 6.37 -7.44 -1.75
C ASP A 36 5.26 -7.48 -2.79
N LEU A 37 4.57 -6.39 -3.01
CA LEU A 37 3.47 -6.39 -4.02
C LEU A 37 4.07 -6.38 -5.43
N SER A 38 3.84 -7.42 -6.18
CA SER A 38 4.38 -7.49 -7.56
C SER A 38 4.24 -6.13 -8.25
N ASP A 39 5.11 -5.84 -9.18
CA ASP A 39 5.02 -4.53 -9.90
C ASP A 39 3.68 -4.43 -10.64
N SER A 40 2.97 -5.51 -10.76
CA SER A 40 1.67 -5.47 -11.47
C SER A 40 0.51 -5.31 -10.47
N PHE A 41 0.82 -5.07 -9.23
CA PHE A 41 -0.25 -4.90 -8.22
C PHE A 41 -1.14 -3.71 -8.59
N MET A 42 -2.43 -3.83 -8.45
CA MET A 42 -3.33 -2.70 -8.80
C MET A 42 -4.15 -2.28 -7.57
N CYS A 43 -4.46 -1.02 -7.46
CA CYS A 43 -5.26 -0.56 -6.28
C CYS A 43 -6.57 -1.32 -6.19
N PRO A 44 -6.86 -1.80 -5.02
CA PRO A 44 -8.12 -2.55 -4.80
C PRO A 44 -9.30 -1.57 -4.81
N ALA A 45 -9.02 -0.29 -4.75
CA ALA A 45 -10.11 0.72 -4.76
C ALA A 45 -10.30 1.31 -6.16
N CYS A 46 -9.34 2.05 -6.63
CA CYS A 46 -9.47 2.68 -7.98
C CYS A 46 -8.84 1.79 -9.07
N ARG A 47 -8.32 0.65 -8.69
CA ARG A 47 -7.70 -0.27 -9.70
C ARG A 47 -6.51 0.37 -10.42
N SER A 48 -5.87 1.32 -9.82
CA SER A 48 -4.70 1.96 -10.48
C SER A 48 -3.47 1.05 -10.35
N PRO A 49 -2.45 1.38 -11.10
CA PRO A 49 -1.20 0.57 -11.07
C PRO A 49 -0.44 0.81 -9.77
N LYS A 50 0.13 -0.22 -9.21
CA LYS A 50 0.90 -0.05 -7.93
C LYS A 50 1.86 1.12 -8.05
N ASN A 51 2.29 1.42 -9.25
CA ASN A 51 3.23 2.56 -9.44
C ASN A 51 2.56 3.87 -9.03
N GLN A 52 1.27 3.84 -8.83
CA GLN A 52 0.55 5.07 -8.42
C GLN A 52 0.50 5.16 -6.89
N PHE A 53 1.05 4.18 -6.22
CA PHE A 53 1.04 4.21 -4.73
C PHE A 53 2.24 4.98 -4.19
N LYS A 54 2.02 5.79 -3.19
CA LYS A 54 3.15 6.56 -2.59
C LYS A 54 3.27 6.17 -1.12
N SER A 55 4.45 5.96 -0.63
CA SER A 55 4.58 5.56 0.80
C SER A 55 4.59 6.80 1.69
N ILE A 56 4.55 6.57 2.97
CA ILE A 56 4.56 7.70 3.94
C ILE A 56 5.40 7.34 5.16
N LYS A 57 6.66 7.06 4.96
CA LYS A 57 7.55 6.70 6.10
C LYS A 57 8.04 7.97 6.81
N LYS A 58 7.13 8.81 7.23
CA LYS A 58 7.55 10.06 7.93
C LYS A 58 8.05 9.74 9.34
N VAL A 59 9.14 10.34 9.74
CA VAL A 59 9.69 10.06 11.10
C VAL A 59 10.70 11.14 11.49
N ILE A 60 10.30 12.38 11.47
CA ILE A 60 11.23 13.47 11.84
C ILE A 60 10.51 14.54 12.67
N MET A 1 0.66 11.73 12.89
CA MET A 1 1.75 12.71 13.17
C MET A 1 3.07 11.98 13.42
N GLU A 2 3.02 10.69 13.60
CA GLU A 2 4.27 9.91 13.85
C GLU A 2 3.99 8.41 13.74
N ILE A 3 3.98 7.88 12.53
CA ILE A 3 3.71 6.43 12.36
C ILE A 3 4.34 5.94 11.05
N ASP A 4 5.13 4.90 11.12
CA ASP A 4 5.76 4.37 9.88
C ASP A 4 5.64 2.85 9.84
N GLU A 5 5.30 2.30 8.71
CA GLU A 5 5.15 0.81 8.61
C GLU A 5 4.67 0.41 7.22
N GLY A 6 5.50 0.58 6.22
CA GLY A 6 5.08 0.19 4.84
C GLY A 6 3.70 0.79 4.53
N LYS A 7 3.37 1.89 5.13
CA LYS A 7 2.04 2.52 4.86
C LYS A 7 2.09 3.26 3.53
N TYR A 8 1.29 2.85 2.57
CA TYR A 8 1.31 3.54 1.25
C TYR A 8 -0.06 4.15 0.95
N GLU A 9 -0.06 5.31 0.34
CA GLU A 9 -1.36 5.96 0.00
C GLU A 9 -1.45 6.16 -1.52
N CYS A 10 -2.60 5.93 -2.09
CA CYS A 10 -2.73 6.10 -3.57
C CYS A 10 -2.80 7.57 -3.94
N GLU A 11 -1.84 8.08 -4.68
CA GLU A 11 -1.91 9.50 -5.07
C GLU A 11 -3.11 9.70 -6.00
N ALA A 12 -3.60 8.63 -6.55
CA ALA A 12 -4.76 8.73 -7.48
C ALA A 12 -6.08 8.73 -6.70
N CYS A 13 -6.35 7.70 -5.94
CA CYS A 13 -7.63 7.67 -5.18
C CYS A 13 -7.39 7.85 -3.67
N GLY A 14 -6.15 7.93 -3.26
CA GLY A 14 -5.85 8.17 -1.81
C GLY A 14 -5.96 6.87 -1.00
N TYR A 15 -6.18 5.76 -1.64
CA TYR A 15 -6.30 4.49 -0.88
C TYR A 15 -5.04 4.25 -0.05
N ILE A 16 -5.18 3.71 1.12
CA ILE A 16 -3.99 3.48 1.97
C ILE A 16 -3.75 1.98 2.16
N TYR A 17 -2.68 1.47 1.62
CA TYR A 17 -2.40 0.01 1.80
C TYR A 17 -1.72 -0.22 3.15
N GLU A 18 -2.23 -1.13 3.93
CA GLU A 18 -1.63 -1.41 5.25
C GLU A 18 -0.94 -2.78 5.25
N PRO A 19 0.36 -2.76 5.44
CA PRO A 19 1.13 -4.02 5.45
C PRO A 19 0.82 -4.81 6.73
N GLU A 20 0.48 -4.14 7.78
CA GLU A 20 0.16 -4.84 9.07
C GLU A 20 -1.17 -5.59 8.92
N LYS A 21 -1.85 -5.40 7.82
CA LYS A 21 -3.16 -6.10 7.63
C LYS A 21 -3.09 -7.01 6.39
N GLY A 22 -2.45 -6.55 5.35
CA GLY A 22 -2.36 -7.38 4.13
C GLY A 22 -3.26 -6.80 3.03
N ASP A 23 -3.08 -7.24 1.81
CA ASP A 23 -3.94 -6.74 0.70
C ASP A 23 -5.23 -7.56 0.64
N LYS A 24 -5.95 -7.63 1.72
CA LYS A 24 -7.22 -8.43 1.73
C LYS A 24 -7.98 -8.23 0.42
N PHE A 25 -8.29 -7.01 0.09
CA PHE A 25 -9.04 -6.74 -1.16
C PHE A 25 -8.42 -7.51 -2.34
N ALA A 26 -7.12 -7.67 -2.32
CA ALA A 26 -6.46 -8.41 -3.43
C ALA A 26 -6.29 -9.89 -3.07
N GLY A 27 -5.50 -10.18 -2.07
CA GLY A 27 -5.30 -11.59 -1.67
C GLY A 27 -3.90 -11.75 -1.06
N ILE A 28 -3.57 -10.95 -0.09
CA ILE A 28 -2.22 -11.06 0.55
C ILE A 28 -2.36 -11.14 2.06
N PRO A 29 -1.49 -11.90 2.68
CA PRO A 29 -1.52 -12.06 4.15
C PRO A 29 -1.07 -10.77 4.83
N PRO A 30 -1.42 -10.65 6.09
CA PRO A 30 -1.05 -9.45 6.88
C PRO A 30 0.44 -9.44 7.18
N GLY A 31 0.97 -8.31 7.57
CA GLY A 31 2.41 -8.22 7.88
C GLY A 31 3.21 -8.17 6.57
N THR A 32 2.57 -7.90 5.47
CA THR A 32 3.29 -7.84 4.17
C THR A 32 3.52 -6.38 3.76
N PRO A 33 4.75 -6.05 3.53
CA PRO A 33 5.11 -4.67 3.12
C PRO A 33 4.70 -4.41 1.66
N PHE A 34 4.19 -3.25 1.37
CA PHE A 34 3.77 -2.94 -0.02
C PHE A 34 4.91 -3.27 -0.99
N VAL A 35 6.11 -2.97 -0.62
CA VAL A 35 7.27 -3.27 -1.53
C VAL A 35 7.27 -4.75 -1.91
N ASP A 36 6.55 -5.57 -1.19
CA ASP A 36 6.52 -7.02 -1.53
C ASP A 36 5.47 -7.29 -2.60
N LEU A 37 4.69 -6.29 -2.95
CA LEU A 37 3.64 -6.50 -4.00
C LEU A 37 4.31 -6.64 -5.37
N SER A 38 3.64 -7.28 -6.29
CA SER A 38 4.23 -7.44 -7.65
C SER A 38 4.09 -6.14 -8.44
N ASP A 39 4.92 -5.93 -9.43
CA ASP A 39 4.84 -4.68 -10.23
C ASP A 39 3.49 -4.60 -10.94
N SER A 40 2.74 -5.68 -10.94
CA SER A 40 1.40 -5.66 -11.62
C SER A 40 0.29 -5.46 -10.59
N PHE A 41 0.63 -5.26 -9.35
CA PHE A 41 -0.42 -5.07 -8.31
C PHE A 41 -1.27 -3.85 -8.66
N MET A 42 -2.57 -3.95 -8.53
CA MET A 42 -3.44 -2.79 -8.84
C MET A 42 -4.24 -2.37 -7.60
N CYS A 43 -4.50 -1.11 -7.45
CA CYS A 43 -5.27 -0.64 -6.27
C CYS A 43 -6.61 -1.36 -6.18
N PRO A 44 -6.90 -1.87 -5.02
CA PRO A 44 -8.18 -2.59 -4.81
C PRO A 44 -9.33 -1.58 -4.79
N ALA A 45 -9.01 -0.31 -4.70
CA ALA A 45 -10.07 0.73 -4.66
C ALA A 45 -10.27 1.35 -6.04
N CYS A 46 -9.26 2.02 -6.55
CA CYS A 46 -9.41 2.67 -7.89
C CYS A 46 -8.79 1.80 -9.00
N ARG A 47 -8.31 0.63 -8.65
CA ARG A 47 -7.71 -0.27 -9.68
C ARG A 47 -6.49 0.36 -10.37
N SER A 48 -5.87 1.32 -9.77
CA SER A 48 -4.67 1.95 -10.40
C SER A 48 -3.48 0.99 -10.31
N PRO A 49 -2.45 1.31 -11.05
CA PRO A 49 -1.23 0.46 -11.05
C PRO A 49 -0.46 0.65 -9.74
N LYS A 50 0.12 -0.41 -9.23
CA LYS A 50 0.89 -0.28 -7.95
C LYS A 50 1.86 0.89 -8.05
N ASN A 51 2.30 1.22 -9.24
CA ASN A 51 3.24 2.35 -9.41
C ASN A 51 2.58 3.65 -8.95
N GLN A 52 1.29 3.62 -8.75
CA GLN A 52 0.58 4.86 -8.29
C GLN A 52 0.55 4.89 -6.77
N PHE A 53 1.09 3.89 -6.12
CA PHE A 53 1.08 3.87 -4.63
C PHE A 53 2.33 4.57 -4.10
N LYS A 54 2.19 5.33 -3.05
CA LYS A 54 3.36 6.03 -2.46
C LYS A 54 3.40 5.80 -0.95
N SER A 55 4.56 5.71 -0.37
CA SER A 55 4.64 5.49 1.10
C SER A 55 4.49 6.81 1.84
N ILE A 56 4.28 6.73 3.13
CA ILE A 56 4.13 7.98 3.93
C ILE A 56 5.29 8.13 4.91
N LYS A 57 5.66 7.08 5.58
CA LYS A 57 6.79 7.14 6.55
C LYS A 57 6.78 8.48 7.30
N LYS A 58 5.94 8.62 8.28
CA LYS A 58 5.89 9.90 9.05
C LYS A 58 6.36 9.68 10.49
N VAL A 59 7.59 10.01 10.78
CA VAL A 59 8.09 9.82 12.17
C VAL A 59 8.75 11.11 12.68
N ILE A 60 7.97 12.03 13.16
CA ILE A 60 8.54 13.31 13.67
C ILE A 60 7.85 13.72 14.97
N MET A 1 -4.18 3.54 9.94
CA MET A 1 -4.60 4.92 10.31
C MET A 1 -3.41 5.70 10.86
N GLU A 2 -2.47 5.04 11.45
CA GLU A 2 -1.29 5.74 12.01
C GLU A 2 -0.21 4.74 12.43
N ILE A 3 0.90 4.72 11.75
CA ILE A 3 1.98 3.76 12.11
C ILE A 3 3.16 3.89 11.14
N ASP A 4 4.24 3.22 11.43
CA ASP A 4 5.43 3.30 10.53
C ASP A 4 5.87 1.89 10.13
N GLU A 5 6.03 1.66 8.85
CA GLU A 5 6.46 0.31 8.38
C GLU A 5 6.32 0.21 6.86
N GLY A 6 5.12 0.16 6.38
CA GLY A 6 4.91 0.06 4.91
C GLY A 6 3.54 0.64 4.55
N LYS A 7 3.19 1.75 5.14
CA LYS A 7 1.87 2.36 4.83
C LYS A 7 1.95 3.11 3.50
N TYR A 8 1.17 2.71 2.53
CA TYR A 8 1.22 3.41 1.21
C TYR A 8 -0.14 4.05 0.89
N GLU A 9 -0.13 5.24 0.35
CA GLU A 9 -1.41 5.92 0.00
C GLU A 9 -1.48 6.12 -1.52
N CYS A 10 -2.63 5.91 -2.11
CA CYS A 10 -2.76 6.08 -3.59
C CYS A 10 -2.82 7.57 -3.93
N GLU A 11 -1.88 8.07 -4.67
CA GLU A 11 -1.94 9.50 -5.05
C GLU A 11 -3.12 9.70 -6.01
N ALA A 12 -3.62 8.63 -6.56
CA ALA A 12 -4.77 8.74 -7.50
C ALA A 12 -6.09 8.73 -6.72
N CYS A 13 -6.36 7.69 -5.98
CA CYS A 13 -7.65 7.65 -5.22
C CYS A 13 -7.41 7.82 -3.71
N GLY A 14 -6.18 7.91 -3.30
CA GLY A 14 -5.89 8.14 -1.84
C GLY A 14 -6.03 6.85 -1.04
N TYR A 15 -6.21 5.73 -1.68
CA TYR A 15 -6.35 4.46 -0.92
C TYR A 15 -5.09 4.22 -0.09
N ILE A 16 -5.26 3.70 1.09
CA ILE A 16 -4.07 3.47 1.96
C ILE A 16 -3.85 1.97 2.17
N TYR A 17 -2.75 1.45 1.69
CA TYR A 17 -2.47 0.00 1.87
C TYR A 17 -1.83 -0.23 3.24
N GLU A 18 -2.30 -1.20 3.98
CA GLU A 18 -1.73 -1.47 5.31
C GLU A 18 -0.97 -2.80 5.30
N PRO A 19 0.31 -2.71 5.59
CA PRO A 19 1.16 -3.94 5.63
C PRO A 19 0.81 -4.80 6.84
N GLU A 20 0.46 -4.17 7.93
CA GLU A 20 0.10 -4.96 9.14
C GLU A 20 -1.23 -5.68 8.94
N LYS A 21 -1.89 -5.41 7.84
CA LYS A 21 -3.20 -6.09 7.58
C LYS A 21 -3.10 -6.93 6.30
N GLY A 22 -2.38 -6.46 5.33
CA GLY A 22 -2.25 -7.23 4.06
C GLY A 22 -3.18 -6.66 3.00
N ASP A 23 -3.05 -7.12 1.79
CA ASP A 23 -3.93 -6.63 0.69
C ASP A 23 -5.24 -7.41 0.68
N LYS A 24 -5.96 -7.40 1.78
CA LYS A 24 -7.25 -8.16 1.85
C LYS A 24 -8.00 -8.08 0.52
N PHE A 25 -8.38 -6.90 0.12
CA PHE A 25 -9.12 -6.75 -1.16
C PHE A 25 -8.47 -7.61 -2.25
N ALA A 26 -7.20 -7.86 -2.15
CA ALA A 26 -6.52 -8.68 -3.18
C ALA A 26 -6.35 -10.13 -2.69
N GLY A 27 -5.69 -10.31 -1.58
CA GLY A 27 -5.50 -11.70 -1.06
C GLY A 27 -4.16 -11.81 -0.32
N ILE A 28 -3.33 -10.80 -0.38
CA ILE A 28 -2.01 -10.87 0.32
C ILE A 28 -2.24 -10.95 1.84
N PRO A 29 -1.42 -11.73 2.49
CA PRO A 29 -1.52 -11.91 3.95
C PRO A 29 -1.07 -10.64 4.68
N PRO A 30 -1.45 -10.55 5.93
CA PRO A 30 -1.08 -9.37 6.75
C PRO A 30 0.39 -9.41 7.12
N GLY A 31 0.93 -8.31 7.56
CA GLY A 31 2.38 -8.27 7.94
C GLY A 31 3.22 -8.20 6.67
N THR A 32 2.63 -7.91 5.55
CA THR A 32 3.41 -7.83 4.28
C THR A 32 3.58 -6.36 3.86
N PRO A 33 4.81 -5.98 3.64
CA PRO A 33 5.11 -4.59 3.24
C PRO A 33 4.68 -4.35 1.78
N PHE A 34 4.16 -3.19 1.50
CA PHE A 34 3.73 -2.88 0.10
C PHE A 34 4.86 -3.16 -0.88
N VAL A 35 6.07 -2.85 -0.50
CA VAL A 35 7.22 -3.08 -1.41
C VAL A 35 7.25 -4.56 -1.84
N ASP A 36 6.57 -5.41 -1.12
CA ASP A 36 6.55 -6.85 -1.49
C ASP A 36 5.51 -7.11 -2.58
N LEU A 37 4.74 -6.11 -2.93
CA LEU A 37 3.70 -6.31 -3.99
C LEU A 37 4.38 -6.46 -5.35
N SER A 38 3.72 -7.09 -6.28
CA SER A 38 4.33 -7.26 -7.63
C SER A 38 4.18 -5.98 -8.44
N ASP A 39 4.95 -5.83 -9.50
CA ASP A 39 4.84 -4.59 -10.31
C ASP A 39 3.52 -4.57 -11.07
N SER A 40 2.74 -5.61 -10.97
CA SER A 40 1.43 -5.64 -11.68
C SER A 40 0.28 -5.47 -10.69
N PHE A 41 0.59 -5.30 -9.43
CA PHE A 41 -0.51 -5.12 -8.42
C PHE A 41 -1.33 -3.87 -8.76
N MET A 42 -2.63 -3.96 -8.68
CA MET A 42 -3.47 -2.78 -8.98
C MET A 42 -4.29 -2.39 -7.75
N CYS A 43 -4.53 -1.12 -7.57
CA CYS A 43 -5.32 -0.67 -6.40
C CYS A 43 -6.67 -1.39 -6.36
N PRO A 44 -6.98 -1.94 -5.22
CA PRO A 44 -8.27 -2.66 -5.05
C PRO A 44 -9.42 -1.64 -5.04
N ALA A 45 -9.09 -0.39 -4.89
CA ALA A 45 -10.16 0.66 -4.85
C ALA A 45 -10.31 1.33 -6.22
N CYS A 46 -9.29 1.99 -6.69
CA CYS A 46 -9.40 2.68 -8.01
C CYS A 46 -8.75 1.83 -9.12
N ARG A 47 -8.29 0.65 -8.80
CA ARG A 47 -7.67 -0.23 -9.85
C ARG A 47 -6.44 0.42 -10.49
N SER A 48 -5.82 1.36 -9.84
CA SER A 48 -4.60 1.99 -10.43
C SER A 48 -3.42 1.02 -10.34
N PRO A 49 -2.38 1.34 -11.06
CA PRO A 49 -1.15 0.49 -11.06
C PRO A 49 -0.41 0.64 -9.73
N LYS A 50 0.16 -0.42 -9.22
CA LYS A 50 0.90 -0.33 -7.94
C LYS A 50 1.89 0.84 -8.00
N ASN A 51 2.31 1.21 -9.18
CA ASN A 51 3.27 2.35 -9.31
C ASN A 51 2.58 3.64 -8.88
N GLN A 52 1.29 3.61 -8.71
CA GLN A 52 0.56 4.84 -8.28
C GLN A 52 0.51 4.88 -6.75
N PHE A 53 1.03 3.87 -6.11
CA PHE A 53 1.01 3.87 -4.62
C PHE A 53 2.27 4.55 -4.07
N LYS A 54 2.13 5.30 -3.02
CA LYS A 54 3.31 5.99 -2.42
C LYS A 54 3.35 5.73 -0.92
N SER A 55 4.52 5.62 -0.35
CA SER A 55 4.60 5.37 1.12
C SER A 55 4.45 6.67 1.90
N ILE A 56 4.21 6.56 3.18
CA ILE A 56 4.06 7.78 4.01
C ILE A 56 4.76 7.59 5.37
N LYS A 57 4.69 6.40 5.91
CA LYS A 57 5.35 6.13 7.22
C LYS A 57 5.14 7.32 8.18
N LYS A 58 4.03 7.37 8.84
CA LYS A 58 3.77 8.49 9.78
C LYS A 58 2.51 8.23 10.60
N VAL A 59 2.34 8.93 11.68
CA VAL A 59 1.12 8.73 12.52
C VAL A 59 0.48 10.08 12.86
N ILE A 60 -0.82 10.14 12.89
CA ILE A 60 -1.51 11.43 13.21
C ILE A 60 -1.65 11.59 14.73
N MET A 1 3.69 9.61 14.59
CA MET A 1 4.62 10.62 15.17
C MET A 1 6.02 10.45 14.56
N GLU A 2 6.53 9.25 14.54
CA GLU A 2 7.89 9.03 13.97
C GLU A 2 8.11 7.54 13.67
N ILE A 3 7.41 7.02 12.70
CA ILE A 3 7.57 5.57 12.37
C ILE A 3 7.09 5.30 10.94
N ASP A 4 7.82 4.51 10.20
CA ASP A 4 7.38 4.21 8.80
C ASP A 4 7.64 2.75 8.47
N GLU A 5 6.62 2.03 8.08
CA GLU A 5 6.80 0.60 7.72
C GLU A 5 6.39 0.37 6.27
N GLY A 6 5.14 0.09 6.04
CA GLY A 6 4.68 -0.14 4.63
C GLY A 6 3.34 0.56 4.41
N LYS A 7 3.12 1.67 5.07
CA LYS A 7 1.83 2.40 4.89
C LYS A 7 1.86 3.14 3.56
N TYR A 8 1.07 2.71 2.61
CA TYR A 8 1.07 3.38 1.28
C TYR A 8 -0.31 3.95 0.94
N GLU A 9 -0.35 5.13 0.39
CA GLU A 9 -1.65 5.74 0.01
C GLU A 9 -1.68 5.99 -1.50
N CYS A 10 -2.82 5.85 -2.12
CA CYS A 10 -2.89 6.07 -3.58
C CYS A 10 -2.94 7.57 -3.90
N GLU A 11 -1.94 8.08 -4.55
CA GLU A 11 -1.99 9.53 -4.89
C GLU A 11 -3.11 9.76 -5.90
N ALA A 12 -3.58 8.70 -6.50
CA ALA A 12 -4.69 8.82 -7.49
C ALA A 12 -6.05 8.83 -6.79
N CYS A 13 -6.39 7.78 -6.09
CA CYS A 13 -7.73 7.75 -5.41
C CYS A 13 -7.58 7.90 -3.89
N GLY A 14 -6.38 7.92 -3.39
CA GLY A 14 -6.17 8.11 -1.92
C GLY A 14 -6.30 6.79 -1.16
N TYR A 15 -6.50 5.70 -1.85
CA TYR A 15 -6.63 4.40 -1.14
C TYR A 15 -5.45 4.23 -0.17
N ILE A 16 -5.46 3.23 0.64
CA ILE A 16 -4.34 3.04 1.61
C ILE A 16 -4.03 1.56 1.81
N TYR A 17 -2.78 1.19 1.75
CA TYR A 17 -2.40 -0.24 1.94
C TYR A 17 -1.76 -0.42 3.32
N GLU A 18 -2.18 -1.41 4.05
CA GLU A 18 -1.60 -1.63 5.40
C GLU A 18 -0.82 -2.95 5.44
N PRO A 19 0.44 -2.85 5.73
CA PRO A 19 1.30 -4.07 5.80
C PRO A 19 0.93 -4.91 7.03
N GLU A 20 0.57 -4.27 8.10
CA GLU A 20 0.19 -5.04 9.33
C GLU A 20 -1.13 -5.77 9.09
N LYS A 21 -1.80 -5.47 8.00
CA LYS A 21 -3.09 -6.15 7.71
C LYS A 21 -2.97 -6.96 6.42
N GLY A 22 -2.15 -6.52 5.52
CA GLY A 22 -1.98 -7.28 4.24
C GLY A 22 -2.86 -6.66 3.15
N ASP A 23 -2.70 -7.10 1.93
CA ASP A 23 -3.53 -6.56 0.83
C ASP A 23 -4.85 -7.32 0.76
N LYS A 24 -5.54 -7.43 1.86
CA LYS A 24 -6.84 -8.17 1.87
C LYS A 24 -7.64 -7.85 0.61
N PHE A 25 -7.91 -6.60 0.38
CA PHE A 25 -8.69 -6.21 -0.83
C PHE A 25 -8.16 -6.96 -2.07
N ALA A 26 -6.88 -7.22 -2.11
CA ALA A 26 -6.31 -7.94 -3.28
C ALA A 26 -6.23 -9.44 -3.00
N GLY A 27 -5.46 -9.82 -2.01
CA GLY A 27 -5.34 -11.27 -1.68
C GLY A 27 -3.96 -11.54 -1.07
N ILE A 28 -3.59 -10.80 -0.06
CA ILE A 28 -2.26 -11.01 0.57
C ILE A 28 -2.40 -11.08 2.09
N PRO A 29 -1.58 -11.90 2.69
CA PRO A 29 -1.62 -12.06 4.17
C PRO A 29 -1.11 -10.80 4.86
N PRO A 30 -1.47 -10.66 6.11
CA PRO A 30 -1.04 -9.48 6.90
C PRO A 30 0.45 -9.56 7.24
N GLY A 31 1.03 -8.45 7.64
CA GLY A 31 2.47 -8.44 7.98
C GLY A 31 3.31 -8.36 6.70
N THR A 32 2.69 -8.04 5.60
CA THR A 32 3.43 -7.94 4.32
C THR A 32 3.59 -6.48 3.90
N PRO A 33 4.81 -6.08 3.67
CA PRO A 33 5.09 -4.68 3.26
C PRO A 33 4.66 -4.45 1.80
N PHE A 34 4.14 -3.29 1.52
CA PHE A 34 3.70 -2.99 0.12
C PHE A 34 4.83 -3.32 -0.86
N VAL A 35 6.04 -3.00 -0.51
CA VAL A 35 7.18 -3.28 -1.42
C VAL A 35 7.19 -4.76 -1.82
N ASP A 36 6.49 -5.58 -1.09
CA ASP A 36 6.46 -7.03 -1.43
C ASP A 36 5.40 -7.31 -2.51
N LEU A 37 4.62 -6.32 -2.86
CA LEU A 37 3.59 -6.53 -3.90
C LEU A 37 4.24 -6.70 -5.27
N SER A 38 3.58 -7.33 -6.19
CA SER A 38 4.17 -7.52 -7.54
C SER A 38 4.07 -6.21 -8.34
N ASP A 39 4.89 -6.05 -9.33
CA ASP A 39 4.83 -4.78 -10.14
C ASP A 39 3.49 -4.69 -10.87
N SER A 40 2.71 -5.74 -10.85
CA SER A 40 1.38 -5.70 -11.54
C SER A 40 0.26 -5.46 -10.52
N PHE A 41 0.61 -5.28 -9.27
CA PHE A 41 -0.46 -5.04 -8.25
C PHE A 41 -1.28 -3.81 -8.64
N MET A 42 -2.58 -3.91 -8.58
CA MET A 42 -3.42 -2.73 -8.95
C MET A 42 -4.26 -2.30 -7.74
N CYS A 43 -4.53 -1.03 -7.62
CA CYS A 43 -5.35 -0.55 -6.47
C CYS A 43 -6.71 -1.23 -6.47
N PRO A 44 -7.06 -1.79 -5.35
CA PRO A 44 -8.37 -2.47 -5.22
C PRO A 44 -9.49 -1.43 -5.20
N ALA A 45 -9.13 -0.18 -5.08
CA ALA A 45 -10.16 0.91 -5.05
C ALA A 45 -10.32 1.53 -6.44
N CYS A 46 -9.29 2.14 -6.95
CA CYS A 46 -9.39 2.79 -8.28
C CYS A 46 -8.73 1.92 -9.36
N ARG A 47 -8.26 0.75 -9.00
CA ARG A 47 -7.64 -0.17 -10.01
C ARG A 47 -6.38 0.45 -10.65
N SER A 48 -5.78 1.42 -10.01
CA SER A 48 -4.55 2.02 -10.59
C SER A 48 -3.36 1.06 -10.45
N PRO A 49 -2.32 1.34 -11.17
CA PRO A 49 -1.11 0.49 -11.11
C PRO A 49 -0.38 0.67 -9.78
N LYS A 50 0.16 -0.38 -9.22
CA LYS A 50 0.89 -0.25 -7.93
C LYS A 50 1.86 0.93 -7.99
N ASN A 51 2.28 1.30 -9.17
CA ASN A 51 3.22 2.45 -9.29
C ASN A 51 2.54 3.74 -8.84
N GLN A 52 1.26 3.70 -8.64
CA GLN A 52 0.54 4.92 -8.18
C GLN A 52 0.47 4.94 -6.65
N PHE A 53 0.99 3.92 -6.02
CA PHE A 53 0.96 3.87 -4.53
C PHE A 53 2.19 4.56 -3.95
N LYS A 54 2.01 5.33 -2.91
CA LYS A 54 3.17 6.02 -2.28
C LYS A 54 3.15 5.79 -0.76
N SER A 55 4.29 5.70 -0.15
CA SER A 55 4.31 5.47 1.33
C SER A 55 4.07 6.78 2.08
N ILE A 56 3.76 6.70 3.34
CA ILE A 56 3.50 7.94 4.13
C ILE A 56 4.66 8.22 5.07
N LYS A 57 5.15 7.23 5.75
CA LYS A 57 6.28 7.45 6.70
C LYS A 57 5.94 8.58 7.66
N LYS A 58 5.40 8.25 8.81
CA LYS A 58 5.05 9.31 9.79
C LYS A 58 6.30 9.80 10.52
N VAL A 59 7.27 10.29 9.80
CA VAL A 59 8.52 10.77 10.45
C VAL A 59 8.66 12.28 10.27
N ILE A 60 8.83 13.01 11.34
CA ILE A 60 8.97 14.49 11.23
C ILE A 60 10.15 14.97 12.07
N MET A 1 2.80 11.56 13.69
CA MET A 1 4.10 12.21 14.03
C MET A 1 5.14 11.15 14.39
N GLU A 2 6.32 11.25 13.83
CA GLU A 2 7.38 10.25 14.15
C GLU A 2 6.87 8.84 13.88
N ILE A 3 6.40 8.58 12.69
CA ILE A 3 5.89 7.21 12.37
C ILE A 3 6.36 6.78 10.98
N ASP A 4 6.48 5.50 10.75
CA ASP A 4 6.94 5.03 9.42
C ASP A 4 6.78 3.51 9.30
N GLU A 5 6.41 3.02 8.15
CA GLU A 5 6.25 1.56 7.98
C GLU A 5 6.01 1.23 6.50
N GLY A 6 5.34 0.13 6.23
CA GLY A 6 5.09 -0.24 4.81
C GLY A 6 3.69 0.25 4.40
N LYS A 7 3.26 1.35 4.94
CA LYS A 7 1.91 1.88 4.59
C LYS A 7 2.01 2.77 3.34
N TYR A 8 1.18 2.52 2.36
CA TYR A 8 1.24 3.35 1.13
C TYR A 8 -0.14 3.95 0.83
N GLU A 9 -0.18 5.14 0.30
CA GLU A 9 -1.49 5.77 -0.04
C GLU A 9 -1.58 6.03 -1.55
N CYS A 10 -2.74 5.84 -2.12
CA CYS A 10 -2.88 6.08 -3.59
C CYS A 10 -2.95 7.57 -3.89
N GLU A 11 -1.96 8.10 -4.56
CA GLU A 11 -2.03 9.55 -4.90
C GLU A 11 -3.18 9.75 -5.89
N ALA A 12 -3.66 8.69 -6.48
CA ALA A 12 -4.78 8.79 -7.45
C ALA A 12 -6.12 8.79 -6.73
N CYS A 13 -6.44 7.73 -6.01
CA CYS A 13 -7.75 7.69 -5.31
C CYS A 13 -7.57 7.84 -3.80
N GLY A 14 -6.35 7.89 -3.32
CA GLY A 14 -6.12 8.08 -1.86
C GLY A 14 -6.24 6.76 -1.09
N TYR A 15 -6.45 5.68 -1.78
CA TYR A 15 -6.58 4.38 -1.07
C TYR A 15 -5.40 4.21 -0.11
N ILE A 16 -5.43 3.20 0.72
CA ILE A 16 -4.30 3.02 1.67
C ILE A 16 -3.95 1.53 1.81
N TYR A 17 -2.70 1.18 1.68
CA TYR A 17 -2.31 -0.24 1.82
C TYR A 17 -1.67 -0.47 3.19
N GLU A 18 -2.19 -1.39 3.96
CA GLU A 18 -1.62 -1.65 5.30
C GLU A 18 -0.89 -3.00 5.32
N PRO A 19 0.39 -2.95 5.55
CA PRO A 19 1.20 -4.19 5.59
C PRO A 19 0.86 -4.99 6.85
N GLU A 20 0.49 -4.33 7.91
CA GLU A 20 0.13 -5.05 9.15
C GLU A 20 -1.22 -5.75 8.98
N LYS A 21 -1.93 -5.43 7.94
CA LYS A 21 -3.25 -6.08 7.70
C LYS A 21 -3.21 -6.88 6.40
N GLY A 22 -2.20 -6.68 5.60
CA GLY A 22 -2.10 -7.43 4.32
C GLY A 22 -2.98 -6.76 3.26
N ASP A 23 -2.81 -7.15 2.03
CA ASP A 23 -3.64 -6.56 0.93
C ASP A 23 -4.96 -7.33 0.82
N LYS A 24 -5.65 -7.50 1.92
CA LYS A 24 -6.94 -8.25 1.89
C LYS A 24 -7.74 -7.88 0.64
N PHE A 25 -7.96 -6.62 0.42
CA PHE A 25 -8.73 -6.19 -0.78
C PHE A 25 -8.20 -6.92 -2.02
N ALA A 26 -6.92 -7.13 -2.10
CA ALA A 26 -6.34 -7.82 -3.29
C ALA A 26 -6.26 -9.33 -3.04
N GLY A 27 -5.46 -9.74 -2.09
CA GLY A 27 -5.33 -11.19 -1.80
C GLY A 27 -3.97 -11.46 -1.16
N ILE A 28 -3.63 -10.75 -0.13
CA ILE A 28 -2.31 -10.96 0.54
C ILE A 28 -2.51 -11.07 2.06
N PRO A 29 -1.70 -11.88 2.66
CA PRO A 29 -1.77 -12.07 4.13
C PRO A 29 -1.27 -10.82 4.86
N PRO A 30 -1.63 -10.72 6.11
CA PRO A 30 -1.22 -9.55 6.93
C PRO A 30 0.27 -9.61 7.24
N GLY A 31 0.84 -8.51 7.65
CA GLY A 31 2.28 -8.48 7.97
C GLY A 31 3.10 -8.45 6.67
N THR A 32 2.46 -8.20 5.57
CA THR A 32 3.19 -8.15 4.27
C THR A 32 3.52 -6.70 3.90
N PRO A 33 4.78 -6.45 3.67
CA PRO A 33 5.24 -5.09 3.30
C PRO A 33 4.82 -4.75 1.87
N PHE A 34 4.38 -3.54 1.64
CA PHE A 34 3.96 -3.14 0.26
C PHE A 34 5.07 -3.47 -0.73
N VAL A 35 6.29 -3.21 -0.38
CA VAL A 35 7.42 -3.51 -1.31
C VAL A 35 7.36 -4.97 -1.77
N ASP A 36 6.63 -5.79 -1.07
CA ASP A 36 6.53 -7.22 -1.49
C ASP A 36 5.46 -7.40 -2.57
N LEU A 37 4.72 -6.37 -2.86
CA LEU A 37 3.66 -6.49 -3.91
C LEU A 37 4.32 -6.62 -5.28
N SER A 38 3.65 -7.25 -6.21
CA SER A 38 4.24 -7.40 -7.58
C SER A 38 4.12 -6.09 -8.35
N ASP A 39 4.98 -5.86 -9.31
CA ASP A 39 4.90 -4.59 -10.09
C ASP A 39 3.56 -4.50 -10.81
N SER A 40 2.81 -5.57 -10.85
CA SER A 40 1.50 -5.53 -11.55
C SER A 40 0.36 -5.37 -10.54
N PHE A 41 0.67 -5.21 -9.28
CA PHE A 41 -0.41 -5.04 -8.26
C PHE A 41 -1.24 -3.81 -8.61
N MET A 42 -2.55 -3.91 -8.54
CA MET A 42 -3.40 -2.74 -8.88
C MET A 42 -4.25 -2.34 -7.66
N CYS A 43 -4.54 -1.07 -7.53
CA CYS A 43 -5.37 -0.61 -6.38
C CYS A 43 -6.72 -1.31 -6.38
N PRO A 44 -7.05 -1.89 -5.26
CA PRO A 44 -8.35 -2.59 -5.13
C PRO A 44 -9.48 -1.56 -5.10
N ALA A 45 -9.14 -0.30 -5.00
CA ALA A 45 -10.17 0.76 -4.95
C ALA A 45 -10.34 1.40 -6.33
N CYS A 46 -9.33 2.06 -6.81
CA CYS A 46 -9.44 2.71 -8.16
C CYS A 46 -8.79 1.84 -9.25
N ARG A 47 -8.29 0.69 -8.89
CA ARG A 47 -7.67 -0.21 -9.92
C ARG A 47 -6.42 0.41 -10.55
N SER A 48 -5.80 1.35 -9.91
CA SER A 48 -4.57 1.98 -10.50
C SER A 48 -3.39 1.03 -10.34
N PRO A 49 -2.33 1.32 -11.06
CA PRO A 49 -1.12 0.49 -10.98
C PRO A 49 -0.40 0.68 -9.64
N LYS A 50 0.14 -0.37 -9.08
CA LYS A 50 0.85 -0.24 -7.78
C LYS A 50 1.83 0.94 -7.84
N ASN A 51 2.31 1.26 -9.00
CA ASN A 51 3.27 2.40 -9.10
C ASN A 51 2.56 3.71 -8.74
N GLN A 52 1.26 3.66 -8.60
CA GLN A 52 0.51 4.89 -8.24
C GLN A 52 0.47 5.03 -6.72
N PHE A 53 0.95 4.05 -6.01
CA PHE A 53 0.93 4.14 -4.51
C PHE A 53 2.07 5.02 -4.00
N LYS A 54 1.78 5.91 -3.11
CA LYS A 54 2.85 6.78 -2.55
C LYS A 54 3.15 6.33 -1.13
N SER A 55 4.39 6.17 -0.79
CA SER A 55 4.74 5.71 0.59
C SER A 55 4.70 6.90 1.55
N ILE A 56 4.56 6.64 2.82
CA ILE A 56 4.50 7.76 3.80
C ILE A 56 5.86 7.92 4.52
N LYS A 57 5.96 7.54 5.76
CA LYS A 57 7.27 7.68 6.48
C LYS A 57 7.56 9.16 6.74
N LYS A 58 7.21 9.65 7.90
CA LYS A 58 7.48 11.08 8.21
C LYS A 58 7.98 11.22 9.66
N VAL A 59 8.43 12.39 10.03
CA VAL A 59 8.93 12.58 11.42
C VAL A 59 9.02 14.07 11.74
N ILE A 60 9.36 14.41 12.96
CA ILE A 60 9.48 15.85 13.34
C ILE A 60 10.94 16.30 13.21
N MET A 1 -3.38 8.16 11.33
CA MET A 1 -2.68 9.25 10.59
C MET A 1 -1.29 9.48 11.19
N GLU A 2 -0.90 8.66 12.13
CA GLU A 2 0.44 8.84 12.77
C GLU A 2 1.08 7.48 13.03
N ILE A 3 1.52 6.80 12.00
CA ILE A 3 2.15 5.47 12.20
C ILE A 3 3.01 5.11 10.98
N ASP A 4 4.22 4.69 11.20
CA ASP A 4 5.11 4.32 10.07
C ASP A 4 5.24 2.80 9.97
N GLU A 5 5.09 2.25 8.79
CA GLU A 5 5.20 0.77 8.63
C GLU A 5 4.73 0.35 7.23
N GLY A 6 5.53 0.56 6.23
CA GLY A 6 5.14 0.17 4.85
C GLY A 6 3.75 0.76 4.54
N LYS A 7 3.45 1.89 5.09
CA LYS A 7 2.12 2.53 4.82
C LYS A 7 2.17 3.31 3.51
N TYR A 8 1.37 2.93 2.55
CA TYR A 8 1.38 3.67 1.24
C TYR A 8 0.01 4.26 0.95
N GLU A 9 -0.03 5.40 0.31
CA GLU A 9 -1.35 6.03 -0.02
C GLU A 9 -1.47 6.20 -1.54
N CYS A 10 -2.62 5.96 -2.09
CA CYS A 10 -2.80 6.10 -3.56
C CYS A 10 -2.89 7.57 -3.94
N GLU A 11 -1.99 8.07 -4.74
CA GLU A 11 -2.09 9.49 -5.15
C GLU A 11 -3.31 9.66 -6.06
N ALA A 12 -3.79 8.56 -6.59
CA ALA A 12 -4.97 8.62 -7.49
C ALA A 12 -6.27 8.61 -6.68
N CYS A 13 -6.50 7.59 -5.90
CA CYS A 13 -7.76 7.55 -5.10
C CYS A 13 -7.48 7.75 -3.61
N GLY A 14 -6.24 7.88 -3.22
CA GLY A 14 -5.90 8.14 -1.78
C GLY A 14 -5.99 6.86 -0.95
N TYR A 15 -6.20 5.73 -1.57
CA TYR A 15 -6.30 4.47 -0.80
C TYR A 15 -5.02 4.26 0.00
N ILE A 16 -5.14 3.71 1.17
CA ILE A 16 -3.92 3.50 2.01
C ILE A 16 -3.66 1.99 2.19
N TYR A 17 -2.60 1.49 1.62
CA TYR A 17 -2.29 0.04 1.77
C TYR A 17 -1.58 -0.20 3.10
N GLU A 18 -2.13 -1.04 3.93
CA GLU A 18 -1.48 -1.33 5.25
C GLU A 18 -0.85 -2.72 5.24
N PRO A 19 0.44 -2.77 5.43
CA PRO A 19 1.16 -4.05 5.44
C PRO A 19 0.82 -4.85 6.70
N GLU A 20 0.42 -4.18 7.74
CA GLU A 20 0.07 -4.88 9.01
C GLU A 20 -1.25 -5.64 8.83
N LYS A 21 -2.00 -5.31 7.82
CA LYS A 21 -3.30 -6.01 7.60
C LYS A 21 -3.21 -6.90 6.35
N GLY A 22 -2.52 -6.45 5.34
CA GLY A 22 -2.38 -7.26 4.11
C GLY A 22 -3.29 -6.70 3.01
N ASP A 23 -3.07 -7.13 1.79
CA ASP A 23 -3.94 -6.64 0.67
C ASP A 23 -5.20 -7.49 0.59
N LYS A 24 -5.88 -7.67 1.69
CA LYS A 24 -7.13 -8.50 1.69
C LYS A 24 -7.94 -8.25 0.42
N PHE A 25 -8.23 -7.02 0.12
CA PHE A 25 -9.02 -6.70 -1.10
C PHE A 25 -8.43 -7.43 -2.31
N ALA A 26 -7.13 -7.55 -2.37
CA ALA A 26 -6.49 -8.24 -3.52
C ALA A 26 -6.31 -9.73 -3.21
N GLY A 27 -5.47 -10.04 -2.27
CA GLY A 27 -5.25 -11.47 -1.91
C GLY A 27 -3.87 -11.63 -1.26
N ILE A 28 -3.58 -10.86 -0.26
CA ILE A 28 -2.26 -10.96 0.43
C ILE A 28 -2.48 -11.08 1.94
N PRO A 29 -1.62 -11.84 2.57
CA PRO A 29 -1.71 -12.03 4.03
C PRO A 29 -1.29 -10.76 4.76
N PRO A 30 -1.64 -10.69 6.01
CA PRO A 30 -1.30 -9.51 6.84
C PRO A 30 0.20 -9.47 7.15
N GLY A 31 0.69 -8.33 7.55
CA GLY A 31 2.14 -8.23 7.86
C GLY A 31 2.94 -8.20 6.56
N THR A 32 2.29 -8.01 5.45
CA THR A 32 3.02 -7.98 4.15
C THR A 32 3.38 -6.54 3.77
N PRO A 33 4.65 -6.31 3.58
CA PRO A 33 5.12 -4.95 3.21
C PRO A 33 4.76 -4.63 1.75
N PHE A 34 4.38 -3.40 1.48
CA PHE A 34 4.01 -3.03 0.09
C PHE A 34 5.19 -3.36 -0.85
N VAL A 35 6.36 -3.53 -0.31
CA VAL A 35 7.53 -3.86 -1.17
C VAL A 35 7.42 -5.30 -1.67
N ASP A 36 6.50 -6.05 -1.13
CA ASP A 36 6.33 -7.47 -1.57
C ASP A 36 5.31 -7.55 -2.71
N LEU A 37 4.64 -6.48 -3.00
CA LEU A 37 3.63 -6.50 -4.10
C LEU A 37 4.33 -6.59 -5.46
N SER A 38 3.75 -7.27 -6.40
CA SER A 38 4.38 -7.38 -7.74
C SER A 38 4.21 -6.07 -8.52
N ASP A 39 5.04 -5.84 -9.49
CA ASP A 39 4.92 -4.58 -10.29
C ASP A 39 3.55 -4.50 -10.97
N SER A 40 2.84 -5.60 -11.00
CA SER A 40 1.50 -5.59 -11.66
C SER A 40 0.39 -5.44 -10.62
N PHE A 41 0.75 -5.25 -9.37
CA PHE A 41 -0.30 -5.10 -8.32
C PHE A 41 -1.20 -3.91 -8.64
N MET A 42 -2.48 -4.04 -8.43
CA MET A 42 -3.40 -2.90 -8.73
C MET A 42 -4.13 -2.47 -7.46
N CYS A 43 -4.36 -1.20 -7.31
CA CYS A 43 -5.07 -0.70 -6.10
C CYS A 43 -6.45 -1.33 -6.00
N PRO A 44 -6.71 -1.95 -4.88
CA PRO A 44 -8.03 -2.60 -4.66
C PRO A 44 -9.11 -1.54 -4.49
N ALA A 45 -8.71 -0.29 -4.38
CA ALA A 45 -9.71 0.80 -4.22
C ALA A 45 -10.08 1.38 -5.58
N CYS A 46 -9.10 1.80 -6.35
CA CYS A 46 -9.39 2.39 -7.68
C CYS A 46 -8.76 1.54 -8.80
N ARG A 47 -8.22 0.40 -8.46
CA ARG A 47 -7.62 -0.50 -9.50
C ARG A 47 -6.41 0.15 -10.19
N SER A 48 -5.89 1.21 -9.64
CA SER A 48 -4.71 1.87 -10.27
C SER A 48 -3.49 0.95 -10.20
N PRO A 49 -2.51 1.23 -11.01
CA PRO A 49 -1.27 0.40 -11.01
C PRO A 49 -0.48 0.65 -9.72
N LYS A 50 0.14 -0.38 -9.20
CA LYS A 50 0.93 -0.22 -7.94
C LYS A 50 1.89 0.97 -8.08
N ASN A 51 2.32 1.27 -9.26
CA ASN A 51 3.24 2.42 -9.45
C ASN A 51 2.54 3.71 -9.04
N GLN A 52 1.26 3.66 -8.85
CA GLN A 52 0.52 4.90 -8.44
C GLN A 52 0.51 5.01 -6.91
N PHE A 53 1.07 4.04 -6.22
CA PHE A 53 1.09 4.10 -4.74
C PHE A 53 2.26 4.95 -4.25
N LYS A 54 2.02 5.81 -3.31
CA LYS A 54 3.12 6.66 -2.76
C LYS A 54 3.24 6.38 -1.26
N SER A 55 4.43 6.28 -0.75
CA SER A 55 4.55 6.00 0.71
C SER A 55 4.58 7.30 1.49
N ILE A 56 4.58 7.19 2.78
CA ILE A 56 4.60 8.42 3.64
C ILE A 56 5.13 8.08 5.04
N LYS A 57 4.64 7.01 5.62
CA LYS A 57 5.11 6.62 6.98
C LYS A 57 5.26 7.87 7.87
N LYS A 58 4.18 8.35 8.40
CA LYS A 58 4.27 9.56 9.28
C LYS A 58 3.92 9.21 10.72
N VAL A 59 4.51 9.87 11.67
CA VAL A 59 4.22 9.57 13.10
C VAL A 59 4.47 10.81 13.96
N ILE A 60 3.85 11.91 13.63
CA ILE A 60 4.06 13.15 14.44
C ILE A 60 2.78 14.00 14.43
N MET A 1 15.22 12.16 11.50
CA MET A 1 15.51 10.97 10.64
C MET A 1 14.23 10.46 9.99
N GLU A 2 14.35 9.70 8.93
CA GLU A 2 13.14 9.16 8.25
C GLU A 2 13.05 7.65 8.43
N ILE A 3 11.87 7.10 8.30
CA ILE A 3 11.73 5.62 8.46
C ILE A 3 10.61 5.10 7.55
N ASP A 4 10.37 3.82 7.56
CA ASP A 4 9.30 3.25 6.69
C ASP A 4 8.49 2.21 7.46
N GLU A 5 7.68 1.45 6.77
CA GLU A 5 6.86 0.41 7.46
C GLU A 5 6.00 -0.34 6.44
N GLY A 6 5.64 0.30 5.36
CA GLY A 6 4.80 -0.39 4.34
C GLY A 6 3.48 0.37 4.18
N LYS A 7 3.36 1.49 4.81
CA LYS A 7 2.10 2.28 4.70
C LYS A 7 2.13 3.11 3.40
N TYR A 8 1.31 2.76 2.46
CA TYR A 8 1.30 3.52 1.17
C TYR A 8 -0.08 4.13 0.90
N GLU A 9 -0.11 5.30 0.32
CA GLU A 9 -1.40 5.95 0.01
C GLU A 9 -1.52 6.16 -1.51
N CYS A 10 -2.68 5.94 -2.07
CA CYS A 10 -2.85 6.12 -3.55
C CYS A 10 -2.95 7.60 -3.89
N GLU A 11 -2.04 8.12 -4.66
CA GLU A 11 -2.14 9.55 -5.03
C GLU A 11 -3.34 9.72 -5.98
N ALA A 12 -3.81 8.63 -6.53
CA ALA A 12 -4.98 8.70 -7.45
C ALA A 12 -6.29 8.67 -6.66
N CYS A 13 -6.52 7.64 -5.90
CA CYS A 13 -7.79 7.56 -5.13
C CYS A 13 -7.54 7.76 -3.63
N GLY A 14 -6.31 7.89 -3.23
CA GLY A 14 -6.00 8.14 -1.79
C GLY A 14 -6.09 6.84 -0.97
N TYR A 15 -6.29 5.73 -1.60
CA TYR A 15 -6.39 4.46 -0.83
C TYR A 15 -5.13 4.26 -0.01
N ILE A 16 -5.27 3.69 1.16
CA ILE A 16 -4.07 3.48 2.02
C ILE A 16 -3.82 1.99 2.22
N TYR A 17 -2.76 1.47 1.65
CA TYR A 17 -2.46 0.03 1.82
C TYR A 17 -1.77 -0.21 3.16
N GLU A 18 -2.34 -1.02 4.01
CA GLU A 18 -1.72 -1.28 5.33
C GLU A 18 -1.02 -2.66 5.32
N PRO A 19 0.25 -2.63 5.58
CA PRO A 19 1.04 -3.90 5.61
C PRO A 19 0.66 -4.73 6.83
N GLU A 20 0.23 -4.09 7.88
CA GLU A 20 -0.16 -4.85 9.11
C GLU A 20 -1.47 -5.60 8.88
N LYS A 21 -2.23 -5.21 7.88
CA LYS A 21 -3.51 -5.91 7.60
C LYS A 21 -3.37 -6.82 6.39
N GLY A 22 -2.67 -6.37 5.38
CA GLY A 22 -2.48 -7.21 4.17
C GLY A 22 -3.36 -6.69 3.04
N ASP A 23 -3.10 -7.11 1.84
CA ASP A 23 -3.92 -6.65 0.67
C ASP A 23 -5.16 -7.54 0.54
N LYS A 24 -5.89 -7.72 1.61
CA LYS A 24 -7.12 -8.58 1.56
C LYS A 24 -7.87 -8.35 0.25
N PHE A 25 -8.16 -7.13 -0.06
CA PHE A 25 -8.90 -6.83 -1.32
C PHE A 25 -8.26 -7.57 -2.50
N ALA A 26 -6.97 -7.68 -2.51
CA ALA A 26 -6.28 -8.37 -3.64
C ALA A 26 -6.09 -9.86 -3.29
N GLY A 27 -5.28 -10.15 -2.32
CA GLY A 27 -5.06 -11.57 -1.93
C GLY A 27 -3.70 -11.68 -1.21
N ILE A 28 -3.50 -10.90 -0.18
CA ILE A 28 -2.21 -10.96 0.56
C ILE A 28 -2.48 -11.04 2.07
N PRO A 29 -1.65 -11.78 2.74
CA PRO A 29 -1.79 -11.94 4.21
C PRO A 29 -1.38 -10.65 4.92
N PRO A 30 -1.74 -10.56 6.18
CA PRO A 30 -1.40 -9.37 6.98
C PRO A 30 0.09 -9.34 7.31
N GLY A 31 0.58 -8.20 7.71
CA GLY A 31 2.03 -8.08 8.05
C GLY A 31 2.85 -8.07 6.76
N THR A 32 2.20 -7.92 5.63
CA THR A 32 2.95 -7.90 4.35
C THR A 32 3.28 -6.46 3.93
N PRO A 33 4.55 -6.20 3.75
CA PRO A 33 4.99 -4.84 3.35
C PRO A 33 4.63 -4.56 1.89
N PHE A 34 4.22 -3.35 1.60
CA PHE A 34 3.84 -3.01 0.19
C PHE A 34 5.00 -3.32 -0.76
N VAL A 35 6.21 -3.06 -0.34
CA VAL A 35 7.38 -3.34 -1.22
C VAL A 35 7.35 -4.81 -1.67
N ASP A 36 6.60 -5.64 -0.99
CA ASP A 36 6.53 -7.07 -1.39
C ASP A 36 5.51 -7.28 -2.50
N LEU A 37 4.78 -6.24 -2.85
CA LEU A 37 3.77 -6.37 -3.94
C LEU A 37 4.48 -6.46 -5.30
N SER A 38 3.88 -7.12 -6.25
CA SER A 38 4.51 -7.24 -7.59
C SER A 38 4.32 -5.93 -8.36
N ASP A 39 5.14 -5.69 -9.36
CA ASP A 39 5.00 -4.43 -10.15
C ASP A 39 3.64 -4.41 -10.86
N SER A 40 2.94 -5.50 -10.87
CA SER A 40 1.62 -5.53 -11.55
C SER A 40 0.48 -5.38 -10.52
N PHE A 41 0.81 -5.17 -9.28
CA PHE A 41 -0.25 -5.01 -8.25
C PHE A 41 -1.13 -3.82 -8.59
N MET A 42 -2.42 -3.96 -8.44
CA MET A 42 -3.35 -2.83 -8.76
C MET A 42 -4.13 -2.41 -7.50
N CYS A 43 -4.42 -1.15 -7.37
CA CYS A 43 -5.18 -0.68 -6.18
C CYS A 43 -6.52 -1.42 -6.08
N PRO A 44 -6.79 -1.93 -4.91
CA PRO A 44 -8.06 -2.66 -4.68
C PRO A 44 -9.22 -1.66 -4.63
N ALA A 45 -8.92 -0.39 -4.56
CA ALA A 45 -9.99 0.64 -4.50
C ALA A 45 -10.23 1.24 -5.89
N CYS A 46 -9.24 1.87 -6.46
CA CYS A 46 -9.44 2.48 -7.80
C CYS A 46 -8.80 1.63 -8.90
N ARG A 47 -8.28 0.48 -8.55
CA ARG A 47 -7.67 -0.43 -9.58
C ARG A 47 -6.47 0.22 -10.28
N SER A 48 -5.89 1.23 -9.70
CA SER A 48 -4.71 1.88 -10.35
C SER A 48 -3.49 0.96 -10.25
N PRO A 49 -2.47 1.30 -10.98
CA PRO A 49 -1.22 0.48 -10.98
C PRO A 49 -0.46 0.70 -9.67
N LYS A 50 0.16 -0.33 -9.15
CA LYS A 50 0.92 -0.17 -7.88
C LYS A 50 1.86 1.02 -7.99
N ASN A 51 2.29 1.35 -9.18
CA ASN A 51 3.21 2.51 -9.35
C ASN A 51 2.50 3.79 -8.93
N GLN A 52 1.21 3.73 -8.74
CA GLN A 52 0.47 4.94 -8.31
C GLN A 52 0.44 5.02 -6.78
N PHE A 53 1.00 4.04 -6.12
CA PHE A 53 1.01 4.06 -4.63
C PHE A 53 2.23 4.83 -4.11
N LYS A 54 2.04 5.61 -3.10
CA LYS A 54 3.18 6.37 -2.52
C LYS A 54 3.33 6.01 -1.05
N SER A 55 4.53 5.85 -0.57
CA SER A 55 4.70 5.49 0.87
C SER A 55 4.62 6.73 1.74
N ILE A 56 4.52 6.53 3.01
CA ILE A 56 4.43 7.69 3.95
C ILE A 56 5.81 8.02 4.52
N LYS A 57 6.68 7.05 4.59
CA LYS A 57 8.05 7.31 5.13
C LYS A 57 7.96 8.06 6.46
N LYS A 58 7.88 7.33 7.55
CA LYS A 58 7.78 8.00 8.88
C LYS A 58 8.94 8.98 9.07
N VAL A 59 8.64 10.22 9.36
CA VAL A 59 9.73 11.22 9.54
C VAL A 59 9.74 11.73 10.99
N ILE A 60 10.73 11.39 11.75
CA ILE A 60 10.79 11.85 13.16
C ILE A 60 12.09 12.63 13.41
N MET A 1 6.60 2.42 13.33
CA MET A 1 8.00 2.76 13.71
C MET A 1 8.57 3.78 12.72
N GLU A 2 9.76 4.27 12.97
CA GLU A 2 10.38 5.25 12.04
C GLU A 2 10.37 4.71 10.60
N ILE A 3 10.47 5.59 9.64
CA ILE A 3 10.47 5.12 8.22
C ILE A 3 9.13 4.47 7.88
N ASP A 4 8.88 4.23 6.63
CA ASP A 4 7.59 3.60 6.23
C ASP A 4 7.64 2.09 6.49
N GLU A 5 6.70 1.56 7.22
CA GLU A 5 6.68 0.10 7.50
C GLU A 5 5.89 -0.63 6.42
N GLY A 6 5.62 0.01 5.31
CA GLY A 6 4.85 -0.65 4.23
C GLY A 6 3.51 0.07 4.05
N LYS A 7 3.33 1.18 4.70
CA LYS A 7 2.05 1.93 4.56
C LYS A 7 2.11 2.84 3.33
N TYR A 8 1.26 2.62 2.37
CA TYR A 8 1.29 3.47 1.14
C TYR A 8 -0.09 4.09 0.87
N GLU A 9 -0.11 5.26 0.30
CA GLU A 9 -1.42 5.91 -0.01
C GLU A 9 -1.52 6.13 -1.53
N CYS A 10 -2.67 5.93 -2.09
CA CYS A 10 -2.83 6.13 -3.56
C CYS A 10 -2.94 7.61 -3.89
N GLU A 11 -2.00 8.13 -4.64
CA GLU A 11 -2.09 9.57 -5.00
C GLU A 11 -3.28 9.77 -5.94
N ALA A 12 -3.76 8.69 -6.51
CA ALA A 12 -4.92 8.76 -7.44
C ALA A 12 -6.23 8.73 -6.67
N CYS A 13 -6.48 7.68 -5.92
CA CYS A 13 -7.76 7.61 -5.16
C CYS A 13 -7.53 7.78 -3.65
N GLY A 14 -6.29 7.88 -3.24
CA GLY A 14 -5.99 8.10 -1.79
C GLY A 14 -6.08 6.80 -0.99
N TYR A 15 -6.28 5.69 -1.64
CA TYR A 15 -6.37 4.40 -0.89
C TYR A 15 -5.12 4.19 -0.06
N ILE A 16 -5.26 3.63 1.10
CA ILE A 16 -4.08 3.42 1.97
C ILE A 16 -3.82 1.92 2.17
N TYR A 17 -2.75 1.42 1.63
CA TYR A 17 -2.45 -0.04 1.81
C TYR A 17 -1.79 -0.27 3.16
N GLU A 18 -2.38 -1.10 3.98
CA GLU A 18 -1.79 -1.36 5.33
C GLU A 18 -1.06 -2.71 5.33
N PRO A 19 0.22 -2.66 5.56
CA PRO A 19 1.05 -3.89 5.59
C PRO A 19 0.72 -4.71 6.84
N GLU A 20 0.35 -4.06 7.91
CA GLU A 20 0.02 -4.80 9.16
C GLU A 20 -1.32 -5.53 9.01
N LYS A 21 -2.02 -5.29 7.94
CA LYS A 21 -3.32 -5.98 7.73
C LYS A 21 -3.24 -6.92 6.53
N GLY A 22 -2.66 -6.48 5.45
CA GLY A 22 -2.55 -7.35 4.25
C GLY A 22 -3.43 -6.79 3.13
N ASP A 23 -3.21 -7.23 1.93
CA ASP A 23 -4.03 -6.75 0.79
C ASP A 23 -5.30 -7.60 0.67
N LYS A 24 -6.07 -7.67 1.73
CA LYS A 24 -7.32 -8.48 1.69
C LYS A 24 -8.04 -8.30 0.35
N PHE A 25 -8.34 -7.09 0.00
CA PHE A 25 -9.04 -6.83 -1.29
C PHE A 25 -8.36 -7.59 -2.43
N ALA A 26 -7.06 -7.71 -2.38
CA ALA A 26 -6.34 -8.43 -3.47
C ALA A 26 -6.17 -9.91 -3.11
N GLY A 27 -5.41 -10.18 -2.08
CA GLY A 27 -5.20 -11.60 -1.67
C GLY A 27 -3.82 -11.73 -1.00
N ILE A 28 -3.56 -10.95 0.00
CA ILE A 28 -2.24 -11.03 0.69
C ILE A 28 -2.45 -11.07 2.21
N PRO A 29 -1.61 -11.82 2.87
CA PRO A 29 -1.70 -11.96 4.34
C PRO A 29 -1.25 -10.67 5.02
N PRO A 30 -1.56 -10.56 6.28
CA PRO A 30 -1.18 -9.35 7.06
C PRO A 30 0.32 -9.33 7.34
N GLY A 31 0.84 -8.19 7.69
CA GLY A 31 2.30 -8.10 7.98
C GLY A 31 3.07 -8.07 6.66
N THR A 32 2.39 -7.84 5.56
CA THR A 32 3.09 -7.81 4.24
C THR A 32 3.39 -6.37 3.84
N PRO A 33 4.65 -6.10 3.61
CA PRO A 33 5.09 -4.75 3.20
C PRO A 33 4.69 -4.45 1.76
N PHE A 34 4.25 -3.26 1.49
CA PHE A 34 3.83 -2.90 0.10
C PHE A 34 4.96 -3.22 -0.88
N VAL A 35 6.17 -2.94 -0.51
CA VAL A 35 7.32 -3.21 -1.42
C VAL A 35 7.29 -4.67 -1.89
N ASP A 36 6.58 -5.52 -1.19
CA ASP A 36 6.52 -6.95 -1.61
C ASP A 36 5.44 -7.16 -2.67
N LEU A 37 4.66 -6.15 -2.95
CA LEU A 37 3.58 -6.30 -3.97
C LEU A 37 4.19 -6.31 -5.37
N SER A 38 3.98 -7.38 -6.10
CA SER A 38 4.54 -7.46 -7.48
C SER A 38 4.36 -6.12 -8.20
N ASP A 39 5.13 -5.89 -9.23
CA ASP A 39 5.00 -4.60 -9.98
C ASP A 39 3.66 -4.55 -10.71
N SER A 40 2.93 -5.63 -10.70
CA SER A 40 1.60 -5.64 -11.40
C SER A 40 0.47 -5.42 -10.39
N PHE A 41 0.81 -5.19 -9.15
CA PHE A 41 -0.26 -4.97 -8.12
C PHE A 41 -1.14 -3.78 -8.52
N MET A 42 -2.43 -3.92 -8.41
CA MET A 42 -3.33 -2.78 -8.78
C MET A 42 -4.16 -2.38 -7.56
N CYS A 43 -4.47 -1.12 -7.43
CA CYS A 43 -5.28 -0.66 -6.26
C CYS A 43 -6.61 -1.41 -6.21
N PRO A 44 -6.90 -1.93 -5.06
CA PRO A 44 -8.17 -2.68 -4.86
C PRO A 44 -9.34 -1.69 -4.86
N ALA A 45 -9.04 -0.42 -4.77
CA ALA A 45 -10.12 0.60 -4.74
C ALA A 45 -10.30 1.23 -6.12
N CYS A 46 -9.31 1.95 -6.60
CA CYS A 46 -9.44 2.59 -7.93
C CYS A 46 -8.79 1.74 -9.03
N ARG A 47 -8.27 0.59 -8.69
CA ARG A 47 -7.64 -0.30 -9.71
C ARG A 47 -6.43 0.36 -10.38
N SER A 48 -5.81 1.31 -9.75
CA SER A 48 -4.63 1.96 -10.36
C SER A 48 -3.40 1.04 -10.25
N PRO A 49 -2.37 1.39 -10.98
CA PRO A 49 -1.13 0.58 -10.97
C PRO A 49 -0.36 0.80 -9.67
N LYS A 50 0.25 -0.24 -9.14
CA LYS A 50 1.02 -0.09 -7.87
C LYS A 50 1.96 1.11 -7.97
N ASN A 51 2.42 1.42 -9.15
CA ASN A 51 3.35 2.58 -9.30
C ASN A 51 2.63 3.87 -8.90
N GLN A 52 1.34 3.81 -8.74
CA GLN A 52 0.59 5.03 -8.34
C GLN A 52 0.54 5.12 -6.81
N PHE A 53 1.09 4.15 -6.13
CA PHE A 53 1.07 4.18 -4.64
C PHE A 53 2.27 4.97 -4.10
N LYS A 54 2.05 5.77 -3.10
CA LYS A 54 3.18 6.55 -2.51
C LYS A 54 3.28 6.19 -1.02
N SER A 55 4.46 6.02 -0.51
CA SER A 55 4.56 5.67 0.94
C SER A 55 4.54 6.92 1.79
N ILE A 56 4.46 6.73 3.07
CA ILE A 56 4.40 7.89 4.00
C ILE A 56 5.76 8.10 4.68
N LYS A 57 6.38 7.04 5.11
CA LYS A 57 7.71 7.17 5.78
C LYS A 57 7.56 7.95 7.09
N LYS A 58 7.46 7.26 8.19
CA LYS A 58 7.32 7.97 9.50
C LYS A 58 8.68 8.46 9.98
N VAL A 59 8.70 9.51 10.76
CA VAL A 59 10.00 10.04 11.28
C VAL A 59 9.83 10.56 12.70
N ILE A 60 10.11 9.73 13.68
CA ILE A 60 9.96 10.19 15.10
C ILE A 60 11.03 9.52 15.97
N MET A 1 16.17 9.29 12.84
CA MET A 1 14.73 9.68 12.74
C MET A 1 14.10 9.08 11.49
N GLU A 2 12.97 9.60 11.08
CA GLU A 2 12.30 9.05 9.86
C GLU A 2 11.95 7.57 10.07
N ILE A 3 10.70 7.23 9.93
CA ILE A 3 10.29 5.81 10.12
C ILE A 3 8.98 5.54 9.36
N ASP A 4 8.83 4.36 8.82
CA ASP A 4 7.58 4.05 8.06
C ASP A 4 7.06 2.67 8.46
N GLU A 5 6.34 2.05 7.57
CA GLU A 5 5.78 0.70 7.86
C GLU A 5 5.02 0.18 6.64
N GLY A 6 5.69 0.07 5.52
CA GLY A 6 5.02 -0.41 4.27
C GLY A 6 3.66 0.31 4.11
N LYS A 7 3.50 1.45 4.71
CA LYS A 7 2.21 2.19 4.58
C LYS A 7 2.25 3.07 3.33
N TYR A 8 1.37 2.82 2.39
CA TYR A 8 1.37 3.65 1.15
C TYR A 8 -0.01 4.23 0.89
N GLU A 9 -0.08 5.37 0.25
CA GLU A 9 -1.39 6.00 -0.06
C GLU A 9 -1.51 6.19 -1.58
N CYS A 10 -2.68 5.97 -2.13
CA CYS A 10 -2.86 6.14 -3.59
C CYS A 10 -2.97 7.61 -3.96
N GLU A 11 -2.07 8.13 -4.75
CA GLU A 11 -2.18 9.55 -5.13
C GLU A 11 -3.39 9.70 -6.07
N ALA A 12 -3.85 8.61 -6.60
CA ALA A 12 -5.03 8.65 -7.52
C ALA A 12 -6.33 8.63 -6.72
N CYS A 13 -6.56 7.60 -5.94
CA CYS A 13 -7.82 7.55 -5.15
C CYS A 13 -7.55 7.76 -3.66
N GLY A 14 -6.31 7.89 -3.27
CA GLY A 14 -5.97 8.16 -1.83
C GLY A 14 -6.06 6.88 -1.00
N TYR A 15 -6.27 5.75 -1.61
CA TYR A 15 -6.36 4.50 -0.81
C TYR A 15 -5.07 4.28 -0.03
N ILE A 16 -5.18 3.72 1.14
CA ILE A 16 -3.95 3.49 1.95
C ILE A 16 -3.71 1.99 2.16
N TYR A 17 -2.69 1.45 1.55
CA TYR A 17 -2.40 0.01 1.72
C TYR A 17 -1.66 -0.23 3.04
N GLU A 18 -2.22 -1.03 3.90
CA GLU A 18 -1.55 -1.30 5.21
C GLU A 18 -0.94 -2.71 5.21
N PRO A 19 0.34 -2.76 5.39
CA PRO A 19 1.06 -4.07 5.41
C PRO A 19 0.74 -4.83 6.70
N GLU A 20 0.34 -4.14 7.73
CA GLU A 20 0.01 -4.83 9.01
C GLU A 20 -1.31 -5.60 8.87
N LYS A 21 -2.08 -5.29 7.87
CA LYS A 21 -3.38 -6.00 7.67
C LYS A 21 -3.30 -6.92 6.45
N GLY A 22 -2.66 -6.47 5.41
CA GLY A 22 -2.55 -7.32 4.19
C GLY A 22 -3.44 -6.76 3.08
N ASP A 23 -3.20 -7.17 1.86
CA ASP A 23 -4.04 -6.68 0.73
C ASP A 23 -5.29 -7.54 0.60
N LYS A 24 -6.01 -7.72 1.68
CA LYS A 24 -7.25 -8.56 1.64
C LYS A 24 -8.02 -8.31 0.34
N PHE A 25 -8.26 -7.08 0.01
CA PHE A 25 -9.01 -6.77 -1.23
C PHE A 25 -8.38 -7.50 -2.43
N ALA A 26 -7.07 -7.57 -2.47
CA ALA A 26 -6.39 -8.26 -3.60
C ALA A 26 -6.23 -9.75 -3.27
N GLY A 27 -5.37 -10.05 -2.33
CA GLY A 27 -5.16 -11.48 -1.97
C GLY A 27 -3.80 -11.63 -1.28
N ILE A 28 -3.57 -10.85 -0.26
CA ILE A 28 -2.27 -10.95 0.47
C ILE A 28 -2.51 -11.05 1.98
N PRO A 29 -1.68 -11.82 2.63
CA PRO A 29 -1.80 -11.99 4.11
C PRO A 29 -1.36 -10.72 4.83
N PRO A 30 -1.69 -10.66 6.10
CA PRO A 30 -1.32 -9.48 6.92
C PRO A 30 0.17 -9.46 7.21
N GLY A 31 0.68 -8.31 7.57
CA GLY A 31 2.14 -8.20 7.87
C GLY A 31 2.92 -8.16 6.55
N THR A 32 2.25 -7.98 5.46
CA THR A 32 2.96 -7.93 4.14
C THR A 32 3.31 -6.49 3.78
N PRO A 33 4.58 -6.25 3.60
CA PRO A 33 5.05 -4.88 3.25
C PRO A 33 4.71 -4.56 1.80
N PHE A 34 4.34 -3.32 1.54
CA PHE A 34 4.00 -2.94 0.13
C PHE A 34 5.16 -3.26 -0.80
N VAL A 35 6.34 -3.38 -0.26
CA VAL A 35 7.52 -3.70 -1.12
C VAL A 35 7.45 -5.16 -1.59
N ASP A 36 6.53 -5.91 -1.04
CA ASP A 36 6.39 -7.33 -1.45
C ASP A 36 5.36 -7.47 -2.56
N LEU A 37 4.68 -6.41 -2.88
CA LEU A 37 3.65 -6.47 -3.97
C LEU A 37 4.34 -6.56 -5.33
N SER A 38 3.75 -7.26 -6.26
CA SER A 38 4.38 -7.38 -7.60
C SER A 38 4.22 -6.06 -8.37
N ASP A 39 5.13 -5.76 -9.26
CA ASP A 39 5.02 -4.49 -10.02
C ASP A 39 3.66 -4.41 -10.73
N SER A 40 2.99 -5.51 -10.85
CA SER A 40 1.65 -5.50 -11.54
C SER A 40 0.52 -5.38 -10.50
N PHE A 41 0.86 -5.16 -9.26
CA PHE A 41 -0.20 -5.04 -8.22
C PHE A 41 -1.12 -3.86 -8.56
N MET A 42 -2.40 -4.01 -8.35
CA MET A 42 -3.33 -2.89 -8.68
C MET A 42 -4.07 -2.44 -7.40
N CYS A 43 -4.33 -1.17 -7.27
CA CYS A 43 -5.03 -0.67 -6.06
C CYS A 43 -6.41 -1.34 -5.93
N PRO A 44 -6.64 -1.89 -4.78
CA PRO A 44 -7.94 -2.57 -4.52
C PRO A 44 -9.06 -1.53 -4.39
N ALA A 45 -8.70 -0.28 -4.33
CA ALA A 45 -9.74 0.79 -4.21
C ALA A 45 -10.09 1.33 -5.59
N CYS A 46 -9.11 1.79 -6.33
CA CYS A 46 -9.42 2.34 -7.68
C CYS A 46 -8.77 1.47 -8.78
N ARG A 47 -8.23 0.34 -8.42
CA ARG A 47 -7.61 -0.57 -9.43
C ARG A 47 -6.42 0.07 -10.15
N SER A 48 -5.91 1.16 -9.65
CA SER A 48 -4.74 1.81 -10.31
C SER A 48 -3.50 0.91 -10.20
N PRO A 49 -2.48 1.26 -10.93
CA PRO A 49 -1.23 0.47 -10.92
C PRO A 49 -0.46 0.71 -9.61
N LYS A 50 0.14 -0.30 -9.06
CA LYS A 50 0.90 -0.13 -7.80
C LYS A 50 1.87 1.05 -7.93
N ASN A 51 2.33 1.31 -9.13
CA ASN A 51 3.27 2.45 -9.32
C ASN A 51 2.57 3.76 -8.93
N GLN A 52 1.28 3.73 -8.76
CA GLN A 52 0.55 4.97 -8.36
C GLN A 52 0.53 5.10 -6.84
N PHE A 53 1.08 4.13 -6.14
CA PHE A 53 1.08 4.21 -4.65
C PHE A 53 2.26 5.04 -4.16
N LYS A 54 2.02 5.88 -3.19
CA LYS A 54 3.12 6.71 -2.62
C LYS A 54 3.24 6.40 -1.13
N SER A 55 4.43 6.26 -0.62
CA SER A 55 4.57 5.95 0.83
C SER A 55 4.52 7.23 1.65
N ILE A 56 4.47 7.08 2.94
CA ILE A 56 4.42 8.27 3.83
C ILE A 56 5.73 8.44 4.60
N LYS A 57 6.25 7.38 5.14
CA LYS A 57 7.52 7.48 5.90
C LYS A 57 7.41 8.59 6.94
N LYS A 58 7.02 8.25 8.15
CA LYS A 58 6.89 9.29 9.21
C LYS A 58 8.25 9.90 9.54
N VAL A 59 8.27 10.93 10.34
CA VAL A 59 9.56 11.58 10.70
C VAL A 59 9.56 11.99 12.17
N ILE A 60 10.06 11.16 13.04
CA ILE A 60 10.06 11.51 14.49
C ILE A 60 11.44 12.08 14.88
N MET A 1 16.29 8.76 11.67
CA MET A 1 16.03 9.19 10.27
C MET A 1 14.69 8.63 9.78
N GLU A 2 13.63 8.86 10.51
CA GLU A 2 12.30 8.35 10.09
C GLU A 2 12.36 6.83 9.91
N ILE A 3 11.25 6.21 9.59
CA ILE A 3 11.24 4.73 9.41
C ILE A 3 10.04 4.31 8.55
N ASP A 4 10.24 3.37 7.68
CA ASP A 4 9.11 2.91 6.81
C ASP A 4 8.29 1.84 7.52
N GLU A 5 7.50 1.09 6.80
CA GLU A 5 6.68 0.02 7.44
C GLU A 5 5.82 -0.69 6.40
N GLY A 6 5.48 -0.02 5.33
CA GLY A 6 4.64 -0.66 4.28
C GLY A 6 3.33 0.13 4.14
N LYS A 7 3.22 1.25 4.79
CA LYS A 7 1.98 2.07 4.68
C LYS A 7 2.04 2.94 3.43
N TYR A 8 1.22 2.67 2.45
CA TYR A 8 1.25 3.48 1.21
C TYR A 8 -0.13 4.09 0.91
N GLU A 9 -0.15 5.25 0.32
CA GLU A 9 -1.46 5.89 -0.02
C GLU A 9 -1.55 6.11 -1.52
N CYS A 10 -2.70 5.89 -2.10
CA CYS A 10 -2.85 6.07 -3.57
C CYS A 10 -2.95 7.56 -3.91
N GLU A 11 -2.01 8.08 -4.65
CA GLU A 11 -2.12 9.52 -5.01
C GLU A 11 -3.31 9.70 -5.96
N ALA A 12 -3.78 8.62 -6.54
CA ALA A 12 -4.93 8.70 -7.47
C ALA A 12 -6.25 8.67 -6.70
N CYS A 13 -6.50 7.62 -5.95
CA CYS A 13 -7.78 7.54 -5.20
C CYS A 13 -7.56 7.71 -3.69
N GLY A 14 -6.32 7.83 -3.26
CA GLY A 14 -6.04 8.05 -1.80
C GLY A 14 -6.14 6.74 -1.01
N TYR A 15 -6.31 5.63 -1.67
CA TYR A 15 -6.40 4.35 -0.93
C TYR A 15 -5.16 4.16 -0.07
N ILE A 16 -5.31 3.60 1.09
CA ILE A 16 -4.13 3.41 1.97
C ILE A 16 -3.87 1.92 2.20
N TYR A 17 -2.78 1.41 1.68
CA TYR A 17 -2.47 -0.03 1.88
C TYR A 17 -1.81 -0.23 3.25
N GLU A 18 -2.30 -1.16 4.01
CA GLU A 18 -1.71 -1.41 5.35
C GLU A 18 -0.97 -2.75 5.38
N PRO A 19 0.31 -2.67 5.64
CA PRO A 19 1.14 -3.90 5.70
C PRO A 19 0.79 -4.73 6.94
N GLU A 20 0.36 -4.08 7.99
CA GLU A 20 0.00 -4.82 9.23
C GLU A 20 -1.32 -5.58 9.02
N LYS A 21 -2.02 -5.26 7.96
CA LYS A 21 -3.31 -5.97 7.70
C LYS A 21 -3.18 -6.84 6.45
N GLY A 22 -2.49 -6.36 5.46
CA GLY A 22 -2.32 -7.17 4.22
C GLY A 22 -3.23 -6.63 3.12
N ASP A 23 -3.04 -7.08 1.90
CA ASP A 23 -3.90 -6.62 0.78
C ASP A 23 -5.18 -7.46 0.72
N LYS A 24 -5.89 -7.57 1.83
CA LYS A 24 -7.13 -8.38 1.83
C LYS A 24 -7.93 -8.17 0.54
N PHE A 25 -8.28 -6.96 0.25
CA PHE A 25 -9.04 -6.67 -0.99
C PHE A 25 -8.41 -7.38 -2.19
N ALA A 26 -7.11 -7.49 -2.21
CA ALA A 26 -6.43 -8.17 -3.34
C ALA A 26 -6.27 -9.66 -3.05
N GLY A 27 -5.48 -9.98 -2.07
CA GLY A 27 -5.28 -11.42 -1.72
C GLY A 27 -3.90 -11.61 -1.08
N ILE A 28 -3.58 -10.83 -0.08
CA ILE A 28 -2.26 -10.96 0.58
C ILE A 28 -2.43 -11.04 2.10
N PRO A 29 -1.58 -11.80 2.73
CA PRO A 29 -1.65 -11.97 4.20
C PRO A 29 -1.21 -10.68 4.91
N PRO A 30 -1.59 -10.58 6.15
CA PRO A 30 -1.24 -9.38 6.95
C PRO A 30 0.25 -9.37 7.29
N GLY A 31 0.75 -8.24 7.69
CA GLY A 31 2.20 -8.15 8.04
C GLY A 31 3.03 -8.11 6.76
N THR A 32 2.41 -7.91 5.63
CA THR A 32 3.16 -7.88 4.34
C THR A 32 3.42 -6.42 3.94
N PRO A 33 4.67 -6.12 3.71
CA PRO A 33 5.05 -4.74 3.30
C PRO A 33 4.65 -4.47 1.84
N PHE A 34 4.15 -3.30 1.56
CA PHE A 34 3.75 -2.97 0.17
C PHE A 34 4.90 -3.27 -0.80
N VAL A 35 6.10 -2.96 -0.41
CA VAL A 35 7.27 -3.22 -1.30
C VAL A 35 7.27 -4.68 -1.74
N ASP A 36 6.56 -5.53 -1.04
CA ASP A 36 6.54 -6.97 -1.42
C ASP A 36 5.51 -7.22 -2.53
N LEU A 37 4.74 -6.22 -2.87
CA LEU A 37 3.72 -6.40 -3.95
C LEU A 37 4.42 -6.50 -5.31
N SER A 38 3.80 -7.15 -6.26
CA SER A 38 4.43 -7.28 -7.60
C SER A 38 4.27 -5.97 -8.37
N ASP A 39 5.11 -5.74 -9.35
CA ASP A 39 4.99 -4.47 -10.14
C ASP A 39 3.64 -4.42 -10.86
N SER A 40 2.92 -5.51 -10.89
CA SER A 40 1.60 -5.51 -11.58
C SER A 40 0.47 -5.35 -10.55
N PHE A 41 0.80 -5.16 -9.31
CA PHE A 41 -0.27 -4.99 -8.27
C PHE A 41 -1.14 -3.78 -8.63
N MET A 42 -2.44 -3.93 -8.58
CA MET A 42 -3.33 -2.79 -8.90
C MET A 42 -4.16 -2.41 -7.67
N CYS A 43 -4.46 -1.15 -7.53
CA CYS A 43 -5.26 -0.71 -6.35
C CYS A 43 -6.60 -1.46 -6.31
N PRO A 44 -6.89 -2.01 -5.15
CA PRO A 44 -8.17 -2.75 -4.98
C PRO A 44 -9.33 -1.75 -4.95
N ALA A 45 -9.02 -0.49 -4.84
CA ALA A 45 -10.10 0.54 -4.80
C ALA A 45 -10.29 1.18 -6.17
N CYS A 46 -9.30 1.88 -6.66
CA CYS A 46 -9.44 2.54 -7.98
C CYS A 46 -8.78 1.70 -9.10
N ARG A 47 -8.27 0.55 -8.76
CA ARG A 47 -7.64 -0.33 -9.80
C ARG A 47 -6.42 0.33 -10.45
N SER A 48 -5.81 1.29 -9.81
CA SER A 48 -4.61 1.95 -10.42
C SER A 48 -3.40 1.01 -10.31
N PRO A 49 -2.36 1.37 -11.01
CA PRO A 49 -1.12 0.57 -10.99
C PRO A 49 -0.37 0.77 -9.67
N LYS A 50 0.22 -0.27 -9.15
CA LYS A 50 0.97 -0.15 -7.86
C LYS A 50 1.94 1.03 -7.94
N ASN A 51 2.42 1.35 -9.11
CA ASN A 51 3.36 2.50 -9.24
C ASN A 51 2.65 3.79 -8.84
N GLN A 52 1.36 3.75 -8.70
CA GLN A 52 0.61 4.97 -8.30
C GLN A 52 0.55 5.07 -6.77
N PHE A 53 1.09 4.09 -6.09
CA PHE A 53 1.06 4.14 -4.60
C PHE A 53 2.27 4.92 -4.06
N LYS A 54 2.05 5.71 -3.06
CA LYS A 54 3.17 6.49 -2.46
C LYS A 54 3.26 6.13 -0.97
N SER A 55 4.44 5.99 -0.44
CA SER A 55 4.53 5.65 1.01
C SER A 55 4.46 6.90 1.86
N ILE A 56 4.38 6.72 3.14
CA ILE A 56 4.31 7.88 4.07
C ILE A 56 5.63 8.06 4.81
N LYS A 57 6.33 7.00 5.05
CA LYS A 57 7.63 7.11 5.77
C LYS A 57 7.42 7.70 7.17
N LYS A 58 7.30 6.88 8.17
CA LYS A 58 7.08 7.38 9.55
C LYS A 58 8.29 8.20 10.00
N VAL A 59 8.08 9.18 10.84
CA VAL A 59 9.22 10.01 11.33
C VAL A 59 9.48 9.74 12.81
N ILE A 60 10.61 10.15 13.31
CA ILE A 60 10.91 9.92 14.75
C ILE A 60 11.43 11.21 15.40
N MET A 1 15.68 7.27 10.94
CA MET A 1 15.39 8.69 10.56
C MET A 1 14.10 8.76 9.72
N GLU A 2 12.97 8.61 10.35
CA GLU A 2 11.69 8.67 9.59
C GLU A 2 11.68 7.62 8.48
N ILE A 3 10.88 6.59 8.62
CA ILE A 3 10.83 5.54 7.56
C ILE A 3 9.41 4.97 7.46
N ASP A 4 9.03 4.50 6.30
CA ASP A 4 7.66 3.93 6.14
C ASP A 4 7.68 2.43 6.40
N GLU A 5 6.82 1.96 7.27
CA GLU A 5 6.78 0.50 7.57
C GLU A 5 5.93 -0.23 6.53
N GLY A 6 5.60 0.42 5.45
CA GLY A 6 4.79 -0.23 4.40
C GLY A 6 3.45 0.50 4.26
N LYS A 7 3.29 1.62 4.92
CA LYS A 7 2.02 2.38 4.80
C LYS A 7 2.03 3.18 3.51
N TYR A 8 1.21 2.81 2.55
CA TYR A 8 1.21 3.55 1.25
C TYR A 8 -0.17 4.16 0.97
N GLU A 9 -0.19 5.30 0.34
CA GLU A 9 -1.48 5.95 0.02
C GLU A 9 -1.57 6.15 -1.51
N CYS A 10 -2.71 5.93 -2.08
CA CYS A 10 -2.84 6.10 -3.56
C CYS A 10 -2.92 7.57 -3.91
N GLU A 11 -1.98 8.09 -4.65
CA GLU A 11 -2.07 9.52 -5.03
C GLU A 11 -3.25 9.71 -5.98
N ALA A 12 -3.72 8.62 -6.54
CA ALA A 12 -4.88 8.70 -7.48
C ALA A 12 -6.20 8.69 -6.71
N CYS A 13 -6.46 7.65 -5.96
CA CYS A 13 -7.75 7.59 -5.21
C CYS A 13 -7.52 7.78 -3.70
N GLY A 14 -6.28 7.87 -3.27
CA GLY A 14 -6.01 8.11 -1.82
C GLY A 14 -6.12 6.80 -1.02
N TYR A 15 -6.30 5.70 -1.66
CA TYR A 15 -6.41 4.41 -0.92
C TYR A 15 -5.16 4.21 -0.07
N ILE A 16 -5.31 3.65 1.09
CA ILE A 16 -4.13 3.44 1.97
C ILE A 16 -3.86 1.94 2.18
N TYR A 17 -2.79 1.45 1.65
CA TYR A 17 -2.47 0.00 1.83
C TYR A 17 -1.80 -0.22 3.18
N GLU A 18 -2.29 -1.15 3.95
CA GLU A 18 -1.68 -1.41 5.29
C GLU A 18 -0.94 -2.75 5.28
N PRO A 19 0.34 -2.69 5.57
CA PRO A 19 1.17 -3.92 5.60
C PRO A 19 0.81 -4.77 6.82
N GLU A 20 0.40 -4.14 7.88
CA GLU A 20 0.04 -4.92 9.11
C GLU A 20 -1.28 -5.66 8.88
N LYS A 21 -2.01 -5.30 7.86
CA LYS A 21 -3.30 -6.00 7.59
C LYS A 21 -3.18 -6.87 6.34
N GLY A 22 -2.48 -6.41 5.35
CA GLY A 22 -2.31 -7.22 4.11
C GLY A 22 -3.22 -6.67 3.01
N ASP A 23 -3.03 -7.13 1.80
CA ASP A 23 -3.89 -6.66 0.67
C ASP A 23 -5.18 -7.48 0.62
N LYS A 24 -5.89 -7.54 1.71
CA LYS A 24 -7.16 -8.34 1.73
C LYS A 24 -7.94 -8.16 0.42
N PHE A 25 -8.28 -6.95 0.09
CA PHE A 25 -9.04 -6.71 -1.17
C PHE A 25 -8.42 -7.48 -2.33
N ALA A 26 -7.13 -7.63 -2.32
CA ALA A 26 -6.46 -8.38 -3.44
C ALA A 26 -6.32 -9.85 -3.08
N GLY A 27 -5.55 -10.15 -2.07
CA GLY A 27 -5.37 -11.57 -1.65
C GLY A 27 -3.97 -11.73 -1.04
N ILE A 28 -3.65 -10.93 -0.06
CA ILE A 28 -2.31 -11.04 0.58
C ILE A 28 -2.47 -11.11 2.11
N PRO A 29 -1.61 -11.87 2.73
CA PRO A 29 -1.65 -12.02 4.21
C PRO A 29 -1.20 -10.73 4.90
N PRO A 30 -1.56 -10.61 6.14
CA PRO A 30 -1.19 -9.40 6.92
C PRO A 30 0.30 -9.40 7.24
N GLY A 31 0.82 -8.26 7.62
CA GLY A 31 2.27 -8.17 7.95
C GLY A 31 3.08 -8.14 6.64
N THR A 32 2.44 -7.92 5.53
CA THR A 32 3.18 -7.87 4.24
C THR A 32 3.42 -6.43 3.82
N PRO A 33 4.67 -6.10 3.61
CA PRO A 33 5.04 -4.72 3.20
C PRO A 33 4.64 -4.47 1.74
N PHE A 34 4.15 -3.30 1.45
CA PHE A 34 3.74 -2.97 0.05
C PHE A 34 4.88 -3.30 -0.91
N VAL A 35 6.08 -2.98 -0.54
CA VAL A 35 7.24 -3.27 -1.44
C VAL A 35 7.26 -4.74 -1.83
N ASP A 36 6.55 -5.58 -1.11
CA ASP A 36 6.52 -7.02 -1.46
C ASP A 36 5.47 -7.29 -2.54
N LEU A 37 4.69 -6.30 -2.88
CA LEU A 37 3.66 -6.50 -3.94
C LEU A 37 4.32 -6.62 -5.31
N SER A 38 3.67 -7.27 -6.23
CA SER A 38 4.27 -7.43 -7.60
C SER A 38 4.14 -6.11 -8.37
N ASP A 39 5.07 -5.83 -9.24
CA ASP A 39 4.99 -4.55 -10.02
C ASP A 39 3.66 -4.45 -10.74
N SER A 40 2.95 -5.54 -10.87
CA SER A 40 1.63 -5.50 -11.57
C SER A 40 0.49 -5.35 -10.56
N PHE A 41 0.81 -5.16 -9.30
CA PHE A 41 -0.27 -5.00 -8.28
C PHE A 41 -1.15 -3.79 -8.63
N MET A 42 -2.44 -3.92 -8.52
CA MET A 42 -3.33 -2.78 -8.85
C MET A 42 -4.15 -2.38 -7.61
N CYS A 43 -4.44 -1.12 -7.46
CA CYS A 43 -5.22 -0.66 -6.28
C CYS A 43 -6.55 -1.41 -6.20
N PRO A 44 -6.84 -1.93 -5.04
CA PRO A 44 -8.11 -2.66 -4.84
C PRO A 44 -9.28 -1.67 -4.82
N ALA A 45 -8.98 -0.40 -4.73
CA ALA A 45 -10.06 0.63 -4.71
C ALA A 45 -10.25 1.24 -6.10
N CYS A 46 -9.27 1.93 -6.60
CA CYS A 46 -9.42 2.56 -7.95
C CYS A 46 -8.76 1.71 -9.05
N ARG A 47 -8.27 0.55 -8.69
CA ARG A 47 -7.64 -0.35 -9.71
C ARG A 47 -6.42 0.30 -10.40
N SER A 48 -5.83 1.28 -9.78
CA SER A 48 -4.64 1.93 -10.41
C SER A 48 -3.42 1.00 -10.30
N PRO A 49 -2.39 1.35 -11.02
CA PRO A 49 -1.14 0.53 -10.99
C PRO A 49 -0.41 0.73 -9.66
N LYS A 50 0.18 -0.31 -9.13
CA LYS A 50 0.93 -0.17 -7.85
C LYS A 50 1.89 1.00 -7.94
N ASN A 51 2.37 1.31 -9.11
CA ASN A 51 3.32 2.45 -9.27
C ASN A 51 2.64 3.75 -8.84
N GLN A 52 1.34 3.72 -8.68
CA GLN A 52 0.63 4.96 -8.24
C GLN A 52 0.56 5.00 -6.71
N PHE A 53 1.10 3.99 -6.06
CA PHE A 53 1.07 3.98 -4.57
C PHE A 53 2.29 4.70 -4.00
N LYS A 54 2.09 5.46 -2.96
CA LYS A 54 3.24 6.19 -2.34
C LYS A 54 3.28 5.90 -0.85
N SER A 55 4.45 5.77 -0.27
CA SER A 55 4.51 5.48 1.19
C SER A 55 4.35 6.76 2.00
N ILE A 56 4.16 6.61 3.29
CA ILE A 56 3.98 7.81 4.16
C ILE A 56 5.25 8.07 4.98
N LYS A 57 6.02 7.05 5.23
CA LYS A 57 7.28 7.24 6.02
C LYS A 57 6.92 7.62 7.46
N LYS A 58 6.94 6.67 8.36
CA LYS A 58 6.60 6.97 9.78
C LYS A 58 7.88 7.33 10.56
N VAL A 59 7.76 8.09 11.60
CA VAL A 59 8.96 8.48 12.40
C VAL A 59 9.42 7.29 13.26
N ILE A 60 10.62 7.35 13.76
CA ILE A 60 11.12 6.22 14.61
C ILE A 60 11.22 6.67 16.07
N MET A 1 1.38 13.60 7.38
CA MET A 1 1.39 12.46 8.34
C MET A 1 2.74 12.38 9.05
N GLU A 2 2.76 11.85 10.24
CA GLU A 2 4.05 11.74 10.99
C GLU A 2 4.22 10.34 11.55
N ILE A 3 4.36 9.36 10.70
CA ILE A 3 4.52 7.96 11.19
C ILE A 3 5.20 7.11 10.11
N ASP A 4 5.49 5.87 10.41
CA ASP A 4 6.15 5.01 9.39
C ASP A 4 5.79 3.54 9.62
N GLU A 5 5.29 2.88 8.61
CA GLU A 5 4.91 1.44 8.76
C GLU A 5 4.50 0.87 7.40
N GLY A 6 5.39 0.90 6.44
CA GLY A 6 5.06 0.37 5.10
C GLY A 6 3.66 0.85 4.68
N LYS A 7 3.24 1.96 5.21
CA LYS A 7 1.88 2.48 4.85
C LYS A 7 1.95 3.21 3.51
N TYR A 8 1.21 2.77 2.54
CA TYR A 8 1.24 3.45 1.21
C TYR A 8 -0.10 4.11 0.91
N GLU A 9 -0.09 5.28 0.33
CA GLU A 9 -1.35 5.97 -0.01
C GLU A 9 -1.46 6.16 -1.52
N CYS A 10 -2.60 5.91 -2.09
CA CYS A 10 -2.75 6.07 -3.57
C CYS A 10 -2.82 7.55 -3.95
N GLU A 11 -1.91 8.02 -4.75
CA GLU A 11 -2.00 9.44 -5.16
C GLU A 11 -3.20 9.61 -6.09
N ALA A 12 -3.70 8.52 -6.61
CA ALA A 12 -4.87 8.59 -7.53
C ALA A 12 -6.18 8.60 -6.72
N CYS A 13 -6.42 7.59 -5.92
CA CYS A 13 -7.69 7.56 -5.14
C CYS A 13 -7.41 7.78 -3.65
N GLY A 14 -6.16 7.93 -3.26
CA GLY A 14 -5.83 8.21 -1.84
C GLY A 14 -6.01 6.97 -0.97
N TYR A 15 -6.20 5.82 -1.57
CA TYR A 15 -6.37 4.60 -0.74
C TYR A 15 -5.10 4.35 0.07
N ILE A 16 -5.23 3.80 1.24
CA ILE A 16 -4.02 3.55 2.07
C ILE A 16 -3.81 2.04 2.28
N TYR A 17 -2.76 1.50 1.75
CA TYR A 17 -2.50 0.04 1.94
C TYR A 17 -1.81 -0.19 3.28
N GLU A 18 -2.26 -1.18 4.02
CA GLU A 18 -1.64 -1.46 5.34
C GLU A 18 -0.89 -2.79 5.29
N PRO A 19 0.39 -2.73 5.52
CA PRO A 19 1.22 -3.95 5.50
C PRO A 19 0.92 -4.83 6.72
N GLU A 20 0.57 -4.22 7.82
CA GLU A 20 0.24 -5.01 9.04
C GLU A 20 -1.12 -5.70 8.88
N LYS A 21 -1.83 -5.37 7.84
CA LYS A 21 -3.17 -6.00 7.62
C LYS A 21 -3.12 -6.94 6.42
N GLY A 22 -2.57 -6.49 5.34
CA GLY A 22 -2.48 -7.35 4.13
C GLY A 22 -3.34 -6.77 3.01
N ASP A 23 -3.11 -7.22 1.80
CA ASP A 23 -3.91 -6.71 0.65
C ASP A 23 -5.21 -7.52 0.52
N LYS A 24 -6.00 -7.57 1.57
CA LYS A 24 -7.26 -8.34 1.51
C LYS A 24 -7.96 -8.16 0.16
N PHE A 25 -8.24 -6.95 -0.21
CA PHE A 25 -8.92 -6.71 -1.51
C PHE A 25 -8.26 -7.54 -2.62
N ALA A 26 -6.98 -7.73 -2.55
CA ALA A 26 -6.27 -8.52 -3.60
C ALA A 26 -6.14 -9.98 -3.17
N GLY A 27 -5.44 -10.23 -2.11
CA GLY A 27 -5.27 -11.63 -1.63
C GLY A 27 -3.87 -11.78 -1.00
N ILE A 28 -3.57 -10.97 -0.03
CA ILE A 28 -2.23 -11.07 0.63
C ILE A 28 -2.40 -11.12 2.16
N PRO A 29 -1.55 -11.88 2.78
CA PRO A 29 -1.61 -12.03 4.26
C PRO A 29 -1.15 -10.73 4.94
N PRO A 30 -1.48 -10.63 6.20
CA PRO A 30 -1.12 -9.42 6.99
C PRO A 30 0.39 -9.41 7.29
N GLY A 31 0.90 -8.27 7.64
CA GLY A 31 2.36 -8.17 7.94
C GLY A 31 3.16 -8.16 6.63
N THR A 32 2.51 -7.94 5.53
CA THR A 32 3.22 -7.93 4.22
C THR A 32 3.45 -6.48 3.76
N PRO A 33 4.69 -6.17 3.49
CA PRO A 33 5.05 -4.80 3.03
C PRO A 33 4.57 -4.58 1.59
N PHE A 34 4.01 -3.43 1.32
CA PHE A 34 3.53 -3.15 -0.07
C PHE A 34 4.67 -3.38 -1.08
N VAL A 35 5.87 -3.01 -0.73
CA VAL A 35 7.01 -3.22 -1.67
C VAL A 35 7.06 -4.69 -2.12
N ASP A 36 6.44 -5.56 -1.37
CA ASP A 36 6.46 -7.00 -1.76
C ASP A 36 5.40 -7.29 -2.82
N LEU A 37 4.58 -6.32 -3.16
CA LEU A 37 3.54 -6.54 -4.19
C LEU A 37 4.19 -6.68 -5.57
N SER A 38 3.51 -7.31 -6.50
CA SER A 38 4.09 -7.47 -7.86
C SER A 38 3.95 -6.17 -8.65
N ASP A 39 4.79 -5.97 -9.64
CA ASP A 39 4.71 -4.72 -10.44
C ASP A 39 3.35 -4.62 -11.12
N SER A 40 2.60 -5.70 -11.15
CA SER A 40 1.26 -5.67 -11.80
C SER A 40 0.17 -5.48 -10.74
N PHE A 41 0.55 -5.33 -9.50
CA PHE A 41 -0.46 -5.13 -8.42
C PHE A 41 -1.35 -3.93 -8.75
N MET A 42 -2.64 -4.07 -8.62
CA MET A 42 -3.54 -2.92 -8.90
C MET A 42 -4.17 -2.43 -7.60
N CYS A 43 -4.27 -1.16 -7.41
CA CYS A 43 -4.87 -0.63 -6.15
C CYS A 43 -6.17 -1.35 -5.81
N PRO A 44 -6.32 -1.70 -4.56
CA PRO A 44 -7.54 -2.38 -4.11
C PRO A 44 -8.65 -1.37 -3.84
N ALA A 45 -8.72 -0.33 -4.63
CA ALA A 45 -9.77 0.70 -4.43
C ALA A 45 -10.10 1.36 -5.76
N CYS A 46 -9.10 1.80 -6.48
CA CYS A 46 -9.35 2.45 -7.79
C CYS A 46 -8.67 1.64 -8.91
N ARG A 47 -8.17 0.48 -8.60
CA ARG A 47 -7.52 -0.38 -9.63
C ARG A 47 -6.31 0.30 -10.28
N SER A 48 -5.81 1.35 -9.70
CA SER A 48 -4.62 2.02 -10.30
C SER A 48 -3.41 1.08 -10.27
N PRO A 49 -2.40 1.45 -11.01
CA PRO A 49 -1.16 0.63 -11.07
C PRO A 49 -0.37 0.75 -9.76
N LYS A 50 0.21 -0.32 -9.30
CA LYS A 50 1.01 -0.26 -8.04
C LYS A 50 1.99 0.92 -8.10
N ASN A 51 2.45 1.24 -9.27
CA ASN A 51 3.40 2.39 -9.40
C ASN A 51 2.72 3.68 -8.94
N GLN A 52 1.42 3.65 -8.79
CA GLN A 52 0.70 4.86 -8.35
C GLN A 52 0.64 4.91 -6.81
N PHE A 53 1.17 3.90 -6.17
CA PHE A 53 1.13 3.89 -4.68
C PHE A 53 2.36 4.60 -4.11
N LYS A 54 2.17 5.36 -3.06
CA LYS A 54 3.33 6.08 -2.45
C LYS A 54 3.38 5.74 -0.95
N SER A 55 4.56 5.59 -0.40
CA SER A 55 4.65 5.27 1.05
C SER A 55 4.53 6.53 1.91
N ILE A 56 4.39 6.34 3.19
CA ILE A 56 4.28 7.51 4.10
C ILE A 56 5.22 7.33 5.30
N LYS A 57 6.47 7.08 5.06
CA LYS A 57 7.43 6.90 6.18
C LYS A 57 8.08 8.23 6.55
N LYS A 58 7.30 9.21 6.91
CA LYS A 58 7.88 10.53 7.29
C LYS A 58 7.59 10.84 8.75
N VAL A 59 8.10 10.05 9.66
CA VAL A 59 7.85 10.31 11.10
C VAL A 59 8.48 11.63 11.52
N ILE A 60 7.79 12.41 12.30
CA ILE A 60 8.35 13.72 12.75
C ILE A 60 8.00 13.97 14.22
N MET A 1 4.35 8.34 18.68
CA MET A 1 3.59 7.91 17.47
C MET A 1 4.32 8.38 16.21
N GLU A 2 5.52 7.91 15.98
CA GLU A 2 6.27 8.32 14.77
C GLU A 2 7.09 7.15 14.22
N ILE A 3 6.96 6.86 12.95
CA ILE A 3 7.73 5.73 12.36
C ILE A 3 7.24 5.47 10.94
N ASP A 4 7.92 4.61 10.22
CA ASP A 4 7.49 4.32 8.82
C ASP A 4 7.75 2.85 8.48
N GLU A 5 6.72 2.14 8.12
CA GLU A 5 6.89 0.70 7.77
C GLU A 5 6.50 0.48 6.30
N GLY A 6 5.25 0.21 6.05
CA GLY A 6 4.81 -0.01 4.65
C GLY A 6 3.45 0.65 4.41
N LYS A 7 3.20 1.75 5.08
CA LYS A 7 1.90 2.46 4.89
C LYS A 7 1.94 3.23 3.57
N TYR A 8 1.14 2.84 2.61
CA TYR A 8 1.17 3.55 1.30
C TYR A 8 -0.21 4.15 0.97
N GLU A 9 -0.23 5.33 0.41
CA GLU A 9 -1.52 5.97 0.05
C GLU A 9 -1.57 6.17 -1.47
N CYS A 10 -2.71 5.97 -2.07
CA CYS A 10 -2.82 6.14 -3.55
C CYS A 10 -2.87 7.62 -3.91
N GLU A 11 -1.90 8.12 -4.62
CA GLU A 11 -1.96 9.55 -5.00
C GLU A 11 -3.13 9.76 -5.97
N ALA A 12 -3.62 8.68 -6.53
CA ALA A 12 -4.76 8.78 -7.48
C ALA A 12 -6.10 8.79 -6.74
N CYS A 13 -6.38 7.75 -5.98
CA CYS A 13 -7.68 7.71 -5.26
C CYS A 13 -7.47 7.89 -3.75
N GLY A 14 -6.23 7.97 -3.31
CA GLY A 14 -5.97 8.20 -1.85
C GLY A 14 -6.10 6.91 -1.05
N TYR A 15 -6.29 5.79 -1.69
CA TYR A 15 -6.44 4.52 -0.92
C TYR A 15 -5.18 4.28 -0.09
N ILE A 16 -5.34 3.75 1.09
CA ILE A 16 -4.15 3.50 1.95
C ILE A 16 -3.94 2.00 2.16
N TYR A 17 -2.85 1.47 1.65
CA TYR A 17 -2.59 0.02 1.82
C TYR A 17 -1.89 -0.21 3.17
N GLU A 18 -2.30 -1.23 3.88
CA GLU A 18 -1.67 -1.50 5.20
C GLU A 18 -0.92 -2.84 5.16
N PRO A 19 0.35 -2.78 5.45
CA PRO A 19 1.19 -4.01 5.44
C PRO A 19 0.82 -4.90 6.63
N GLU A 20 0.46 -4.31 7.74
CA GLU A 20 0.07 -5.11 8.93
C GLU A 20 -1.26 -5.82 8.68
N LYS A 21 -1.95 -5.45 7.64
CA LYS A 21 -3.26 -6.10 7.34
C LYS A 21 -3.16 -6.95 6.07
N GLY A 22 -2.44 -6.48 5.10
CA GLY A 22 -2.29 -7.26 3.84
C GLY A 22 -3.21 -6.69 2.76
N ASP A 23 -3.07 -7.15 1.54
CA ASP A 23 -3.94 -6.65 0.45
C ASP A 23 -5.25 -7.45 0.43
N LYS A 24 -5.97 -7.46 1.51
CA LYS A 24 -7.25 -8.22 1.56
C LYS A 24 -8.00 -8.10 0.24
N PHE A 25 -8.37 -6.91 -0.12
CA PHE A 25 -9.11 -6.70 -1.40
C PHE A 25 -8.44 -7.49 -2.54
N ALA A 26 -7.16 -7.68 -2.46
CA ALA A 26 -6.44 -8.44 -3.53
C ALA A 26 -6.29 -9.90 -3.14
N GLY A 27 -5.57 -10.16 -2.09
CA GLY A 27 -5.38 -11.57 -1.64
C GLY A 27 -3.98 -11.75 -1.06
N ILE A 28 -3.61 -10.95 -0.10
CA ILE A 28 -2.26 -11.07 0.51
C ILE A 28 -2.38 -11.12 2.04
N PRO A 29 -1.53 -11.90 2.64
CA PRO A 29 -1.55 -12.04 4.12
C PRO A 29 -1.06 -10.75 4.79
N PRO A 30 -1.41 -10.59 6.03
CA PRO A 30 -1.01 -9.39 6.80
C PRO A 30 0.49 -9.44 7.13
N GLY A 31 1.05 -8.33 7.52
CA GLY A 31 2.49 -8.31 7.86
C GLY A 31 3.32 -8.23 6.58
N THR A 32 2.71 -7.93 5.48
CA THR A 32 3.47 -7.83 4.20
C THR A 32 3.66 -6.37 3.80
N PRO A 33 4.89 -6.01 3.56
CA PRO A 33 5.22 -4.62 3.16
C PRO A 33 4.77 -4.35 1.72
N PHE A 34 4.26 -3.18 1.46
CA PHE A 34 3.81 -2.85 0.08
C PHE A 34 4.91 -3.15 -0.93
N VAL A 35 6.13 -2.81 -0.59
CA VAL A 35 7.27 -3.06 -1.54
C VAL A 35 7.31 -4.54 -1.93
N ASP A 36 6.64 -5.39 -1.20
CA ASP A 36 6.64 -6.84 -1.54
C ASP A 36 5.53 -7.15 -2.55
N LEU A 37 4.70 -6.19 -2.84
CA LEU A 37 3.61 -6.43 -3.81
C LEU A 37 4.16 -6.52 -5.24
N SER A 38 3.90 -7.59 -5.92
CA SER A 38 4.42 -7.73 -7.31
C SER A 38 4.26 -6.42 -8.07
N ASP A 39 4.93 -6.28 -9.19
CA ASP A 39 4.82 -5.02 -9.98
C ASP A 39 3.46 -4.95 -10.67
N SER A 40 2.65 -5.96 -10.52
CA SER A 40 1.31 -5.96 -11.17
C SER A 40 0.22 -5.64 -10.15
N PHE A 41 0.59 -5.40 -8.93
CA PHE A 41 -0.44 -5.08 -7.89
C PHE A 41 -1.27 -3.87 -8.32
N MET A 42 -2.56 -3.98 -8.27
CA MET A 42 -3.42 -2.83 -8.67
C MET A 42 -4.28 -2.38 -7.49
N CYS A 43 -4.54 -1.12 -7.37
CA CYS A 43 -5.37 -0.62 -6.24
C CYS A 43 -6.71 -1.36 -6.19
N PRO A 44 -7.03 -1.87 -5.04
CA PRO A 44 -8.32 -2.58 -4.86
C PRO A 44 -9.47 -1.58 -4.90
N ALA A 45 -9.16 -0.31 -4.80
CA ALA A 45 -10.22 0.73 -4.81
C ALA A 45 -10.36 1.35 -6.21
N CYS A 46 -9.34 2.05 -6.66
CA CYS A 46 -9.42 2.69 -8.00
C CYS A 46 -8.76 1.82 -9.08
N ARG A 47 -8.28 0.65 -8.71
CA ARG A 47 -7.65 -0.26 -9.72
C ARG A 47 -6.40 0.37 -10.36
N SER A 48 -5.78 1.32 -9.71
CA SER A 48 -4.57 1.94 -10.31
C SER A 48 -3.38 0.98 -10.21
N PRO A 49 -2.34 1.29 -10.93
CA PRO A 49 -1.13 0.44 -10.93
C PRO A 49 -0.35 0.64 -9.62
N LYS A 50 0.24 -0.41 -9.11
CA LYS A 50 1.01 -0.28 -7.83
C LYS A 50 1.97 0.91 -7.93
N ASN A 51 2.35 1.28 -9.11
CA ASN A 51 3.29 2.44 -9.25
C ASN A 51 2.59 3.73 -8.83
N GLN A 52 1.30 3.67 -8.64
CA GLN A 52 0.56 4.88 -8.20
C GLN A 52 0.51 4.93 -6.67
N PHE A 53 1.04 3.93 -6.02
CA PHE A 53 1.03 3.92 -4.53
C PHE A 53 2.26 4.63 -3.97
N LYS A 54 2.09 5.40 -2.94
CA LYS A 54 3.25 6.12 -2.33
C LYS A 54 3.25 5.90 -0.82
N SER A 55 4.40 5.83 -0.21
CA SER A 55 4.43 5.62 1.27
C SER A 55 4.23 6.94 2.01
N ILE A 56 3.96 6.87 3.28
CA ILE A 56 3.74 8.13 4.06
C ILE A 56 4.88 8.34 5.05
N LYS A 57 5.28 7.31 5.74
CA LYS A 57 6.39 7.45 6.72
C LYS A 57 6.06 8.55 7.73
N LYS A 58 5.50 8.20 8.86
CA LYS A 58 5.16 9.23 9.88
C LYS A 58 6.31 9.38 10.88
N VAL A 59 7.40 9.95 10.46
CA VAL A 59 8.56 10.12 11.38
C VAL A 59 8.68 11.60 11.79
N ILE A 60 8.03 11.99 12.85
CA ILE A 60 8.11 13.42 13.29
C ILE A 60 8.29 13.48 14.81
N MET A 1 15.02 11.24 9.51
CA MET A 1 14.07 11.42 10.64
C MET A 1 12.75 10.72 10.33
N GLU A 2 12.80 9.47 9.94
CA GLU A 2 11.55 8.73 9.63
C GLU A 2 11.87 7.27 9.29
N ILE A 3 10.86 6.46 9.12
CA ILE A 3 11.10 5.02 8.80
C ILE A 3 10.00 4.50 7.86
N ASP A 4 10.07 3.25 7.50
CA ASP A 4 9.03 2.68 6.58
C ASP A 4 8.25 1.59 7.30
N GLU A 5 7.47 0.83 6.56
CA GLU A 5 6.68 -0.26 7.20
C GLU A 5 5.76 -0.93 6.16
N GLY A 6 5.41 -0.22 5.12
CA GLY A 6 4.52 -0.81 4.08
C GLY A 6 3.23 0.00 3.98
N LYS A 7 3.18 1.12 4.67
CA LYS A 7 1.94 1.96 4.61
C LYS A 7 2.01 2.87 3.38
N TYR A 8 1.16 2.65 2.42
CA TYR A 8 1.19 3.50 1.20
C TYR A 8 -0.18 4.12 0.92
N GLU A 9 -0.21 5.27 0.32
CA GLU A 9 -1.51 5.93 -0.01
C GLU A 9 -1.59 6.14 -1.52
N CYS A 10 -2.74 5.93 -2.10
CA CYS A 10 -2.88 6.11 -3.58
C CYS A 10 -2.97 7.60 -3.92
N GLU A 11 -2.03 8.12 -4.66
CA GLU A 11 -2.12 9.55 -5.04
C GLU A 11 -3.29 9.73 -6.00
N ALA A 12 -3.77 8.64 -6.56
CA ALA A 12 -4.91 8.72 -7.50
C ALA A 12 -6.24 8.70 -6.73
N CYS A 13 -6.50 7.66 -5.98
CA CYS A 13 -7.79 7.60 -5.23
C CYS A 13 -7.56 7.79 -3.72
N GLY A 14 -6.33 7.89 -3.30
CA GLY A 14 -6.04 8.13 -1.85
C GLY A 14 -6.15 6.83 -1.05
N TYR A 15 -6.33 5.72 -1.68
CA TYR A 15 -6.45 4.44 -0.92
C TYR A 15 -5.18 4.21 -0.09
N ILE A 16 -5.32 3.66 1.07
CA ILE A 16 -4.13 3.42 1.92
C ILE A 16 -3.90 1.93 2.14
N TYR A 17 -2.82 1.40 1.61
CA TYR A 17 -2.55 -0.06 1.80
C TYR A 17 -1.89 -0.28 3.17
N GLU A 18 -2.48 -1.10 3.98
CA GLU A 18 -1.90 -1.37 5.33
C GLU A 18 -1.17 -2.71 5.34
N PRO A 19 0.11 -2.65 5.59
CA PRO A 19 0.94 -3.89 5.63
C PRO A 19 0.61 -4.70 6.89
N GLU A 20 0.24 -4.04 7.94
CA GLU A 20 -0.10 -4.77 9.20
C GLU A 20 -1.40 -5.56 9.02
N LYS A 21 -2.07 -5.36 7.92
CA LYS A 21 -3.35 -6.10 7.68
C LYS A 21 -3.23 -6.98 6.43
N GLY A 22 -2.52 -6.51 5.44
CA GLY A 22 -2.35 -7.31 4.19
C GLY A 22 -3.26 -6.76 3.10
N ASP A 23 -3.07 -7.20 1.89
CA ASP A 23 -3.93 -6.72 0.77
C ASP A 23 -5.22 -7.54 0.71
N LYS A 24 -5.94 -7.61 1.79
CA LYS A 24 -7.21 -8.40 1.80
C LYS A 24 -7.97 -8.23 0.49
N PHE A 25 -8.30 -7.01 0.15
CA PHE A 25 -9.04 -6.76 -1.11
C PHE A 25 -8.40 -7.50 -2.27
N ALA A 26 -7.10 -7.63 -2.26
CA ALA A 26 -6.41 -8.34 -3.38
C ALA A 26 -6.25 -9.82 -3.04
N GLY A 27 -5.48 -10.12 -2.03
CA GLY A 27 -5.27 -11.54 -1.64
C GLY A 27 -3.89 -11.71 -1.00
N ILE A 28 -3.59 -10.92 -0.01
CA ILE A 28 -2.26 -11.03 0.65
C ILE A 28 -2.44 -11.05 2.18
N PRO A 29 -1.62 -11.84 2.82
CA PRO A 29 -1.68 -11.97 4.30
C PRO A 29 -1.18 -10.67 4.95
N PRO A 30 -1.53 -10.51 6.20
CA PRO A 30 -1.12 -9.30 6.96
C PRO A 30 0.38 -9.33 7.27
N GLY A 31 0.93 -8.21 7.62
CA GLY A 31 2.39 -8.16 7.94
C GLY A 31 3.20 -8.11 6.64
N THR A 32 2.55 -7.86 5.53
CA THR A 32 3.28 -7.79 4.23
C THR A 32 3.50 -6.33 3.83
N PRO A 33 4.74 -6.00 3.56
CA PRO A 33 5.09 -4.62 3.16
C PRO A 33 4.65 -4.35 1.71
N PHE A 34 4.15 -3.17 1.45
CA PHE A 34 3.70 -2.84 0.07
C PHE A 34 4.83 -3.15 -0.93
N VAL A 35 6.04 -2.81 -0.58
CA VAL A 35 7.18 -3.05 -1.49
C VAL A 35 7.21 -4.52 -1.93
N ASP A 36 6.54 -5.38 -1.22
CA ASP A 36 6.53 -6.83 -1.60
C ASP A 36 5.44 -7.08 -2.63
N LEU A 37 4.64 -6.10 -2.92
CA LEU A 37 3.55 -6.30 -3.92
C LEU A 37 4.13 -6.33 -5.34
N SER A 38 3.91 -7.40 -6.05
CA SER A 38 4.45 -7.51 -7.44
C SER A 38 4.30 -6.17 -8.17
N ASP A 39 5.16 -5.91 -9.12
CA ASP A 39 5.05 -4.63 -9.88
C ASP A 39 3.73 -4.54 -10.63
N SER A 40 3.01 -5.63 -10.70
CA SER A 40 1.71 -5.62 -11.41
C SER A 40 0.55 -5.43 -10.43
N PHE A 41 0.85 -5.21 -9.17
CA PHE A 41 -0.23 -5.02 -8.17
C PHE A 41 -1.12 -3.83 -8.57
N MET A 42 -2.41 -3.97 -8.43
CA MET A 42 -3.31 -2.84 -8.80
C MET A 42 -4.09 -2.40 -7.56
N CYS A 43 -4.33 -1.13 -7.43
CA CYS A 43 -5.08 -0.62 -6.23
C CYS A 43 -6.46 -1.27 -6.18
N PRO A 44 -6.76 -1.87 -5.07
CA PRO A 44 -8.08 -2.53 -4.88
C PRO A 44 -9.17 -1.47 -4.75
N ALA A 45 -8.78 -0.23 -4.62
CA ALA A 45 -9.79 0.85 -4.49
C ALA A 45 -10.11 1.45 -5.86
N CYS A 46 -9.10 1.87 -6.58
CA CYS A 46 -9.35 2.46 -7.92
C CYS A 46 -8.68 1.62 -9.02
N ARG A 47 -8.18 0.46 -8.67
CA ARG A 47 -7.54 -0.44 -9.69
C ARG A 47 -6.32 0.22 -10.35
N SER A 48 -5.80 1.28 -9.80
CA SER A 48 -4.61 1.93 -10.41
C SER A 48 -3.39 1.02 -10.30
N PRO A 49 -2.35 1.37 -11.00
CA PRO A 49 -1.10 0.57 -10.98
C PRO A 49 -0.36 0.78 -9.65
N LYS A 50 0.23 -0.26 -9.11
CA LYS A 50 0.97 -0.12 -7.82
C LYS A 50 1.94 1.06 -7.91
N ASN A 51 2.42 1.37 -9.09
CA ASN A 51 3.36 2.51 -9.23
C ASN A 51 2.66 3.81 -8.82
N GLN A 52 1.37 3.78 -8.67
CA GLN A 52 0.63 5.00 -8.27
C GLN A 52 0.57 5.09 -6.74
N PHE A 53 1.10 4.11 -6.07
CA PHE A 53 1.07 4.15 -4.57
C PHE A 53 2.25 4.94 -4.02
N LYS A 54 2.00 5.78 -3.05
CA LYS A 54 3.10 6.57 -2.44
C LYS A 54 3.20 6.22 -0.96
N SER A 55 4.37 6.05 -0.44
CA SER A 55 4.46 5.69 1.01
C SER A 55 4.44 6.95 1.86
N ILE A 56 4.35 6.76 3.14
CA ILE A 56 4.31 7.93 4.08
C ILE A 56 5.58 7.97 4.93
N LYS A 57 6.27 6.87 5.05
CA LYS A 57 7.52 6.84 5.87
C LYS A 57 7.19 7.23 7.32
N LYS A 58 6.99 6.26 8.16
CA LYS A 58 6.67 6.57 9.59
C LYS A 58 7.67 7.59 10.15
N VAL A 59 7.21 8.75 10.51
CA VAL A 59 8.14 9.78 11.06
C VAL A 59 8.00 9.84 12.59
N ILE A 60 9.10 9.78 13.30
CA ILE A 60 9.04 9.84 14.78
C ILE A 60 9.94 10.96 15.31
N MET A 1 0.13 12.56 9.95
CA MET A 1 0.86 13.24 11.06
C MET A 1 1.97 12.31 11.59
N GLU A 2 2.04 11.12 11.09
CA GLU A 2 3.10 10.18 11.57
C GLU A 2 2.90 8.79 10.94
N ILE A 3 3.71 8.45 9.98
CA ILE A 3 3.57 7.12 9.32
C ILE A 3 4.95 6.46 9.15
N ASP A 4 4.97 5.21 8.78
CA ASP A 4 6.28 4.51 8.60
C ASP A 4 6.07 2.99 8.49
N GLU A 5 4.96 2.50 8.97
CA GLU A 5 4.70 1.04 8.91
C GLU A 5 4.38 0.62 7.47
N GLY A 6 5.28 0.85 6.56
CA GLY A 6 5.01 0.46 5.15
C GLY A 6 3.63 0.96 4.72
N LYS A 7 3.21 2.08 5.26
CA LYS A 7 1.88 2.63 4.88
C LYS A 7 1.98 3.38 3.55
N TYR A 8 1.24 2.95 2.56
CA TYR A 8 1.31 3.65 1.24
C TYR A 8 -0.05 4.26 0.90
N GLU A 9 -0.06 5.46 0.36
CA GLU A 9 -1.35 6.11 0.00
C GLU A 9 -1.45 6.25 -1.52
N CYS A 10 -2.59 5.94 -2.08
CA CYS A 10 -2.75 6.05 -3.56
C CYS A 10 -2.84 7.52 -3.97
N GLU A 11 -1.92 8.00 -4.76
CA GLU A 11 -2.03 9.41 -5.19
C GLU A 11 -3.23 9.55 -6.13
N ALA A 12 -3.71 8.43 -6.62
CA ALA A 12 -4.89 8.47 -7.54
C ALA A 12 -6.19 8.49 -6.74
N CYS A 13 -6.42 7.48 -5.93
CA CYS A 13 -7.68 7.45 -5.14
C CYS A 13 -7.40 7.70 -3.65
N GLY A 14 -6.16 7.88 -3.28
CA GLY A 14 -5.83 8.18 -1.85
C GLY A 14 -5.99 6.93 -0.97
N TYR A 15 -6.15 5.78 -1.55
CA TYR A 15 -6.30 4.56 -0.71
C TYR A 15 -5.02 4.33 0.09
N ILE A 16 -5.15 3.80 1.27
CA ILE A 16 -3.93 3.55 2.09
C ILE A 16 -3.68 2.05 2.25
N TYR A 17 -2.59 1.55 1.72
CA TYR A 17 -2.29 0.10 1.85
C TYR A 17 -1.63 -0.16 3.19
N GLU A 18 -2.11 -1.14 3.92
CA GLU A 18 -1.50 -1.46 5.24
C GLU A 18 -0.78 -2.80 5.19
N PRO A 19 0.50 -2.77 5.41
CA PRO A 19 1.32 -4.01 5.41
C PRO A 19 0.98 -4.87 6.61
N GLU A 20 0.59 -4.26 7.69
CA GLU A 20 0.23 -5.05 8.92
C GLU A 20 -1.12 -5.73 8.71
N LYS A 21 -1.83 -5.36 7.69
CA LYS A 21 -3.15 -5.99 7.42
C LYS A 21 -3.08 -6.87 6.17
N GLY A 22 -2.46 -6.38 5.13
CA GLY A 22 -2.34 -7.18 3.89
C GLY A 22 -3.26 -6.61 2.81
N ASP A 23 -3.10 -7.06 1.60
CA ASP A 23 -3.97 -6.57 0.49
C ASP A 23 -5.26 -7.39 0.46
N LYS A 24 -5.95 -7.49 1.57
CA LYS A 24 -7.23 -8.27 1.61
C LYS A 24 -8.03 -8.06 0.33
N PHE A 25 -8.41 -6.85 0.06
CA PHE A 25 -9.21 -6.57 -1.17
C PHE A 25 -8.60 -7.31 -2.37
N ALA A 26 -7.31 -7.50 -2.38
CA ALA A 26 -6.67 -8.21 -3.52
C ALA A 26 -6.50 -9.69 -3.20
N GLY A 27 -5.75 -10.01 -2.19
CA GLY A 27 -5.55 -11.44 -1.82
C GLY A 27 -4.15 -11.62 -1.24
N ILE A 28 -3.79 -10.83 -0.28
CA ILE A 28 -2.43 -10.96 0.33
C ILE A 28 -2.56 -11.05 1.86
N PRO A 29 -1.71 -11.85 2.44
CA PRO A 29 -1.71 -12.03 3.91
C PRO A 29 -1.24 -10.76 4.62
N PRO A 30 -1.59 -10.65 5.87
CA PRO A 30 -1.20 -9.47 6.68
C PRO A 30 0.30 -9.49 7.01
N GLY A 31 0.84 -8.37 7.36
CA GLY A 31 2.29 -8.31 7.70
C GLY A 31 3.11 -8.28 6.41
N THR A 32 2.48 -8.02 5.30
CA THR A 32 3.23 -7.98 4.00
C THR A 32 3.54 -6.53 3.62
N PRO A 33 4.79 -6.25 3.39
CA PRO A 33 5.22 -4.89 3.01
C PRO A 33 4.80 -4.57 1.57
N PHE A 34 4.29 -3.40 1.33
CA PHE A 34 3.87 -3.03 -0.04
C PHE A 34 4.99 -3.34 -1.04
N VAL A 35 6.20 -3.01 -0.69
CA VAL A 35 7.34 -3.27 -1.60
C VAL A 35 7.36 -4.75 -2.03
N ASP A 36 6.67 -5.60 -1.34
CA ASP A 36 6.66 -7.04 -1.71
C ASP A 36 5.57 -7.30 -2.76
N LEU A 37 4.75 -6.33 -3.04
CA LEU A 37 3.68 -6.53 -4.05
C LEU A 37 4.28 -6.67 -5.44
N SER A 38 3.57 -7.28 -6.36
CA SER A 38 4.11 -7.44 -7.73
C SER A 38 3.99 -6.13 -8.51
N ASP A 39 4.85 -5.90 -9.47
CA ASP A 39 4.78 -4.63 -10.25
C ASP A 39 3.44 -4.54 -10.97
N SER A 40 2.69 -5.62 -11.02
CA SER A 40 1.38 -5.57 -11.72
C SER A 40 0.23 -5.50 -10.70
N PHE A 41 0.55 -5.41 -9.44
CA PHE A 41 -0.54 -5.32 -8.41
C PHE A 41 -1.42 -4.11 -8.70
N MET A 42 -2.71 -4.25 -8.58
CA MET A 42 -3.60 -3.07 -8.84
C MET A 42 -4.22 -2.59 -7.52
N CYS A 43 -4.29 -1.31 -7.33
CA CYS A 43 -4.86 -0.77 -6.07
C CYS A 43 -6.18 -1.47 -5.74
N PRO A 44 -6.33 -1.82 -4.48
CA PRO A 44 -7.57 -2.48 -4.03
C PRO A 44 -8.68 -1.45 -3.78
N ALA A 45 -8.72 -0.41 -4.57
CA ALA A 45 -9.76 0.63 -4.37
C ALA A 45 -10.08 1.29 -5.72
N CYS A 46 -9.06 1.69 -6.44
CA CYS A 46 -9.31 2.34 -7.76
C CYS A 46 -8.63 1.52 -8.88
N ARG A 47 -8.14 0.35 -8.56
CA ARG A 47 -7.49 -0.51 -9.59
C ARG A 47 -6.26 0.14 -10.22
N SER A 48 -5.76 1.19 -9.64
CA SER A 48 -4.55 1.85 -10.22
C SER A 48 -3.36 0.89 -10.14
N PRO A 49 -2.30 1.24 -10.81
CA PRO A 49 -1.09 0.40 -10.81
C PRO A 49 -0.36 0.52 -9.47
N LYS A 50 0.19 -0.55 -8.97
CA LYS A 50 0.93 -0.48 -7.67
C LYS A 50 1.92 0.68 -7.70
N ASN A 51 2.46 0.97 -8.86
CA ASN A 51 3.42 2.11 -8.94
C ASN A 51 2.70 3.41 -8.62
N GLN A 52 1.40 3.37 -8.55
CA GLN A 52 0.63 4.60 -8.22
C GLN A 52 0.54 4.77 -6.70
N PHE A 53 1.04 3.82 -5.95
CA PHE A 53 0.98 3.95 -4.46
C PHE A 53 2.09 4.88 -3.98
N LYS A 54 1.76 5.80 -3.13
CA LYS A 54 2.80 6.73 -2.61
C LYS A 54 3.18 6.31 -1.19
N SER A 55 4.45 6.23 -0.90
CA SER A 55 4.87 5.81 0.46
C SER A 55 4.90 7.03 1.40
N ILE A 56 4.85 6.79 2.68
CA ILE A 56 4.87 7.92 3.65
C ILE A 56 5.45 7.46 4.99
N LYS A 57 6.74 7.54 5.16
CA LYS A 57 7.35 7.10 6.44
C LYS A 57 7.95 8.30 7.18
N LYS A 58 7.13 9.22 7.57
CA LYS A 58 7.65 10.42 8.31
C LYS A 58 7.05 10.48 9.71
N VAL A 59 7.64 11.25 10.59
CA VAL A 59 7.10 11.35 11.98
C VAL A 59 7.39 12.73 12.55
N ILE A 60 6.36 13.49 12.85
CA ILE A 60 6.57 14.85 13.41
C ILE A 60 6.24 14.86 14.91
N MET A 1 9.05 8.40 14.93
CA MET A 1 10.50 8.51 15.18
C MET A 1 11.28 8.13 13.92
N GLU A 2 11.06 8.82 12.84
CA GLU A 2 11.79 8.49 11.58
C GLU A 2 11.78 6.97 11.34
N ILE A 3 10.76 6.47 10.69
CA ILE A 3 10.70 5.00 10.44
C ILE A 3 9.75 4.71 9.27
N ASP A 4 9.46 3.47 9.04
CA ASP A 4 8.54 3.12 7.91
C ASP A 4 7.62 1.97 8.31
N GLU A 5 6.51 1.83 7.64
CA GLU A 5 5.57 0.72 7.98
C GLU A 5 4.90 0.21 6.70
N GLY A 6 5.62 0.15 5.62
CA GLY A 6 5.03 -0.33 4.34
C GLY A 6 3.66 0.32 4.12
N LYS A 7 3.44 1.46 4.71
CA LYS A 7 2.13 2.16 4.54
C LYS A 7 2.18 3.05 3.29
N TYR A 8 1.34 2.81 2.34
CA TYR A 8 1.35 3.64 1.10
C TYR A 8 -0.04 4.26 0.85
N GLU A 9 -0.08 5.41 0.25
CA GLU A 9 -1.38 6.06 -0.05
C GLU A 9 -1.54 6.23 -1.57
N CYS A 10 -2.69 5.97 -2.10
CA CYS A 10 -2.88 6.11 -3.58
C CYS A 10 -3.01 7.58 -3.97
N GLU A 11 -2.13 8.08 -4.79
CA GLU A 11 -2.27 9.49 -5.21
C GLU A 11 -3.48 9.60 -6.13
N ALA A 12 -3.95 8.48 -6.63
CA ALA A 12 -5.13 8.48 -7.53
C ALA A 12 -6.44 8.45 -6.71
N CYS A 13 -6.64 7.44 -5.90
CA CYS A 13 -7.89 7.38 -5.11
C CYS A 13 -7.61 7.67 -3.62
N GLY A 14 -6.36 7.87 -3.27
CA GLY A 14 -6.02 8.19 -1.85
C GLY A 14 -6.14 6.97 -0.94
N TYR A 15 -6.29 5.81 -1.49
CA TYR A 15 -6.40 4.60 -0.63
C TYR A 15 -5.10 4.37 0.12
N ILE A 16 -5.17 3.80 1.29
CA ILE A 16 -3.92 3.56 2.07
C ILE A 16 -3.70 2.06 2.23
N TYR A 17 -2.67 1.53 1.61
CA TYR A 17 -2.39 0.08 1.75
C TYR A 17 -1.67 -0.19 3.06
N GLU A 18 -2.24 -0.98 3.91
CA GLU A 18 -1.58 -1.28 5.22
C GLU A 18 -0.97 -2.68 5.19
N PRO A 19 0.32 -2.74 5.34
CA PRO A 19 1.04 -4.04 5.34
C PRO A 19 0.75 -4.82 6.63
N GLU A 20 0.36 -4.12 7.67
CA GLU A 20 0.07 -4.82 8.95
C GLU A 20 -1.27 -5.55 8.86
N LYS A 21 -2.03 -5.29 7.83
CA LYS A 21 -3.35 -5.96 7.69
C LYS A 21 -3.34 -6.91 6.50
N GLY A 22 -2.84 -6.47 5.38
CA GLY A 22 -2.80 -7.35 4.18
C GLY A 22 -3.64 -6.76 3.05
N ASP A 23 -3.38 -7.15 1.84
CA ASP A 23 -4.18 -6.63 0.69
C ASP A 23 -5.47 -7.44 0.52
N LYS A 24 -6.27 -7.51 1.55
CA LYS A 24 -7.54 -8.30 1.45
C LYS A 24 -8.19 -8.09 0.09
N PHE A 25 -8.40 -6.86 -0.29
CA PHE A 25 -9.04 -6.59 -1.61
C PHE A 25 -8.34 -7.37 -2.72
N ALA A 26 -7.03 -7.46 -2.67
CA ALA A 26 -6.29 -8.20 -3.73
C ALA A 26 -6.17 -9.68 -3.34
N GLY A 27 -5.41 -9.96 -2.32
CA GLY A 27 -5.25 -11.39 -1.88
C GLY A 27 -3.87 -11.55 -1.21
N ILE A 28 -3.61 -10.77 -0.20
CA ILE A 28 -2.30 -10.89 0.50
C ILE A 28 -2.53 -11.00 2.02
N PRO A 29 -1.69 -11.77 2.65
CA PRO A 29 -1.80 -11.97 4.12
C PRO A 29 -1.37 -10.70 4.86
N PRO A 30 -1.69 -10.66 6.13
CA PRO A 30 -1.34 -9.48 6.95
C PRO A 30 0.16 -9.42 7.23
N GLY A 31 0.65 -8.27 7.56
CA GLY A 31 2.11 -8.12 7.84
C GLY A 31 2.87 -8.10 6.52
N THR A 32 2.19 -7.91 5.42
CA THR A 32 2.89 -7.88 4.10
C THR A 32 3.26 -6.45 3.73
N PRO A 33 4.53 -6.22 3.57
CA PRO A 33 5.04 -4.87 3.21
C PRO A 33 4.70 -4.54 1.75
N PHE A 34 4.35 -3.32 1.47
CA PHE A 34 4.01 -2.94 0.07
C PHE A 34 5.20 -3.25 -0.85
N VAL A 35 6.36 -3.41 -0.28
CA VAL A 35 7.56 -3.71 -1.12
C VAL A 35 7.50 -5.16 -1.61
N ASP A 36 6.56 -5.92 -1.12
CA ASP A 36 6.44 -7.34 -1.56
C ASP A 36 5.41 -7.46 -2.68
N LEU A 37 4.70 -6.40 -2.98
CA LEU A 37 3.68 -6.46 -4.07
C LEU A 37 4.38 -6.54 -5.43
N SER A 38 3.77 -7.22 -6.36
CA SER A 38 4.38 -7.33 -7.72
C SER A 38 4.21 -6.03 -8.49
N ASP A 39 5.09 -5.74 -9.42
CA ASP A 39 4.97 -4.48 -10.20
C ASP A 39 3.60 -4.41 -10.89
N SER A 40 2.91 -5.52 -10.98
CA SER A 40 1.57 -5.51 -11.63
C SER A 40 0.47 -5.40 -10.58
N PHE A 41 0.83 -5.23 -9.34
CA PHE A 41 -0.21 -5.12 -8.27
C PHE A 41 -1.15 -3.95 -8.59
N MET A 42 -2.43 -4.13 -8.41
CA MET A 42 -3.38 -3.01 -8.69
C MET A 42 -4.00 -2.53 -7.38
N CYS A 43 -4.14 -1.24 -7.22
CA CYS A 43 -4.72 -0.71 -5.95
C CYS A 43 -5.99 -1.48 -5.58
N PRO A 44 -6.10 -1.79 -4.32
CA PRO A 44 -7.29 -2.51 -3.81
C PRO A 44 -8.43 -1.52 -3.53
N ALA A 45 -8.56 -0.52 -4.36
CA ALA A 45 -9.64 0.48 -4.15
C ALA A 45 -10.04 1.09 -5.49
N CYS A 46 -9.07 1.53 -6.26
CA CYS A 46 -9.39 2.13 -7.58
C CYS A 46 -8.71 1.32 -8.69
N ARG A 47 -8.14 0.18 -8.36
CA ARG A 47 -7.49 -0.69 -9.38
C ARG A 47 -6.33 0.03 -10.09
N SER A 48 -5.84 1.11 -9.56
CA SER A 48 -4.71 1.82 -10.21
C SER A 48 -3.45 0.93 -10.15
N PRO A 49 -2.45 1.34 -10.88
CA PRO A 49 -1.18 0.57 -10.91
C PRO A 49 -0.41 0.76 -9.60
N LYS A 50 0.19 -0.28 -9.09
CA LYS A 50 0.96 -0.14 -7.81
C LYS A 50 1.92 1.04 -7.92
N ASN A 51 2.41 1.32 -9.09
CA ASN A 51 3.34 2.47 -9.25
C ASN A 51 2.63 3.77 -8.88
N GLN A 52 1.33 3.72 -8.76
CA GLN A 52 0.57 4.94 -8.39
C GLN A 52 0.52 5.10 -6.86
N PHE A 53 1.06 4.13 -6.15
CA PHE A 53 1.04 4.22 -4.66
C PHE A 53 2.23 5.04 -4.16
N LYS A 54 1.99 5.87 -3.18
CA LYS A 54 3.10 6.69 -2.61
C LYS A 54 3.25 6.34 -1.14
N SER A 55 4.45 6.19 -0.66
CA SER A 55 4.61 5.84 0.79
C SER A 55 4.58 7.09 1.66
N ILE A 56 4.55 6.90 2.94
CA ILE A 56 4.52 8.05 3.88
C ILE A 56 5.86 8.20 4.60
N LYS A 57 6.41 7.12 5.06
CA LYS A 57 7.72 7.20 5.78
C LYS A 57 7.59 8.11 7.00
N LYS A 58 7.37 7.54 8.15
CA LYS A 58 7.23 8.37 9.38
C LYS A 58 8.52 9.15 9.66
N VAL A 59 8.78 10.16 8.89
CA VAL A 59 10.03 10.95 9.11
C VAL A 59 9.73 12.20 9.96
N ILE A 60 9.51 12.02 11.23
CA ILE A 60 9.21 13.18 12.12
C ILE A 60 10.48 13.61 12.86
N MET A 1 1.07 13.37 12.33
CA MET A 1 0.44 12.06 12.02
C MET A 1 1.37 10.92 12.45
N GLU A 2 2.65 11.08 12.26
CA GLU A 2 3.61 10.01 12.65
C GLU A 2 3.17 8.67 12.06
N ILE A 3 3.61 8.37 10.87
CA ILE A 3 3.22 7.07 10.23
C ILE A 3 4.37 6.54 9.39
N ASP A 4 4.80 5.33 9.64
CA ASP A 4 5.92 4.75 8.86
C ASP A 4 5.80 3.23 8.79
N GLU A 5 4.69 2.70 9.19
CA GLU A 5 4.50 1.22 9.16
C GLU A 5 4.27 0.73 7.72
N GLY A 6 5.19 0.96 6.85
CA GLY A 6 5.02 0.51 5.44
C GLY A 6 3.64 0.93 4.94
N LYS A 7 3.14 2.03 5.41
CA LYS A 7 1.80 2.50 4.95
C LYS A 7 1.92 3.20 3.59
N TYR A 8 1.19 2.75 2.61
CA TYR A 8 1.26 3.40 1.28
C TYR A 8 -0.07 4.07 0.94
N GLU A 9 -0.04 5.24 0.35
CA GLU A 9 -1.31 5.93 0.00
C GLU A 9 -1.40 6.11 -1.53
N CYS A 10 -2.55 5.88 -2.10
CA CYS A 10 -2.69 6.03 -3.58
C CYS A 10 -2.74 7.51 -3.94
N GLU A 11 -1.79 7.99 -4.70
CA GLU A 11 -1.85 9.42 -5.10
C GLU A 11 -3.03 9.62 -6.03
N ALA A 12 -3.55 8.54 -6.56
CA ALA A 12 -4.71 8.64 -7.49
C ALA A 12 -6.02 8.68 -6.70
N CYS A 13 -6.30 7.66 -5.93
CA CYS A 13 -7.58 7.64 -5.16
C CYS A 13 -7.31 7.83 -3.65
N GLY A 14 -6.08 7.93 -3.27
CA GLY A 14 -5.76 8.16 -1.82
C GLY A 14 -5.93 6.89 -0.99
N TYR A 15 -6.13 5.78 -1.63
CA TYR A 15 -6.29 4.51 -0.85
C TYR A 15 -5.05 4.26 -0.02
N ILE A 16 -5.20 3.73 1.15
CA ILE A 16 -4.02 3.48 2.01
C ILE A 16 -3.79 1.97 2.20
N TYR A 17 -2.71 1.46 1.68
CA TYR A 17 -2.43 0.01 1.82
C TYR A 17 -1.77 -0.26 3.19
N GLU A 18 -2.26 -1.22 3.92
CA GLU A 18 -1.67 -1.52 5.25
C GLU A 18 -0.89 -2.83 5.21
N PRO A 19 0.38 -2.73 5.49
CA PRO A 19 1.25 -3.94 5.49
C PRO A 19 0.92 -4.83 6.70
N GLU A 20 0.59 -4.22 7.80
CA GLU A 20 0.25 -5.02 9.01
C GLU A 20 -1.08 -5.74 8.81
N LYS A 21 -1.76 -5.45 7.73
CA LYS A 21 -3.07 -6.11 7.48
C LYS A 21 -3.01 -6.95 6.20
N GLY A 22 -2.30 -6.47 5.21
CA GLY A 22 -2.17 -7.23 3.94
C GLY A 22 -3.13 -6.64 2.89
N ASP A 23 -3.03 -7.11 1.68
CA ASP A 23 -3.92 -6.61 0.60
C ASP A 23 -5.25 -7.38 0.63
N LYS A 24 -5.94 -7.36 1.74
CA LYS A 24 -7.23 -8.12 1.84
C LYS A 24 -7.99 -8.05 0.51
N PHE A 25 -8.41 -6.88 0.11
CA PHE A 25 -9.16 -6.75 -1.17
C PHE A 25 -8.52 -7.61 -2.26
N ALA A 26 -7.24 -7.86 -2.14
CA ALA A 26 -6.56 -8.70 -3.17
C ALA A 26 -6.40 -10.14 -2.67
N GLY A 27 -5.75 -10.30 -1.56
CA GLY A 27 -5.56 -11.68 -1.00
C GLY A 27 -4.20 -11.81 -0.31
N ILE A 28 -3.37 -10.82 -0.43
CA ILE A 28 -2.03 -10.89 0.23
C ILE A 28 -2.20 -10.99 1.74
N PRO A 29 -1.34 -11.76 2.35
CA PRO A 29 -1.40 -11.96 3.83
C PRO A 29 -0.96 -10.69 4.56
N PRO A 30 -1.35 -10.60 5.80
CA PRO A 30 -1.00 -9.42 6.64
C PRO A 30 0.49 -9.43 7.01
N GLY A 31 0.99 -8.32 7.44
CA GLY A 31 2.44 -8.27 7.82
C GLY A 31 3.29 -8.20 6.56
N THR A 32 2.70 -7.92 5.43
CA THR A 32 3.47 -7.84 4.17
C THR A 32 3.65 -6.38 3.74
N PRO A 33 4.87 -6.00 3.50
CA PRO A 33 5.17 -4.61 3.08
C PRO A 33 4.74 -4.39 1.64
N PHE A 34 4.19 -3.24 1.33
CA PHE A 34 3.75 -2.96 -0.06
C PHE A 34 4.88 -3.28 -1.04
N VAL A 35 6.10 -2.99 -0.67
CA VAL A 35 7.24 -3.28 -1.58
C VAL A 35 7.23 -4.75 -2.00
N ASP A 36 6.51 -5.59 -1.29
CA ASP A 36 6.46 -7.03 -1.67
C ASP A 36 5.40 -7.27 -2.75
N LEU A 37 4.62 -6.26 -3.05
CA LEU A 37 3.57 -6.43 -4.10
C LEU A 37 4.22 -6.61 -5.48
N SER A 38 3.54 -7.22 -6.40
CA SER A 38 4.11 -7.41 -7.75
C SER A 38 3.99 -6.12 -8.55
N ASP A 39 4.84 -5.93 -9.54
CA ASP A 39 4.77 -4.67 -10.34
C ASP A 39 3.44 -4.60 -11.09
N SER A 40 2.67 -5.66 -11.08
CA SER A 40 1.36 -5.63 -11.80
C SER A 40 0.21 -5.48 -10.79
N PHE A 41 0.52 -5.35 -9.53
CA PHE A 41 -0.57 -5.20 -8.52
C PHE A 41 -1.41 -3.95 -8.84
N MET A 42 -2.70 -4.03 -8.70
CA MET A 42 -3.56 -2.86 -8.98
C MET A 42 -4.28 -2.43 -7.71
N CYS A 43 -4.45 -1.14 -7.52
CA CYS A 43 -5.14 -0.66 -6.30
C CYS A 43 -6.53 -1.28 -6.20
N PRO A 44 -6.82 -1.85 -5.07
CA PRO A 44 -8.14 -2.49 -4.85
C PRO A 44 -9.22 -1.41 -4.73
N ALA A 45 -8.82 -0.18 -4.58
CA ALA A 45 -9.81 0.93 -4.44
C ALA A 45 -10.11 1.56 -5.81
N CYS A 46 -9.10 1.94 -6.52
CA CYS A 46 -9.32 2.57 -7.85
C CYS A 46 -8.69 1.74 -8.98
N ARG A 47 -8.22 0.56 -8.67
CA ARG A 47 -7.62 -0.33 -9.72
C ARG A 47 -6.38 0.31 -10.37
N SER A 48 -5.85 1.36 -9.81
CA SER A 48 -4.64 1.98 -10.41
C SER A 48 -3.46 1.01 -10.33
N PRO A 49 -2.42 1.32 -11.07
CA PRO A 49 -1.22 0.46 -11.06
C PRO A 49 -0.47 0.59 -9.73
N LYS A 50 0.07 -0.48 -9.22
CA LYS A 50 0.82 -0.40 -7.93
C LYS A 50 1.83 0.75 -7.99
N ASN A 51 2.32 1.05 -9.15
CA ASN A 51 3.31 2.17 -9.27
C ASN A 51 2.65 3.49 -8.84
N GLN A 52 1.35 3.49 -8.71
CA GLN A 52 0.66 4.74 -8.28
C GLN A 52 0.61 4.80 -6.75
N PHE A 53 1.10 3.79 -6.09
CA PHE A 53 1.09 3.79 -4.59
C PHE A 53 2.31 4.55 -4.06
N LYS A 54 2.12 5.37 -3.07
CA LYS A 54 3.26 6.13 -2.49
C LYS A 54 3.40 5.77 -1.01
N SER A 55 4.60 5.60 -0.53
CA SER A 55 4.77 5.24 0.90
C SER A 55 4.77 6.48 1.79
N ILE A 56 4.67 6.26 3.07
CA ILE A 56 4.67 7.39 4.03
C ILE A 56 5.52 7.03 5.25
N LYS A 57 6.81 7.21 5.16
CA LYS A 57 7.70 6.88 6.31
C LYS A 57 8.19 8.17 6.97
N LYS A 58 7.30 8.89 7.61
CA LYS A 58 7.71 10.16 8.28
C LYS A 58 7.30 10.15 9.74
N VAL A 59 7.75 11.10 10.51
CA VAL A 59 7.37 11.14 11.95
C VAL A 59 7.74 12.51 12.55
N ILE A 60 6.82 13.13 13.25
CA ILE A 60 7.12 14.46 13.85
C ILE A 60 7.41 14.31 15.35
N MET A 1 14.33 12.20 5.39
CA MET A 1 14.62 10.74 5.36
C MET A 1 13.43 9.94 5.91
N GLU A 2 13.29 9.92 7.21
CA GLU A 2 12.15 9.18 7.82
C GLU A 2 12.15 7.72 7.33
N ILE A 3 11.18 6.94 7.73
CA ILE A 3 11.14 5.53 7.28
C ILE A 3 9.69 5.02 7.27
N ASP A 4 9.24 4.49 6.17
CA ASP A 4 7.84 3.98 6.11
C ASP A 4 7.81 2.48 6.37
N GLU A 5 6.92 2.02 7.21
CA GLU A 5 6.85 0.56 7.50
C GLU A 5 6.01 -0.15 6.44
N GLY A 6 5.74 0.51 5.34
CA GLY A 6 4.92 -0.12 4.28
C GLY A 6 3.58 0.59 4.15
N LYS A 7 3.44 1.72 4.80
CA LYS A 7 2.15 2.47 4.69
C LYS A 7 2.11 3.24 3.38
N TYR A 8 1.26 2.85 2.46
CA TYR A 8 1.21 3.55 1.16
C TYR A 8 -0.18 4.14 0.89
N GLU A 9 -0.24 5.28 0.28
CA GLU A 9 -1.54 5.92 -0.04
C GLU A 9 -1.64 6.13 -1.55
N CYS A 10 -2.80 5.97 -2.12
CA CYS A 10 -2.95 6.16 -3.58
C CYS A 10 -3.00 7.64 -3.93
N GLU A 11 -2.06 8.14 -4.66
CA GLU A 11 -2.13 9.58 -5.04
C GLU A 11 -3.29 9.77 -6.00
N ALA A 12 -3.78 8.69 -6.56
CA ALA A 12 -4.91 8.77 -7.52
C ALA A 12 -6.24 8.78 -6.76
N CYS A 13 -6.54 7.73 -6.02
CA CYS A 13 -7.83 7.71 -5.29
C CYS A 13 -7.61 7.92 -3.79
N GLY A 14 -6.38 8.02 -3.36
CA GLY A 14 -6.09 8.28 -1.92
C GLY A 14 -6.20 7.01 -1.09
N TYR A 15 -6.47 5.90 -1.71
CA TYR A 15 -6.59 4.63 -0.94
C TYR A 15 -5.37 4.46 -0.03
N ILE A 16 -5.39 3.49 0.84
CA ILE A 16 -4.24 3.28 1.75
C ILE A 16 -3.94 1.80 1.90
N TYR A 17 -2.70 1.41 1.74
CA TYR A 17 -2.35 -0.03 1.88
C TYR A 17 -1.63 -0.26 3.21
N GLU A 18 -2.17 -1.09 4.04
CA GLU A 18 -1.52 -1.36 5.36
C GLU A 18 -0.92 -2.77 5.38
N PRO A 19 0.37 -2.83 5.55
CA PRO A 19 1.07 -4.15 5.58
C PRO A 19 0.72 -4.90 6.87
N GLU A 20 0.34 -4.18 7.89
CA GLU A 20 -0.01 -4.86 9.18
C GLU A 20 -1.35 -5.58 9.05
N LYS A 21 -2.10 -5.27 8.03
CA LYS A 21 -3.43 -5.95 7.86
C LYS A 21 -3.38 -6.89 6.66
N GLY A 22 -2.76 -6.48 5.59
CA GLY A 22 -2.68 -7.35 4.39
C GLY A 22 -3.50 -6.75 3.26
N ASP A 23 -3.17 -7.09 2.04
CA ASP A 23 -3.94 -6.57 0.87
C ASP A 23 -5.16 -7.46 0.65
N LYS A 24 -6.03 -7.53 1.61
CA LYS A 24 -7.24 -8.40 1.48
C LYS A 24 -7.81 -8.33 0.05
N PHE A 25 -7.99 -7.16 -0.47
CA PHE A 25 -8.55 -7.01 -1.84
C PHE A 25 -7.46 -7.23 -2.91
N ALA A 26 -6.34 -7.75 -2.53
CA ALA A 26 -5.24 -7.97 -3.52
C ALA A 26 -4.68 -9.38 -3.38
N GLY A 27 -5.14 -10.14 -2.42
CA GLY A 27 -4.63 -11.54 -2.27
C GLY A 27 -3.37 -11.58 -1.41
N ILE A 28 -3.29 -10.78 -0.38
CA ILE A 28 -2.06 -10.79 0.48
C ILE A 28 -2.46 -10.85 1.96
N PRO A 29 -1.77 -11.68 2.70
CA PRO A 29 -2.04 -11.83 4.14
C PRO A 29 -1.55 -10.60 4.92
N PRO A 30 -1.84 -10.57 6.18
CA PRO A 30 -1.42 -9.45 7.05
C PRO A 30 0.08 -9.50 7.33
N GLY A 31 0.64 -8.39 7.73
CA GLY A 31 2.10 -8.35 8.01
C GLY A 31 2.88 -8.33 6.70
N THR A 32 2.21 -8.11 5.60
CA THR A 32 2.91 -8.08 4.28
C THR A 32 3.26 -6.64 3.91
N PRO A 33 4.54 -6.41 3.73
CA PRO A 33 5.03 -5.06 3.35
C PRO A 33 4.67 -4.74 1.90
N PHE A 34 4.33 -3.51 1.62
CA PHE A 34 3.97 -3.14 0.22
C PHE A 34 5.11 -3.51 -0.74
N VAL A 35 6.33 -3.35 -0.30
CA VAL A 35 7.48 -3.69 -1.17
C VAL A 35 7.36 -5.15 -1.64
N ASP A 36 6.55 -5.93 -0.97
CA ASP A 36 6.39 -7.35 -1.37
C ASP A 36 5.35 -7.47 -2.50
N LEU A 37 4.71 -6.39 -2.84
CA LEU A 37 3.69 -6.44 -3.93
C LEU A 37 4.39 -6.55 -5.29
N SER A 38 3.79 -7.25 -6.22
CA SER A 38 4.41 -7.39 -7.56
C SER A 38 4.25 -6.09 -8.35
N ASP A 39 5.02 -5.90 -9.38
CA ASP A 39 4.89 -4.65 -10.19
C ASP A 39 3.51 -4.59 -10.86
N SER A 40 2.77 -5.66 -10.80
CA SER A 40 1.42 -5.66 -11.43
C SER A 40 0.33 -5.45 -10.37
N PHE A 41 0.71 -5.22 -9.15
CA PHE A 41 -0.31 -5.00 -8.08
C PHE A 41 -1.20 -3.81 -8.46
N MET A 42 -2.48 -3.92 -8.25
CA MET A 42 -3.39 -2.79 -8.60
C MET A 42 -4.15 -2.33 -7.36
N CYS A 43 -4.42 -1.06 -7.26
CA CYS A 43 -5.16 -0.55 -6.07
C CYS A 43 -6.53 -1.23 -5.96
N PRO A 44 -6.79 -1.77 -4.81
CA PRO A 44 -8.09 -2.44 -4.57
C PRO A 44 -9.22 -1.42 -4.49
N ALA A 45 -8.86 -0.16 -4.43
CA ALA A 45 -9.90 0.91 -4.35
C ALA A 45 -10.22 1.45 -5.75
N CYS A 46 -9.23 1.94 -6.44
CA CYS A 46 -9.49 2.49 -7.81
C CYS A 46 -8.86 1.60 -8.89
N ARG A 47 -8.32 0.48 -8.49
CA ARG A 47 -7.71 -0.47 -9.49
C ARG A 47 -6.52 0.17 -10.22
N SER A 48 -5.97 1.24 -9.71
CA SER A 48 -4.81 1.86 -10.39
C SER A 48 -3.58 0.96 -10.28
N PRO A 49 -2.57 1.27 -11.03
CA PRO A 49 -1.32 0.47 -11.03
C PRO A 49 -0.54 0.71 -9.73
N LYS A 50 0.05 -0.32 -9.18
CA LYS A 50 0.84 -0.14 -7.92
C LYS A 50 1.79 1.05 -8.07
N ASN A 51 2.19 1.36 -9.27
CA ASN A 51 3.12 2.51 -9.47
C ASN A 51 2.45 3.81 -9.02
N GLN A 52 1.18 3.77 -8.77
CA GLN A 52 0.48 5.00 -8.31
C GLN A 52 0.44 5.04 -6.78
N PHE A 53 0.99 4.04 -6.15
CA PHE A 53 0.99 4.01 -4.66
C PHE A 53 2.21 4.75 -4.10
N LYS A 54 2.01 5.54 -3.07
CA LYS A 54 3.14 6.28 -2.46
C LYS A 54 3.21 5.98 -0.97
N SER A 55 4.40 5.81 -0.43
CA SER A 55 4.49 5.51 1.03
C SER A 55 4.34 6.78 1.85
N ILE A 56 4.16 6.64 3.13
CA ILE A 56 4.00 7.84 4.00
C ILE A 56 5.33 8.21 4.66
N LYS A 57 6.20 7.26 4.84
CA LYS A 57 7.52 7.56 5.48
C LYS A 57 7.31 8.30 6.80
N LYS A 58 7.14 7.59 7.87
CA LYS A 58 6.92 8.25 9.20
C LYS A 58 8.27 8.42 9.92
N VAL A 59 8.56 9.61 10.35
CA VAL A 59 9.85 9.85 11.06
C VAL A 59 9.91 9.00 12.34
N ILE A 60 11.09 8.64 12.77
CA ILE A 60 11.21 7.83 14.01
C ILE A 60 12.33 8.38 14.90
N MET A 1 1.15 12.04 8.60
CA MET A 1 0.53 11.99 9.95
C MET A 1 1.57 11.56 10.99
N GLU A 2 1.15 11.21 12.17
CA GLU A 2 2.12 10.79 13.23
C GLU A 2 2.15 9.26 13.33
N ILE A 3 2.86 8.61 12.45
CA ILE A 3 2.93 7.12 12.49
C ILE A 3 3.92 6.61 11.45
N ASP A 4 4.21 5.34 11.48
CA ASP A 4 5.17 4.77 10.50
C ASP A 4 5.10 3.24 10.49
N GLU A 5 4.87 2.65 9.36
CA GLU A 5 4.79 1.16 9.28
C GLU A 5 4.55 0.73 7.84
N GLY A 6 5.13 1.41 6.89
CA GLY A 6 4.94 1.05 5.47
C GLY A 6 3.78 1.86 4.90
N LYS A 7 2.66 1.86 5.60
CA LYS A 7 1.44 2.63 5.17
C LYS A 7 1.58 3.21 3.77
N TYR A 8 0.88 2.66 2.81
CA TYR A 8 0.97 3.20 1.42
C TYR A 8 -0.35 3.86 1.03
N GLU A 9 -0.30 5.03 0.46
CA GLU A 9 -1.56 5.72 0.06
C GLU A 9 -1.57 5.95 -1.46
N CYS A 10 -2.71 5.81 -2.09
CA CYS A 10 -2.78 6.02 -3.55
C CYS A 10 -2.81 7.51 -3.88
N GLU A 11 -1.80 8.02 -4.52
CA GLU A 11 -1.83 9.46 -4.86
C GLU A 11 -2.95 9.70 -5.87
N ALA A 12 -3.45 8.64 -6.47
CA ALA A 12 -4.54 8.77 -7.46
C ALA A 12 -5.91 8.80 -6.75
N CYS A 13 -6.27 7.75 -6.06
CA CYS A 13 -7.60 7.74 -5.39
C CYS A 13 -7.45 7.90 -3.87
N GLY A 14 -6.24 7.91 -3.37
CA GLY A 14 -6.04 8.11 -1.90
C GLY A 14 -6.19 6.80 -1.13
N TYR A 15 -6.38 5.71 -1.80
CA TYR A 15 -6.53 4.42 -1.06
C TYR A 15 -5.40 4.29 -0.04
N ILE A 16 -5.43 3.30 0.79
CA ILE A 16 -4.34 3.16 1.80
C ILE A 16 -4.03 1.69 2.06
N TYR A 17 -2.87 1.24 1.68
CA TYR A 17 -2.50 -0.19 1.93
C TYR A 17 -1.72 -0.30 3.24
N GLU A 18 -1.86 -1.40 3.94
CA GLU A 18 -1.11 -1.56 5.22
C GLU A 18 -0.40 -2.92 5.24
N PRO A 19 0.87 -2.87 5.50
CA PRO A 19 1.69 -4.11 5.55
C PRO A 19 1.34 -4.91 6.81
N GLU A 20 1.01 -4.24 7.88
CA GLU A 20 0.66 -4.97 9.13
C GLU A 20 -0.73 -5.62 8.99
N LYS A 21 -1.37 -5.41 7.88
CA LYS A 21 -2.72 -6.02 7.68
C LYS A 21 -2.71 -6.90 6.43
N GLY A 22 -2.11 -6.45 5.38
CA GLY A 22 -2.06 -7.27 4.14
C GLY A 22 -2.97 -6.65 3.07
N ASP A 23 -2.85 -7.11 1.86
CA ASP A 23 -3.71 -6.57 0.77
C ASP A 23 -5.06 -7.29 0.74
N LYS A 24 -5.76 -7.28 1.84
CA LYS A 24 -7.09 -7.98 1.89
C LYS A 24 -7.87 -7.73 0.60
N PHE A 25 -8.19 -6.50 0.32
CA PHE A 25 -8.94 -6.18 -0.92
C PHE A 25 -8.39 -6.98 -2.10
N ALA A 26 -7.11 -7.28 -2.08
CA ALA A 26 -6.51 -8.06 -3.21
C ALA A 26 -6.45 -9.55 -2.85
N GLY A 27 -5.74 -9.87 -1.81
CA GLY A 27 -5.62 -11.30 -1.41
C GLY A 27 -4.22 -11.56 -0.86
N ILE A 28 -3.80 -10.81 0.11
CA ILE A 28 -2.44 -11.02 0.69
C ILE A 28 -2.51 -11.03 2.22
N PRO A 29 -1.72 -11.88 2.81
CA PRO A 29 -1.70 -12.00 4.29
C PRO A 29 -1.06 -10.76 4.92
N PRO A 30 -1.33 -10.57 6.18
CA PRO A 30 -0.78 -9.40 6.91
C PRO A 30 0.72 -9.56 7.14
N GLY A 31 1.38 -8.47 7.45
CA GLY A 31 2.85 -8.54 7.69
C GLY A 31 3.60 -8.49 6.35
N THR A 32 2.92 -8.14 5.30
CA THR A 32 3.59 -8.08 3.97
C THR A 32 3.79 -6.63 3.55
N PRO A 33 5.02 -6.29 3.24
CA PRO A 33 5.35 -4.90 2.82
C PRO A 33 4.81 -4.62 1.41
N PHE A 34 4.25 -3.46 1.21
CA PHE A 34 3.71 -3.12 -0.13
C PHE A 34 4.77 -3.34 -1.21
N VAL A 35 5.99 -2.97 -0.93
CA VAL A 35 7.07 -3.15 -1.93
C VAL A 35 7.15 -4.61 -2.37
N ASP A 36 6.58 -5.50 -1.60
CA ASP A 36 6.61 -6.95 -1.96
C ASP A 36 5.47 -7.27 -2.94
N LEU A 37 4.61 -6.31 -3.19
CA LEU A 37 3.48 -6.56 -4.13
C LEU A 37 4.01 -6.65 -5.56
N SER A 38 3.66 -7.70 -6.26
CA SER A 38 4.14 -7.84 -7.67
C SER A 38 4.04 -6.50 -8.41
N ASP A 39 4.83 -6.31 -9.42
CA ASP A 39 4.79 -5.02 -10.18
C ASP A 39 3.45 -4.88 -10.90
N SER A 40 2.63 -5.90 -10.88
CA SER A 40 1.31 -5.82 -11.57
C SER A 40 0.20 -5.56 -10.56
N PHE A 41 0.53 -5.39 -9.32
CA PHE A 41 -0.53 -5.12 -8.29
C PHE A 41 -1.33 -3.88 -8.68
N MET A 42 -2.63 -3.95 -8.63
CA MET A 42 -3.45 -2.75 -8.98
C MET A 42 -4.29 -2.33 -7.78
N CYS A 43 -4.53 -1.05 -7.64
CA CYS A 43 -5.34 -0.57 -6.48
C CYS A 43 -6.71 -1.24 -6.50
N PRO A 44 -7.07 -1.79 -5.37
CA PRO A 44 -8.38 -2.47 -5.24
C PRO A 44 -9.50 -1.42 -5.24
N ALA A 45 -9.15 -0.17 -5.10
CA ALA A 45 -10.18 0.89 -5.09
C ALA A 45 -10.31 1.55 -6.47
N CYS A 46 -9.26 2.16 -6.94
CA CYS A 46 -9.33 2.83 -8.28
C CYS A 46 -8.68 1.96 -9.37
N ARG A 47 -8.23 0.78 -9.02
CA ARG A 47 -7.61 -0.12 -10.03
C ARG A 47 -6.35 0.48 -10.66
N SER A 48 -5.73 1.43 -10.01
CA SER A 48 -4.50 2.03 -10.59
C SER A 48 -3.33 1.06 -10.45
N PRO A 49 -2.27 1.33 -11.17
CA PRO A 49 -1.07 0.46 -11.12
C PRO A 49 -0.35 0.62 -9.78
N LYS A 50 0.18 -0.44 -9.24
CA LYS A 50 0.90 -0.34 -7.95
C LYS A 50 1.88 0.83 -7.98
N ASN A 51 2.32 1.20 -9.15
CA ASN A 51 3.28 2.33 -9.25
C ASN A 51 2.61 3.63 -8.80
N GLN A 52 1.32 3.60 -8.62
CA GLN A 52 0.60 4.83 -8.17
C GLN A 52 0.52 4.84 -6.63
N PHE A 53 1.01 3.81 -6.00
CA PHE A 53 0.95 3.77 -4.51
C PHE A 53 2.21 4.41 -3.91
N LYS A 54 2.05 5.15 -2.85
CA LYS A 54 3.23 5.79 -2.21
C LYS A 54 3.22 5.50 -0.71
N SER A 55 4.38 5.33 -0.12
CA SER A 55 4.41 5.02 1.33
C SER A 55 4.26 6.29 2.17
N ILE A 56 3.99 6.14 3.43
CA ILE A 56 3.83 7.33 4.32
C ILE A 56 4.05 6.93 5.78
N LYS A 57 5.27 7.01 6.25
CA LYS A 57 5.55 6.63 7.66
C LYS A 57 6.44 7.69 8.32
N LYS A 58 5.86 8.78 8.73
CA LYS A 58 6.67 9.85 9.38
C LYS A 58 6.06 10.24 10.72
N VAL A 59 6.82 10.89 11.57
CA VAL A 59 6.27 11.29 12.90
C VAL A 59 6.06 12.81 12.94
N ILE A 60 4.97 13.28 12.38
CA ILE A 60 4.72 14.74 12.39
C ILE A 60 3.29 15.03 12.89
#